data_3SY8
#
_entry.id   3SY8
#
_cell.length_a   118.795
_cell.length_b   118.795
_cell.length_c   495.100
_cell.angle_alpha   90.000
_cell.angle_beta   90.000
_cell.angle_gamma   120.000
#
_symmetry.space_group_name_H-M   'P 61 2 2'
#
loop_
_entity.id
_entity.type
_entity.pdbx_description
1 polymer RocR
2 non-polymer 'MAGNESIUM ION'
3 non-polymer '4-(2-HYDROXYETHYL)-1-PIPERAZINE ETHANESULFONIC ACID'
4 water water
#
_entity_poly.entity_id   1
_entity_poly.type   'polypeptide(L)'
_entity_poly.pdbx_seq_one_letter_code
;MNDLNVLVLEDEPFQRLVAVTALKKVVPGSILEAADGKEAVAILESCGHVDIAICDLQMSGMDGLAFLRHASLSGKVHSV
ILSSEVDPILRQATISMIECLGLNFLGDLGKPFSLERITALLTRYNARRQDLPRQIEVAELPSVADVVRGLDNGEFEAYY
QPKVALDGGGLIGAEVLARWNHPHLGVLPPSHFLYVMETYNLVDKLFWQLFSQGLATRRKLAQLGQPINLAFNVHPSQLG
SRALAENISALLTEFHLPPSSVMFEITETGLISAPASSLENLVRLWIMGCGLAMDDFGAGYSSLDRLCEFPFSQIKLDRT
FVQKMKTQPRSCAVISSVVALAQALGISLVVEGVESDEQRVRLIELGCSIAQGYLFARPMPEQHFLDYCSGSLEHHHHHH
;
_entity_poly.pdbx_strand_id   A,B,C,D
#
loop_
_chem_comp.id
_chem_comp.type
_chem_comp.name
_chem_comp.formula
EPE non-polymer '4-(2-HYDROXYETHYL)-1-PIPERAZINE ETHANESULFONIC ACID' 'C8 H18 N2 O4 S'
MG non-polymer 'MAGNESIUM ION' 'Mg 2'
#
# COMPACT_ATOMS: atom_id res chain seq x y z
N MET A 1 9.14 -22.97 20.37
CA MET A 1 9.50 -21.94 19.34
C MET A 1 10.58 -22.40 18.36
N ASN A 2 10.27 -23.39 17.51
CA ASN A 2 11.18 -23.76 16.40
C ASN A 2 10.67 -24.80 15.36
N ASP A 3 11.42 -24.90 14.26
CA ASP A 3 11.09 -25.68 13.04
C ASP A 3 9.77 -25.37 12.35
N LEU A 4 9.42 -24.08 12.25
CA LEU A 4 8.21 -23.65 11.53
C LEU A 4 8.39 -23.81 10.05
N ASN A 5 7.29 -23.99 9.36
CA ASN A 5 7.22 -23.80 7.93
C ASN A 5 6.28 -22.64 7.66
N VAL A 6 6.82 -21.63 6.99
CA VAL A 6 6.03 -20.48 6.63
C VAL A 6 5.98 -20.34 5.14
N LEU A 7 4.77 -20.25 4.61
CA LEU A 7 4.58 -20.02 3.18
C LEU A 7 4.18 -18.55 2.89
N VAL A 8 4.94 -17.91 2.02
CA VAL A 8 4.70 -16.54 1.63
C VAL A 8 4.14 -16.54 0.22
N LEU A 9 2.88 -16.13 0.06
CA LEU A 9 2.39 -15.93 -1.28
C LEU A 9 2.57 -14.49 -1.66
N GLU A 10 3.40 -14.22 -2.67
CA GLU A 10 3.61 -12.85 -3.10
C GLU A 10 3.91 -12.72 -4.59
N ASP A 11 3.03 -12.00 -5.25
CA ASP A 11 3.02 -11.74 -6.67
C ASP A 11 4.19 -10.89 -7.14
N GLU A 12 4.44 -9.87 -6.35
CA GLU A 12 5.29 -8.81 -6.71
C GLU A 12 6.70 -9.06 -6.09
N PRO A 13 7.72 -9.17 -6.95
CA PRO A 13 9.03 -9.69 -6.50
C PRO A 13 9.83 -8.79 -5.54
N PHE A 14 9.66 -7.48 -5.60
CA PHE A 14 10.35 -6.69 -4.58
C PHE A 14 9.71 -6.80 -3.21
N GLN A 15 8.38 -6.67 -3.14
CA GLN A 15 7.66 -7.00 -1.91
C GLN A 15 7.96 -8.42 -1.41
N ARG A 16 7.98 -9.42 -2.28
CA ARG A 16 8.32 -10.77 -1.83
C ARG A 16 9.71 -10.83 -1.24
N LEU A 17 10.63 -10.08 -1.83
CA LEU A 17 11.99 -10.16 -1.39
C LEU A 17 12.13 -9.57 0.02
N VAL A 18 11.62 -8.35 0.21
CA VAL A 18 11.54 -7.69 1.50
C VAL A 18 10.93 -8.60 2.56
N ALA A 19 9.76 -9.16 2.30
CA ALA A 19 9.13 -10.10 3.25
C ALA A 19 10.01 -11.29 3.57
N VAL A 20 10.52 -11.94 2.53
CA VAL A 20 11.28 -13.13 2.75
C VAL A 20 12.52 -12.76 3.53
N THR A 21 13.14 -11.62 3.20
CA THR A 21 14.34 -11.14 3.90
C THR A 21 14.03 -10.91 5.36
N ALA A 22 12.89 -10.31 5.66
CA ALA A 22 12.50 -10.10 7.05
C ALA A 22 12.20 -11.44 7.75
N LEU A 23 11.38 -12.27 7.11
CA LEU A 23 11.05 -13.57 7.62
C LEU A 23 12.26 -14.43 7.98
N LYS A 24 13.30 -14.42 7.15
CA LYS A 24 14.50 -15.25 7.45
C LYS A 24 15.24 -14.78 8.69
N LYS A 25 15.10 -13.52 9.03
CA LYS A 25 15.84 -13.00 10.15
C LYS A 25 15.24 -13.46 11.46
N VAL A 26 13.96 -13.83 11.42
CA VAL A 26 13.16 -13.93 12.63
C VAL A 26 12.45 -15.27 12.83
N VAL A 27 12.04 -15.92 11.76
CA VAL A 27 11.40 -17.21 11.84
C VAL A 27 12.41 -18.30 12.10
N PRO A 28 12.21 -19.09 13.17
CA PRO A 28 13.01 -20.31 13.37
C PRO A 28 12.39 -21.40 12.54
N GLY A 29 13.00 -21.75 11.40
CA GLY A 29 12.40 -22.71 10.46
C GLY A 29 12.67 -22.48 8.96
N SER A 30 11.72 -22.84 8.10
CA SER A 30 11.87 -22.63 6.67
C SER A 30 10.91 -21.54 6.12
N ILE A 31 11.38 -20.75 5.16
CA ILE A 31 10.53 -19.80 4.48
C ILE A 31 10.40 -20.29 3.06
N LEU A 32 9.18 -20.64 2.68
CA LEU A 32 8.88 -21.11 1.35
C LEU A 32 8.17 -20.00 0.57
N GLU A 33 8.60 -19.74 -0.65
CA GLU A 33 8.06 -18.65 -1.47
C GLU A 33 7.23 -19.18 -2.60
N ALA A 34 6.11 -18.53 -2.87
CA ALA A 34 5.32 -18.79 -4.06
C ALA A 34 4.96 -17.49 -4.73
N ALA A 35 5.40 -17.34 -5.96
CA ALA A 35 5.07 -16.19 -6.77
C ALA A 35 3.75 -16.41 -7.47
N ASP A 36 3.34 -17.66 -7.64
CA ASP A 36 1.98 -17.90 -8.15
C ASP A 36 1.31 -19.15 -7.52
N GLY A 37 0.18 -19.53 -8.14
CA GLY A 37 -0.65 -20.64 -7.74
C GLY A 37 0.03 -21.92 -8.11
N LYS A 38 0.52 -21.97 -9.34
CA LYS A 38 1.34 -23.08 -9.81
C LYS A 38 2.44 -23.37 -8.77
N GLU A 39 3.04 -22.35 -8.17
CA GLU A 39 4.08 -22.62 -7.19
C GLU A 39 3.52 -22.92 -5.81
N ALA A 40 2.42 -22.26 -5.45
CA ALA A 40 1.83 -22.47 -4.13
C ALA A 40 1.39 -23.90 -4.00
N VAL A 41 0.69 -24.40 -5.02
CA VAL A 41 0.14 -25.73 -4.97
C VAL A 41 1.25 -26.78 -4.94
N ALA A 42 2.27 -26.62 -5.79
CA ALA A 42 3.43 -27.53 -5.76
C ALA A 42 4.06 -27.53 -4.37
N ILE A 43 4.36 -26.37 -3.80
CA ILE A 43 4.91 -26.35 -2.45
C ILE A 43 3.95 -27.09 -1.53
N LEU A 44 2.64 -26.96 -1.78
CA LEU A 44 1.65 -27.54 -0.89
C LEU A 44 1.78 -29.04 -0.88
N GLU A 45 1.96 -29.63 -2.08
CA GLU A 45 1.97 -31.06 -2.26
C GLU A 45 3.22 -31.74 -1.71
N SER A 46 4.37 -31.08 -1.88
CA SER A 46 5.64 -31.59 -1.37
C SER A 46 5.72 -31.49 0.15
N CYS A 47 4.84 -30.70 0.76
CA CYS A 47 5.10 -30.16 2.07
C CYS A 47 4.61 -30.94 3.26
N GLY A 48 3.40 -31.46 3.23
CA GLY A 48 2.95 -32.15 4.44
C GLY A 48 2.50 -31.31 5.63
N HIS A 49 3.21 -30.20 5.94
CA HIS A 49 2.67 -29.19 6.85
C HIS A 49 3.17 -27.76 6.62
N VAL A 50 2.27 -26.80 6.79
CA VAL A 50 2.64 -25.41 6.71
C VAL A 50 2.04 -24.73 7.93
N ASP A 51 2.87 -24.18 8.79
CA ASP A 51 2.36 -23.56 9.99
C ASP A 51 1.58 -22.28 9.71
N ILE A 52 2.18 -21.41 8.90
CA ILE A 52 1.61 -20.12 8.60
C ILE A 52 1.68 -19.81 7.10
N ALA A 53 0.53 -19.53 6.50
CA ALA A 53 0.50 -18.95 5.16
C ALA A 53 0.38 -17.44 5.29
N ILE A 54 1.28 -16.72 4.63
CA ILE A 54 1.22 -15.26 4.53
C ILE A 54 0.80 -14.92 3.13
N CYS A 55 -0.27 -14.15 3.06
CA CYS A 55 -1.09 -14.15 1.90
C CYS A 55 -1.67 -12.79 1.69
N ASP A 56 -1.74 -12.40 0.44
CA ASP A 56 -2.30 -11.12 0.10
C ASP A 56 -3.60 -11.44 -0.64
N LEU A 57 -4.73 -10.94 -0.14
CA LEU A 57 -6.02 -11.23 -0.76
C LEU A 57 -6.28 -10.38 -2.03
N GLN A 58 -5.35 -9.48 -2.35
CA GLN A 58 -5.55 -8.63 -3.52
C GLN A 58 -4.39 -8.70 -4.51
N MET A 59 -4.20 -9.86 -5.14
CA MET A 59 -3.13 -10.01 -6.14
C MET A 59 -3.63 -10.11 -7.56
N SER A 60 -2.69 -9.93 -8.47
CA SER A 60 -2.91 -9.69 -9.88
C SER A 60 -2.72 -10.96 -10.75
N GLY A 61 -1.76 -11.79 -10.34
CA GLY A 61 -1.38 -12.97 -11.12
C GLY A 61 -1.60 -14.24 -10.31
N MET A 62 -2.49 -14.13 -9.31
CA MET A 62 -2.74 -15.18 -8.36
C MET A 62 -3.97 -14.79 -7.58
N ASP A 63 -4.82 -15.78 -7.34
CA ASP A 63 -5.97 -15.56 -6.51
C ASP A 63 -5.62 -16.09 -5.13
N GLY A 64 -5.44 -15.17 -4.19
CA GLY A 64 -5.06 -15.53 -2.84
C GLY A 64 -6.12 -16.23 -2.05
N LEU A 65 -7.37 -15.85 -2.29
CA LEU A 65 -8.47 -16.49 -1.59
C LEU A 65 -8.69 -17.91 -2.12
N ALA A 66 -8.59 -18.09 -3.44
CA ALA A 66 -8.68 -19.42 -3.99
C ALA A 66 -7.69 -20.35 -3.34
N PHE A 67 -6.44 -19.90 -3.25
CA PHE A 67 -5.41 -20.75 -2.71
C PHE A 67 -5.70 -21.13 -1.25
N LEU A 68 -6.07 -20.13 -0.46
CA LEU A 68 -6.43 -20.38 0.89
C LEU A 68 -7.56 -21.41 0.97
N ARG A 69 -8.56 -21.30 0.10
CA ARG A 69 -9.63 -22.30 0.05
C ARG A 69 -9.11 -23.71 -0.19
N HIS A 70 -8.23 -23.86 -1.18
CA HIS A 70 -7.59 -25.13 -1.50
C HIS A 70 -6.75 -25.65 -0.31
N ALA A 71 -5.96 -24.77 0.28
CA ALA A 71 -5.13 -25.14 1.43
C ALA A 71 -5.96 -25.64 2.61
N SER A 72 -7.02 -24.91 2.91
CA SER A 72 -7.99 -25.28 3.88
C SER A 72 -8.47 -26.74 3.75
N LEU A 73 -8.77 -27.19 2.53
CA LEU A 73 -9.27 -28.57 2.33
C LEU A 73 -8.15 -29.61 2.46
N SER A 74 -6.99 -29.31 1.87
CA SER A 74 -5.83 -30.17 2.03
C SER A 74 -5.55 -30.50 3.52
N GLY A 75 -6.08 -29.67 4.44
CA GLY A 75 -5.80 -29.79 5.87
C GLY A 75 -4.29 -29.76 6.14
N LYS A 76 -3.52 -28.95 5.43
CA LYS A 76 -2.08 -28.90 5.71
C LYS A 76 -1.62 -27.57 6.29
N VAL A 77 -2.53 -26.62 6.44
CA VAL A 77 -2.21 -25.26 6.85
C VAL A 77 -2.90 -24.84 8.14
N HIS A 78 -2.13 -24.47 9.16
CA HIS A 78 -2.72 -24.09 10.41
C HIS A 78 -3.22 -22.65 10.44
N SER A 79 -2.32 -21.70 10.18
CA SER A 79 -2.64 -20.29 10.35
C SER A 79 -2.44 -19.42 9.11
N VAL A 80 -3.10 -18.27 9.12
CA VAL A 80 -2.94 -17.27 8.05
C VAL A 80 -2.50 -15.95 8.66
N ILE A 81 -1.57 -15.26 7.99
CA ILE A 81 -1.35 -13.85 8.21
C ILE A 81 -1.71 -13.17 6.90
N LEU A 82 -2.36 -12.01 6.94
CA LEU A 82 -2.63 -11.24 5.73
C LEU A 82 -1.60 -10.11 5.53
N SER A 83 -1.04 -10.04 4.32
CA SER A 83 -0.07 -9.02 3.97
C SER A 83 -0.71 -7.70 3.64
N SER A 84 -2.00 -7.54 3.89
CA SER A 84 -2.62 -6.20 3.83
C SER A 84 -3.63 -5.98 4.97
N GLU A 85 -3.61 -4.76 5.50
CA GLU A 85 -4.48 -4.29 6.59
C GLU A 85 -5.83 -3.83 6.03
N VAL A 86 -6.02 -4.12 4.75
CA VAL A 86 -7.15 -3.61 4.00
C VAL A 86 -8.51 -3.62 4.72
N ASP A 87 -9.17 -2.47 4.68
CA ASP A 87 -10.62 -2.33 4.76
C ASP A 87 -11.25 -2.61 6.11
N PRO A 88 -11.24 -1.60 6.96
CA PRO A 88 -11.56 -1.77 8.36
C PRO A 88 -13.00 -2.25 8.54
N ILE A 89 -13.89 -1.85 7.66
CA ILE A 89 -15.27 -2.25 7.85
C ILE A 89 -15.52 -3.71 7.51
N LEU A 90 -14.75 -4.21 6.56
CA LEU A 90 -14.97 -5.52 6.01
C LEU A 90 -14.02 -6.52 6.68
N ARG A 91 -13.33 -6.07 7.71
CA ARG A 91 -12.31 -6.87 8.36
C ARG A 91 -12.90 -8.03 9.13
N GLN A 92 -13.91 -7.77 9.94
CA GLN A 92 -14.52 -8.88 10.65
C GLN A 92 -15.16 -9.92 9.73
N ALA A 93 -15.71 -9.49 8.59
CA ALA A 93 -16.27 -10.47 7.67
C ALA A 93 -15.13 -11.33 7.17
N THR A 94 -14.07 -10.68 6.69
CA THR A 94 -12.87 -11.36 6.17
C THR A 94 -12.30 -12.40 7.15
N ILE A 95 -12.07 -12.00 8.39
CA ILE A 95 -11.57 -12.91 9.41
C ILE A 95 -12.48 -14.14 9.55
N SER A 96 -13.79 -13.89 9.70
CA SER A 96 -14.79 -14.94 9.77
C SER A 96 -14.77 -15.84 8.54
N MET A 97 -14.77 -15.22 7.37
CA MET A 97 -14.75 -15.99 6.14
C MET A 97 -13.53 -16.92 6.13
N ILE A 98 -12.38 -16.44 6.60
CA ILE A 98 -11.17 -17.26 6.75
C ILE A 98 -11.36 -18.38 7.79
N GLU A 99 -11.79 -18.04 9.01
CA GLU A 99 -12.08 -19.02 10.05
C GLU A 99 -13.12 -20.09 9.66
N CYS A 100 -14.12 -19.68 8.88
CA CYS A 100 -15.09 -20.60 8.28
C CYS A 100 -14.45 -21.56 7.29
N LEU A 101 -13.26 -21.24 6.79
CA LEU A 101 -12.57 -22.19 5.94
C LEU A 101 -11.91 -23.26 6.81
N GLY A 102 -11.63 -22.91 8.07
CA GLY A 102 -11.03 -23.84 9.00
C GLY A 102 -9.59 -23.49 9.29
N LEU A 103 -9.24 -22.23 9.01
CA LEU A 103 -7.88 -21.74 9.24
C LEU A 103 -7.91 -20.82 10.41
N ASN A 104 -6.85 -20.82 11.19
CA ASN A 104 -6.79 -19.87 12.25
C ASN A 104 -6.18 -18.58 11.74
N PHE A 105 -6.81 -17.44 12.01
CA PHE A 105 -6.32 -16.17 11.55
C PHE A 105 -5.45 -15.53 12.60
N LEU A 106 -4.20 -15.22 12.24
CA LEU A 106 -3.22 -14.64 13.17
C LEU A 106 -3.17 -13.12 13.19
N GLY A 107 -3.46 -12.45 12.10
CA GLY A 107 -3.28 -11.00 12.08
C GLY A 107 -2.79 -10.46 10.75
N ASP A 108 -2.65 -9.15 10.68
CA ASP A 108 -2.07 -8.53 9.50
C ASP A 108 -0.66 -8.18 9.72
N LEU A 109 0.10 -8.31 8.64
CA LEU A 109 1.42 -7.70 8.52
C LEU A 109 1.25 -6.35 7.83
N GLY A 110 1.92 -5.32 8.34
CA GLY A 110 2.15 -4.13 7.51
C GLY A 110 2.92 -4.50 6.24
N LYS A 111 2.37 -4.18 5.08
CA LYS A 111 2.94 -4.64 3.78
C LYS A 111 4.23 -3.96 3.22
N PRO A 112 5.05 -3.35 4.07
CA PRO A 112 6.53 -3.49 4.21
C PRO A 112 6.89 -4.02 5.63
N PHE A 113 7.03 -5.35 5.75
CA PHE A 113 7.10 -6.12 7.02
C PHE A 113 8.08 -5.73 8.12
N SER A 114 7.61 -5.25 9.28
CA SER A 114 8.48 -5.03 10.45
C SER A 114 9.00 -6.31 11.14
N LEU A 115 10.25 -6.31 11.60
CA LEU A 115 10.79 -7.44 12.39
C LEU A 115 10.06 -7.70 13.69
N GLU A 116 9.86 -6.65 14.48
CA GLU A 116 9.18 -6.80 15.76
C GLU A 116 7.70 -7.14 15.59
N ARG A 117 7.16 -6.90 14.43
CA ARG A 117 5.79 -7.31 14.24
C ARG A 117 5.74 -8.78 13.86
N ILE A 118 6.72 -9.22 13.09
CA ILE A 118 6.80 -10.61 12.83
C ILE A 118 6.96 -11.40 14.16
N THR A 119 7.92 -11.04 15.02
CA THR A 119 8.10 -11.90 16.18
C THR A 119 6.86 -11.85 17.07
N ALA A 120 6.10 -10.77 16.96
CA ALA A 120 4.86 -10.71 17.71
C ALA A 120 3.87 -11.74 17.19
N LEU A 121 3.64 -11.74 15.88
CA LEU A 121 2.74 -12.71 15.26
C LEU A 121 3.26 -14.09 15.56
N LEU A 122 4.57 -14.23 15.62
CA LEU A 122 5.17 -15.47 16.03
C LEU A 122 4.83 -15.88 17.45
N THR A 123 4.81 -14.94 18.39
CA THR A 123 4.51 -15.32 19.76
C THR A 123 3.02 -15.65 19.88
N ARG A 124 2.20 -14.92 19.12
CA ARG A 124 0.77 -15.22 19.03
C ARG A 124 0.53 -16.64 18.51
N TYR A 125 1.36 -17.03 17.54
CA TYR A 125 1.14 -18.30 16.90
C TYR A 125 1.41 -19.37 17.96
N ASN A 126 2.54 -19.21 18.63
CA ASN A 126 2.97 -20.13 19.65
C ASN A 126 1.94 -20.31 20.74
N ALA A 127 1.32 -19.22 21.16
CA ALA A 127 0.30 -19.26 22.20
C ALA A 127 -0.89 -20.13 21.78
N ARG A 128 -1.23 -20.04 20.49
CA ARG A 128 -2.44 -20.62 19.94
C ARG A 128 -2.21 -21.96 19.23
N ARG A 129 -0.98 -22.47 19.32
CA ARG A 129 -0.61 -23.70 18.62
C ARG A 129 -1.41 -24.96 18.99
N GLN A 130 -1.85 -25.05 20.24
CA GLN A 130 -2.55 -26.25 20.73
C GLN A 130 -4.07 -26.10 20.78
N ASP A 131 -4.58 -25.07 20.13
CA ASP A 131 -6.01 -24.84 20.07
C ASP A 131 -6.74 -25.89 19.25
N LEU A 132 -8.01 -26.08 19.57
CA LEU A 132 -8.85 -27.05 18.89
C LEU A 132 -9.09 -26.64 17.42
N PRO A 133 -8.72 -27.52 16.45
CA PRO A 133 -8.92 -27.35 14.99
C PRO A 133 -10.37 -27.04 14.49
N ARG A 134 -11.00 -27.96 13.75
CA ARG A 134 -12.39 -27.79 13.24
C ARG A 134 -12.92 -29.00 12.45
N GLN A 135 -13.06 -28.84 11.12
CA GLN A 135 -13.58 -29.88 10.21
C GLN A 135 -12.69 -31.13 10.12
N ALA A 139 -12.04 -33.36 1.82
CA ALA A 139 -11.23 -33.94 2.88
C ALA A 139 -10.26 -35.04 2.39
N GLU A 140 -10.13 -35.18 1.07
CA GLU A 140 -9.29 -36.25 0.46
C GLU A 140 -8.40 -35.77 -0.70
N LEU A 141 -8.34 -34.44 -0.87
CA LEU A 141 -7.74 -33.72 -2.03
C LEU A 141 -6.86 -34.47 -2.99
N PRO A 142 -7.33 -34.63 -4.23
CA PRO A 142 -6.53 -35.30 -5.25
C PRO A 142 -5.46 -34.37 -5.74
N SER A 143 -4.35 -34.93 -6.20
CA SER A 143 -3.18 -34.18 -6.65
C SER A 143 -3.31 -33.63 -8.09
N VAL A 144 -2.36 -32.81 -8.49
CA VAL A 144 -2.29 -32.30 -9.86
C VAL A 144 -2.21 -33.43 -10.87
N ALA A 145 -1.22 -34.29 -10.70
CA ALA A 145 -1.09 -35.51 -11.52
C ALA A 145 -2.44 -36.24 -11.64
N ASP A 146 -3.12 -36.39 -10.51
CA ASP A 146 -4.38 -37.14 -10.42
C ASP A 146 -5.46 -36.48 -11.28
N VAL A 147 -5.65 -35.18 -11.09
CA VAL A 147 -6.51 -34.34 -11.94
C VAL A 147 -6.15 -34.44 -13.45
N VAL A 148 -4.85 -34.40 -13.82
CA VAL A 148 -4.45 -34.46 -15.23
C VAL A 148 -4.88 -35.76 -15.88
N ARG A 149 -4.61 -36.88 -15.20
CA ARG A 149 -4.99 -38.19 -15.74
C ARG A 149 -6.50 -38.37 -15.71
N GLY A 150 -7.14 -37.99 -14.59
CA GLY A 150 -8.59 -37.97 -14.48
C GLY A 150 -9.24 -37.29 -15.68
N LEU A 151 -8.72 -36.10 -16.02
CA LEU A 151 -9.19 -35.30 -17.14
C LEU A 151 -8.85 -35.93 -18.49
N ASP A 152 -7.58 -36.28 -18.71
CA ASP A 152 -7.11 -37.05 -19.88
C ASP A 152 -7.77 -38.44 -20.09
N ASN A 153 -8.66 -38.84 -19.18
CA ASN A 153 -9.24 -40.18 -19.20
C ASN A 153 -10.75 -40.16 -19.13
N GLY A 154 -11.36 -39.10 -19.61
CA GLY A 154 -12.81 -38.96 -19.58
C GLY A 154 -13.57 -39.28 -18.28
N GLU A 155 -13.03 -38.89 -17.13
CA GLU A 155 -13.71 -39.17 -15.86
C GLU A 155 -14.69 -38.09 -15.38
N PHE A 156 -14.79 -36.99 -16.13
CA PHE A 156 -15.68 -35.91 -15.72
C PHE A 156 -17.02 -35.99 -16.42
N GLU A 157 -18.06 -35.72 -15.64
CA GLU A 157 -19.43 -35.85 -16.08
C GLU A 157 -20.19 -34.52 -15.88
N ALA A 158 -21.16 -34.28 -16.75
CA ALA A 158 -22.06 -33.18 -16.60
C ALA A 158 -23.20 -33.54 -15.65
N TYR A 159 -23.46 -32.69 -14.66
CA TYR A 159 -24.69 -32.76 -13.87
C TYR A 159 -25.55 -31.57 -14.20
N TYR A 160 -26.84 -31.65 -13.91
CA TYR A 160 -27.75 -30.59 -14.28
C TYR A 160 -28.55 -30.17 -13.06
N GLN A 161 -28.65 -28.85 -12.81
CA GLN A 161 -29.51 -28.38 -11.73
C GLN A 161 -30.57 -27.46 -12.29
N PRO A 162 -31.84 -27.82 -12.13
CA PRO A 162 -32.94 -27.03 -12.64
C PRO A 162 -32.98 -25.66 -12.02
N LYS A 163 -33.46 -24.68 -12.78
CA LYS A 163 -33.72 -23.36 -12.29
C LYS A 163 -35.22 -23.28 -12.27
N VAL A 164 -35.82 -22.98 -11.12
CA VAL A 164 -37.29 -23.08 -11.03
C VAL A 164 -37.99 -21.85 -10.44
N ALA A 165 -39.29 -21.73 -10.73
CA ALA A 165 -40.10 -20.64 -10.23
C ALA A 165 -40.30 -20.89 -8.73
N LEU A 166 -40.03 -19.87 -7.92
CA LEU A 166 -40.04 -20.07 -6.47
C LEU A 166 -41.42 -20.48 -5.96
N ASP A 167 -42.47 -20.00 -6.62
CA ASP A 167 -43.81 -20.55 -6.37
C ASP A 167 -44.26 -21.42 -7.55
N GLY A 168 -44.69 -22.62 -7.20
CA GLY A 168 -44.92 -23.69 -8.16
C GLY A 168 -43.75 -24.64 -7.98
N GLY A 169 -42.71 -24.41 -8.77
CA GLY A 169 -41.64 -25.36 -8.95
C GLY A 169 -41.48 -25.55 -10.44
N GLY A 170 -42.17 -24.68 -11.21
CA GLY A 170 -42.09 -24.67 -12.68
C GLY A 170 -40.64 -24.56 -13.15
N LEU A 171 -40.27 -25.43 -14.09
CA LEU A 171 -38.94 -25.48 -14.67
C LEU A 171 -38.70 -24.35 -15.71
N ILE A 172 -37.69 -23.50 -15.46
CA ILE A 172 -37.28 -22.44 -16.38
C ILE A 172 -35.97 -22.75 -17.15
N GLY A 173 -35.05 -23.43 -16.49
CA GLY A 173 -33.74 -23.69 -17.06
C GLY A 173 -32.94 -24.62 -16.18
N ALA A 174 -31.70 -24.85 -16.57
CA ALA A 174 -30.80 -25.70 -15.82
C ALA A 174 -29.34 -25.23 -15.99
N GLU A 175 -28.60 -25.20 -14.89
CA GLU A 175 -27.16 -25.04 -14.90
C GLU A 175 -26.48 -26.39 -15.10
N VAL A 176 -25.46 -26.41 -15.94
CA VAL A 176 -24.64 -27.58 -16.14
C VAL A 176 -23.44 -27.47 -15.19
N LEU A 177 -23.23 -28.53 -14.45
CA LEU A 177 -22.23 -28.58 -13.38
C LEU A 177 -21.15 -29.65 -13.63
N ALA A 178 -19.99 -29.50 -12.98
CA ALA A 178 -18.92 -30.49 -13.11
C ALA A 178 -18.86 -31.44 -11.91
N ARG A 179 -18.56 -32.71 -12.20
CA ARG A 179 -18.40 -33.75 -11.18
C ARG A 179 -17.32 -34.73 -11.67
N TRP A 180 -16.48 -35.14 -10.75
CA TRP A 180 -15.46 -36.14 -11.02
C TRP A 180 -16.01 -37.54 -10.68
N ASN A 181 -15.86 -38.50 -11.59
CA ASN A 181 -16.20 -39.90 -11.32
C ASN A 181 -14.90 -40.60 -11.05
N HIS A 182 -14.40 -40.38 -9.84
CA HIS A 182 -13.04 -40.74 -9.45
C HIS A 182 -12.90 -42.21 -9.08
N PRO A 183 -11.93 -42.90 -9.71
CA PRO A 183 -11.80 -44.34 -9.63
C PRO A 183 -11.84 -44.86 -8.18
N HIS A 184 -11.23 -44.13 -7.26
CA HIS A 184 -11.11 -44.58 -5.88
C HIS A 184 -12.07 -43.87 -4.90
N LEU A 185 -12.07 -42.54 -4.89
CA LEU A 185 -12.82 -41.81 -3.87
C LEU A 185 -14.25 -41.31 -4.21
N GLY A 186 -14.82 -41.77 -5.33
CA GLY A 186 -16.21 -41.47 -5.67
C GLY A 186 -16.54 -40.25 -6.55
N VAL A 187 -17.77 -39.73 -6.40
CA VAL A 187 -18.24 -38.58 -7.15
C VAL A 187 -17.85 -37.33 -6.39
N LEU A 188 -17.11 -36.44 -7.06
CA LEU A 188 -16.53 -35.25 -6.43
C LEU A 188 -17.06 -33.93 -7.00
N PRO A 189 -17.25 -32.92 -6.14
CA PRO A 189 -17.64 -31.62 -6.70
C PRO A 189 -16.38 -30.77 -7.07
N PRO A 190 -16.56 -29.54 -7.59
CA PRO A 190 -15.42 -28.70 -7.96
C PRO A 190 -14.44 -28.36 -6.81
N SER A 191 -14.93 -28.36 -5.58
CA SER A 191 -14.09 -28.19 -4.39
C SER A 191 -12.86 -29.09 -4.47
N HIS A 192 -12.98 -30.22 -5.18
CA HIS A 192 -11.86 -31.15 -5.27
C HIS A 192 -11.06 -31.16 -6.57
N PHE A 193 -11.26 -30.18 -7.48
CA PHE A 193 -10.48 -30.18 -8.74
C PHE A 193 -10.34 -28.89 -9.51
N LEU A 194 -11.35 -28.03 -9.42
CA LEU A 194 -11.41 -26.82 -10.27
C LEU A 194 -10.28 -25.88 -9.95
N TYR A 195 -9.98 -25.70 -8.67
CA TYR A 195 -8.93 -24.76 -8.34
C TYR A 195 -7.69 -25.12 -9.12
N VAL A 196 -7.33 -26.40 -9.09
CA VAL A 196 -6.12 -26.93 -9.73
C VAL A 196 -6.17 -26.75 -11.24
N MET A 197 -7.29 -27.13 -11.84
CA MET A 197 -7.48 -26.91 -13.27
C MET A 197 -7.37 -25.45 -13.66
N GLU A 198 -7.93 -24.59 -12.79
CA GLU A 198 -7.89 -23.15 -12.96
C GLU A 198 -6.46 -22.71 -13.02
N THR A 199 -5.63 -23.20 -12.09
CA THR A 199 -4.26 -22.73 -12.03
C THR A 199 -3.28 -23.45 -12.94
N TYR A 200 -3.64 -24.65 -13.43
CA TYR A 200 -2.78 -25.30 -14.43
C TYR A 200 -3.21 -25.21 -15.90
N ASN A 201 -4.10 -24.26 -16.21
CA ASN A 201 -4.62 -24.04 -17.57
C ASN A 201 -5.40 -25.25 -18.14
N LEU A 202 -6.18 -25.90 -17.29
CA LEU A 202 -6.89 -27.09 -17.73
C LEU A 202 -8.41 -26.87 -17.89
N VAL A 203 -8.95 -25.77 -17.35
CA VAL A 203 -10.39 -25.50 -17.42
C VAL A 203 -10.99 -25.67 -18.82
N ASP A 204 -10.38 -25.02 -19.80
CA ASP A 204 -10.85 -25.09 -21.18
C ASP A 204 -11.08 -26.54 -21.58
N LYS A 205 -10.06 -27.38 -21.39
CA LYS A 205 -10.21 -28.79 -21.70
C LYS A 205 -11.43 -29.39 -21.00
N LEU A 206 -11.64 -29.08 -19.72
CA LEU A 206 -12.84 -29.55 -19.03
C LEU A 206 -14.11 -29.04 -19.69
N PHE A 207 -14.09 -27.80 -20.10
CA PHE A 207 -15.23 -27.16 -20.67
C PHE A 207 -15.70 -27.82 -21.96
N TRP A 208 -14.78 -28.16 -22.86
CA TRP A 208 -15.23 -28.68 -24.15
C TRP A 208 -15.80 -30.07 -24.05
N GLN A 209 -15.33 -30.82 -23.06
CA GLN A 209 -15.92 -32.09 -22.71
C GLN A 209 -17.35 -31.86 -22.23
N LEU A 210 -17.53 -31.00 -21.23
CA LEU A 210 -18.85 -30.91 -20.62
C LEU A 210 -19.85 -30.21 -21.53
N PHE A 211 -19.34 -29.30 -22.35
CA PHE A 211 -20.15 -28.65 -23.33
C PHE A 211 -20.72 -29.67 -24.28
N SER A 212 -19.90 -30.57 -24.80
CA SER A 212 -20.46 -31.52 -25.77
C SER A 212 -21.36 -32.52 -25.06
N GLN A 213 -21.04 -32.90 -23.81
CA GLN A 213 -22.02 -33.64 -23.02
C GLN A 213 -23.35 -32.88 -22.87
N GLY A 214 -23.29 -31.62 -22.45
CA GLY A 214 -24.50 -30.79 -22.28
C GLY A 214 -25.26 -30.58 -23.57
N LEU A 215 -24.54 -30.40 -24.69
CA LEU A 215 -25.20 -30.27 -26.01
C LEU A 215 -25.98 -31.54 -26.40
N ALA A 216 -25.43 -32.70 -26.02
CA ALA A 216 -26.07 -33.95 -26.33
C ALA A 216 -27.41 -33.95 -25.61
N THR A 217 -27.41 -33.47 -24.37
CA THR A 217 -28.63 -33.39 -23.56
C THR A 217 -29.61 -32.33 -24.06
N ARG A 218 -29.14 -31.10 -24.36
CA ARG A 218 -30.04 -30.07 -24.95
C ARG A 218 -30.68 -30.65 -26.19
N ARG A 219 -29.87 -31.14 -27.13
CA ARG A 219 -30.39 -31.76 -28.40
C ARG A 219 -31.51 -32.81 -28.18
N LYS A 220 -31.40 -33.59 -27.10
CA LYS A 220 -32.47 -34.49 -26.74
C LYS A 220 -33.67 -33.70 -26.34
N LEU A 221 -33.53 -32.81 -25.38
CA LEU A 221 -34.63 -31.93 -25.00
C LEU A 221 -35.32 -31.24 -26.20
N ALA A 222 -34.57 -30.98 -27.28
CA ALA A 222 -35.03 -30.16 -28.42
C ALA A 222 -35.78 -30.99 -29.42
N GLN A 223 -35.35 -32.24 -29.55
CA GLN A 223 -36.01 -33.22 -30.38
C GLN A 223 -37.37 -33.51 -29.77
N LEU A 224 -37.44 -33.40 -28.43
CA LEU A 224 -38.67 -33.65 -27.67
C LEU A 224 -39.60 -32.45 -27.62
N GLY A 225 -39.18 -31.34 -28.21
CA GLY A 225 -39.89 -30.07 -28.14
C GLY A 225 -39.98 -29.54 -26.72
N GLN A 226 -38.95 -29.80 -25.93
CA GLN A 226 -38.85 -29.31 -24.53
C GLN A 226 -37.68 -28.33 -24.41
N PRO A 227 -37.95 -27.04 -24.66
CA PRO A 227 -36.93 -25.99 -24.77
C PRO A 227 -36.45 -25.41 -23.41
N ILE A 228 -35.68 -26.23 -22.69
CA ILE A 228 -35.05 -25.79 -21.46
C ILE A 228 -33.62 -25.47 -21.81
N ASN A 229 -33.28 -24.19 -21.69
CA ASN A 229 -31.92 -23.73 -21.93
C ASN A 229 -30.94 -24.21 -20.87
N LEU A 230 -29.77 -24.59 -21.33
CA LEU A 230 -28.71 -25.06 -20.48
C LEU A 230 -27.61 -24.03 -20.43
N ALA A 231 -27.23 -23.73 -19.20
CA ALA A 231 -26.24 -22.74 -18.90
C ALA A 231 -24.96 -23.44 -18.50
N PHE A 232 -23.87 -23.05 -19.15
CA PHE A 232 -22.57 -23.63 -18.89
C PHE A 232 -21.69 -22.53 -18.32
N ASN A 233 -20.96 -22.82 -17.25
CA ASN A 233 -20.04 -21.86 -16.65
C ASN A 233 -18.80 -21.68 -17.52
N VAL A 234 -18.45 -20.43 -17.78
CA VAL A 234 -17.23 -20.10 -18.51
C VAL A 234 -16.22 -19.42 -17.61
N HIS A 235 -15.00 -19.93 -17.59
CA HIS A 235 -13.95 -19.36 -16.77
C HIS A 235 -13.24 -18.22 -17.51
N PRO A 236 -12.93 -17.11 -16.80
CA PRO A 236 -12.24 -15.92 -17.38
C PRO A 236 -11.09 -16.22 -18.32
N SER A 237 -10.33 -17.27 -18.05
CA SER A 237 -9.13 -17.51 -18.85
C SER A 237 -9.50 -17.82 -20.30
N GLN A 238 -10.63 -18.49 -20.49
CA GLN A 238 -11.13 -18.95 -21.79
C GLN A 238 -11.60 -17.79 -22.65
N LEU A 239 -11.88 -16.66 -22.01
CA LEU A 239 -12.26 -15.47 -22.73
C LEU A 239 -11.09 -14.97 -23.52
N GLY A 240 -9.90 -15.44 -23.15
CA GLY A 240 -8.66 -15.08 -23.83
C GLY A 240 -8.77 -15.40 -25.31
N SER A 241 -8.79 -16.71 -25.61
CA SER A 241 -8.73 -17.18 -27.03
C SER A 241 -9.80 -16.52 -27.85
N ARG A 242 -9.39 -15.78 -28.87
CA ARG A 242 -10.40 -15.02 -29.59
C ARG A 242 -11.32 -15.90 -30.47
N ALA A 243 -11.02 -17.20 -30.48
CA ALA A 243 -11.74 -18.19 -31.26
C ALA A 243 -12.90 -18.84 -30.51
N LEU A 244 -13.10 -18.46 -29.26
CA LEU A 244 -14.09 -19.11 -28.41
C LEU A 244 -15.41 -19.22 -29.13
N ALA A 245 -15.96 -18.08 -29.52
CA ALA A 245 -17.32 -18.01 -30.10
C ALA A 245 -17.46 -18.77 -31.42
N GLU A 246 -16.44 -18.71 -32.26
CA GLU A 246 -16.37 -19.55 -33.46
C GLU A 246 -16.47 -21.01 -33.07
N ASN A 247 -15.71 -21.41 -32.05
CA ASN A 247 -15.70 -22.80 -31.62
C ASN A 247 -17.05 -23.18 -31.00
N ILE A 248 -17.62 -22.32 -30.16
CA ILE A 248 -18.96 -22.59 -29.62
C ILE A 248 -19.98 -22.69 -30.76
N SER A 249 -19.90 -21.80 -31.74
CA SER A 249 -20.83 -21.76 -32.85
C SER A 249 -20.72 -23.06 -33.67
N ALA A 250 -19.48 -23.47 -33.94
CA ALA A 250 -19.24 -24.70 -34.68
C ALA A 250 -19.86 -25.95 -34.00
N LEU A 251 -19.82 -26.01 -32.66
CA LEU A 251 -20.40 -27.17 -31.96
C LEU A 251 -21.91 -27.14 -32.00
N LEU A 252 -22.49 -25.98 -31.74
CA LEU A 252 -23.93 -25.86 -31.82
C LEU A 252 -24.41 -26.41 -33.17
N THR A 253 -23.62 -26.20 -34.22
CA THR A 253 -23.96 -26.64 -35.56
C THR A 253 -23.88 -28.15 -35.64
N GLU A 254 -22.79 -28.70 -35.12
CA GLU A 254 -22.56 -30.13 -35.08
C GLU A 254 -23.69 -30.84 -34.33
N PHE A 255 -24.37 -30.11 -33.44
CA PHE A 255 -25.44 -30.67 -32.61
C PHE A 255 -26.88 -30.21 -33.03
N HIS A 256 -26.98 -29.57 -34.19
CA HIS A 256 -28.26 -29.04 -34.69
C HIS A 256 -29.01 -28.07 -33.75
N LEU A 257 -28.26 -27.29 -32.99
CA LEU A 257 -28.84 -26.35 -32.05
C LEU A 257 -28.60 -24.89 -32.43
N PRO A 258 -29.54 -23.99 -32.13
CA PRO A 258 -29.23 -22.57 -32.27
C PRO A 258 -28.62 -21.93 -31.00
N PRO A 259 -27.87 -20.82 -31.17
CA PRO A 259 -27.33 -20.04 -30.05
C PRO A 259 -28.34 -19.80 -28.95
N SER A 260 -29.59 -19.51 -29.31
CA SER A 260 -30.64 -19.23 -28.32
C SER A 260 -30.98 -20.38 -27.37
N SER A 261 -30.50 -21.59 -27.66
CA SER A 261 -30.83 -22.75 -26.85
C SER A 261 -29.89 -22.90 -25.66
N VAL A 262 -28.93 -22.02 -25.54
CA VAL A 262 -27.84 -22.27 -24.64
C VAL A 262 -27.48 -20.98 -23.93
N MET A 263 -26.95 -21.07 -22.72
CA MET A 263 -26.56 -19.87 -21.95
C MET A 263 -25.19 -20.03 -21.31
N PHE A 264 -24.46 -18.94 -21.19
CA PHE A 264 -23.19 -18.94 -20.51
C PHE A 264 -23.18 -18.11 -19.23
N GLU A 265 -22.55 -18.66 -18.20
CA GLU A 265 -22.49 -18.02 -16.89
C GLU A 265 -21.06 -17.66 -16.55
N ILE A 266 -20.90 -16.47 -15.98
CA ILE A 266 -19.60 -15.97 -15.56
C ILE A 266 -19.77 -15.20 -14.25
N THR A 267 -18.76 -15.31 -13.39
CA THR A 267 -18.82 -14.69 -12.07
C THR A 267 -18.55 -13.22 -12.19
N GLU A 268 -19.13 -12.44 -11.29
CA GLU A 268 -18.77 -11.04 -11.19
C GLU A 268 -17.25 -10.84 -11.07
N THR A 269 -16.58 -11.52 -10.16
CA THR A 269 -15.12 -11.29 -9.98
C THR A 269 -14.36 -11.74 -11.22
N GLY A 270 -14.85 -12.80 -11.84
CA GLY A 270 -14.31 -13.22 -13.14
C GLY A 270 -14.42 -12.13 -14.19
N LEU A 271 -15.58 -11.53 -14.30
CA LEU A 271 -15.81 -10.45 -15.24
C LEU A 271 -14.89 -9.24 -14.97
N ILE A 272 -14.70 -8.93 -13.67
CA ILE A 272 -13.89 -7.80 -13.25
C ILE A 272 -12.43 -8.08 -13.52
N SER A 273 -12.05 -9.35 -13.53
CA SER A 273 -10.65 -9.65 -13.62
C SER A 273 -10.16 -9.63 -15.05
N ALA A 274 -11.05 -9.32 -15.98
CA ALA A 274 -10.77 -9.64 -17.40
C ALA A 274 -10.35 -8.47 -18.27
N PRO A 275 -9.29 -8.64 -19.07
CA PRO A 275 -8.87 -7.60 -20.03
C PRO A 275 -9.96 -7.31 -21.06
N ALA A 276 -10.03 -6.11 -21.57
CA ALA A 276 -11.07 -5.76 -22.54
C ALA A 276 -11.01 -6.73 -23.72
N SER A 277 -9.80 -7.09 -24.12
CA SER A 277 -9.57 -7.99 -25.21
C SER A 277 -10.43 -9.22 -25.03
N SER A 278 -10.68 -9.57 -23.77
CA SER A 278 -11.47 -10.75 -23.44
C SER A 278 -12.97 -10.52 -23.43
N LEU A 279 -13.41 -9.34 -23.01
CA LEU A 279 -14.84 -9.04 -22.88
C LEU A 279 -15.49 -8.92 -24.23
N GLU A 280 -14.69 -8.62 -25.26
CA GLU A 280 -15.12 -8.60 -26.65
C GLU A 280 -15.69 -9.97 -26.98
N ASN A 281 -15.09 -11.02 -26.41
CA ASN A 281 -15.57 -12.39 -26.59
C ASN A 281 -16.96 -12.65 -25.96
N LEU A 282 -17.16 -12.16 -24.76
CA LEU A 282 -18.49 -12.17 -24.15
C LEU A 282 -19.52 -11.50 -25.05
N VAL A 283 -19.18 -10.36 -25.61
CA VAL A 283 -20.12 -9.63 -26.43
C VAL A 283 -20.53 -10.50 -27.60
N ARG A 284 -19.55 -11.20 -28.16
CA ARG A 284 -19.70 -11.98 -29.36
C ARG A 284 -20.72 -13.09 -29.17
N LEU A 285 -20.74 -13.67 -27.98
CA LEU A 285 -21.69 -14.71 -27.67
C LEU A 285 -23.10 -14.16 -27.58
N TRP A 286 -23.18 -12.93 -27.10
CA TRP A 286 -24.45 -12.25 -26.93
C TRP A 286 -24.99 -11.78 -28.29
N ILE A 287 -24.11 -11.24 -29.13
CA ILE A 287 -24.51 -10.95 -30.49
C ILE A 287 -24.98 -12.23 -31.19
N MET A 288 -24.39 -13.37 -30.83
CA MET A 288 -24.74 -14.64 -31.49
C MET A 288 -26.11 -15.08 -31.06
N GLY A 289 -26.53 -14.57 -29.89
CA GLY A 289 -27.83 -14.90 -29.31
C GLY A 289 -27.81 -15.91 -28.17
N CYS A 290 -26.63 -16.32 -27.70
CA CYS A 290 -26.58 -17.10 -26.47
C CYS A 290 -27.08 -16.25 -25.31
N GLY A 291 -27.66 -16.86 -24.29
CA GLY A 291 -27.95 -16.15 -23.04
C GLY A 291 -26.64 -15.91 -22.27
N LEU A 292 -26.64 -14.98 -21.36
CA LEU A 292 -25.47 -14.73 -20.54
C LEU A 292 -25.91 -14.40 -19.14
N ALA A 293 -25.23 -14.99 -18.18
CA ALA A 293 -25.53 -14.67 -16.82
C ALA A 293 -24.26 -14.26 -16.08
N MET A 294 -24.44 -13.36 -15.13
CA MET A 294 -23.44 -13.09 -14.17
C MET A 294 -23.68 -13.89 -12.87
N ASP A 295 -22.81 -14.85 -12.66
CA ASP A 295 -22.82 -15.74 -11.54
C ASP A 295 -22.30 -15.00 -10.30
N ASP A 296 -22.83 -15.35 -9.12
CA ASP A 296 -22.17 -15.04 -7.84
C ASP A 296 -22.23 -13.55 -7.52
N PHE A 297 -23.35 -12.92 -7.85
CA PHE A 297 -23.47 -11.48 -7.87
C PHE A 297 -23.76 -10.95 -6.46
N GLY A 298 -23.68 -9.62 -6.27
CA GLY A 298 -24.12 -9.03 -4.99
C GLY A 298 -23.10 -8.25 -4.16
N ALA A 299 -21.88 -8.10 -4.67
CA ALA A 299 -20.90 -7.25 -4.02
C ALA A 299 -21.31 -5.79 -4.14
N GLY A 300 -21.64 -5.39 -5.37
CA GLY A 300 -22.02 -4.01 -5.65
C GLY A 300 -22.46 -3.76 -7.08
N TYR A 301 -22.08 -2.60 -7.60
CA TYR A 301 -22.66 -2.10 -8.82
C TYR A 301 -21.63 -1.78 -9.89
N SER A 302 -20.37 -1.99 -9.55
CA SER A 302 -19.27 -1.55 -10.41
C SER A 302 -19.18 -2.35 -11.72
N SER A 303 -19.59 -3.61 -11.66
CA SER A 303 -19.65 -4.51 -12.80
C SER A 303 -20.53 -4.01 -13.96
N LEU A 304 -21.56 -3.23 -13.65
CA LEU A 304 -22.55 -2.74 -14.64
C LEU A 304 -22.02 -1.80 -15.72
N ASP A 305 -20.85 -1.23 -15.48
CA ASP A 305 -20.38 -0.11 -16.25
C ASP A 305 -19.10 -0.46 -17.02
N ARG A 306 -18.77 -1.74 -17.11
CA ARG A 306 -17.54 -2.19 -17.78
C ARG A 306 -17.69 -2.23 -19.30
N LEU A 307 -18.89 -2.54 -19.77
CA LEU A 307 -19.21 -2.51 -21.21
C LEU A 307 -20.20 -1.40 -21.60
N CYS A 308 -20.00 -0.81 -22.76
CA CYS A 308 -20.98 0.14 -23.30
C CYS A 308 -22.40 -0.44 -23.30
N GLU A 309 -22.54 -1.74 -23.55
CA GLU A 309 -23.81 -2.44 -23.46
C GLU A 309 -23.73 -3.52 -22.37
N PHE A 310 -24.73 -3.62 -21.48
CA PHE A 310 -24.75 -4.70 -20.49
C PHE A 310 -25.20 -5.94 -21.23
N PRO A 311 -24.37 -6.99 -21.32
CA PRO A 311 -24.78 -8.09 -22.17
C PRO A 311 -25.51 -9.21 -21.41
N PHE A 312 -26.00 -8.94 -20.21
CA PHE A 312 -26.52 -10.01 -19.38
C PHE A 312 -28.05 -10.07 -19.31
N SER A 313 -28.60 -11.27 -19.54
CA SER A 313 -30.06 -11.47 -19.41
C SER A 313 -30.36 -12.04 -18.06
N GLN A 314 -29.34 -12.46 -17.32
CA GLN A 314 -29.61 -13.01 -16.00
C GLN A 314 -28.56 -12.69 -14.90
N ILE A 315 -29.05 -12.57 -13.68
CA ILE A 315 -28.22 -12.29 -12.53
C ILE A 315 -28.46 -13.38 -11.50
N LYS A 316 -27.38 -13.91 -10.91
CA LYS A 316 -27.51 -14.99 -9.92
C LYS A 316 -26.80 -14.65 -8.61
N LEU A 317 -27.55 -14.68 -7.51
CA LEU A 317 -26.97 -14.48 -6.18
C LEU A 317 -26.30 -15.74 -5.69
N ASP A 318 -25.37 -15.58 -4.78
CA ASP A 318 -24.63 -16.72 -4.23
C ASP A 318 -25.36 -17.37 -3.05
N ARG A 319 -25.23 -18.69 -2.93
CA ARG A 319 -25.73 -19.51 -1.79
C ARG A 319 -25.66 -18.79 -0.45
N THR A 320 -24.56 -18.06 -0.24
CA THR A 320 -24.28 -17.52 1.05
C THR A 320 -25.40 -16.61 1.49
N PHE A 321 -26.05 -15.97 0.53
CA PHE A 321 -27.18 -15.08 0.81
C PHE A 321 -28.34 -15.74 1.51
N VAL A 322 -28.82 -16.85 0.96
CA VAL A 322 -29.85 -17.62 1.61
C VAL A 322 -29.41 -17.91 3.04
N GLN A 323 -28.17 -18.37 3.19
CA GLN A 323 -27.62 -18.74 4.50
C GLN A 323 -27.61 -17.59 5.50
N LYS A 324 -27.17 -16.41 5.05
CA LYS A 324 -27.00 -15.20 5.86
C LYS A 324 -28.32 -14.59 6.33
N MET A 325 -29.39 -14.84 5.58
CA MET A 325 -30.70 -14.33 5.91
C MET A 325 -31.01 -14.33 7.40
N LYS A 326 -30.65 -15.41 8.09
CA LYS A 326 -30.83 -15.51 9.55
C LYS A 326 -29.73 -14.81 10.34
N THR A 327 -28.53 -15.33 10.22
CA THR A 327 -27.42 -14.88 11.06
C THR A 327 -26.91 -13.48 10.66
N GLN A 328 -27.45 -12.94 9.57
CA GLN A 328 -27.11 -11.60 9.10
C GLN A 328 -28.34 -10.98 8.44
N PRO A 329 -29.31 -10.51 9.23
CA PRO A 329 -30.57 -9.92 8.78
C PRO A 329 -30.42 -8.76 7.78
N ARG A 330 -29.32 -8.03 7.88
CA ARG A 330 -29.13 -6.86 7.03
C ARG A 330 -29.00 -7.23 5.55
N SER A 331 -28.48 -8.43 5.29
CA SER A 331 -28.32 -8.92 3.93
C SER A 331 -29.64 -9.03 3.17
N CYS A 332 -30.74 -9.12 3.93
CA CYS A 332 -32.07 -9.17 3.33
C CYS A 332 -32.34 -7.93 2.48
N ALA A 333 -31.92 -6.79 2.99
CA ALA A 333 -31.90 -5.53 2.22
C ALA A 333 -31.15 -5.64 0.89
N VAL A 334 -29.94 -6.22 0.89
CA VAL A 334 -29.27 -6.38 -0.39
C VAL A 334 -30.07 -7.25 -1.39
N ILE A 335 -30.58 -8.41 -0.96
CA ILE A 335 -31.47 -9.20 -1.84
C ILE A 335 -32.59 -8.28 -2.38
N SER A 336 -33.25 -7.54 -1.49
CA SER A 336 -34.27 -6.61 -1.93
C SER A 336 -33.74 -5.75 -3.05
N SER A 337 -32.63 -5.06 -2.74
CA SER A 337 -31.88 -4.24 -3.68
C SER A 337 -31.54 -4.90 -5.04
N VAL A 338 -31.07 -6.15 -5.00
CA VAL A 338 -30.69 -6.88 -6.23
C VAL A 338 -31.96 -7.16 -7.06
N VAL A 339 -33.01 -7.61 -6.36
CA VAL A 339 -34.37 -7.73 -6.95
C VAL A 339 -34.79 -6.44 -7.63
N ALA A 340 -34.65 -5.31 -6.92
CA ALA A 340 -34.97 -4.04 -7.56
C ALA A 340 -34.09 -3.78 -8.80
N LEU A 341 -32.78 -4.02 -8.67
CA LEU A 341 -31.86 -3.87 -9.80
C LEU A 341 -32.29 -4.74 -10.97
N ALA A 342 -32.27 -6.05 -10.79
CA ALA A 342 -32.64 -6.99 -11.85
C ALA A 342 -33.94 -6.56 -12.54
N GLN A 343 -34.91 -6.15 -11.76
CA GLN A 343 -36.21 -5.82 -12.31
C GLN A 343 -36.07 -4.58 -13.21
N ALA A 344 -35.40 -3.56 -12.69
CA ALA A 344 -35.27 -2.28 -13.40
C ALA A 344 -34.45 -2.43 -14.67
N LEU A 345 -33.62 -3.47 -14.71
CA LEU A 345 -32.75 -3.75 -15.84
C LEU A 345 -33.50 -4.60 -16.85
N GLY A 346 -34.65 -5.11 -16.43
CA GLY A 346 -35.43 -6.06 -17.25
C GLY A 346 -34.66 -7.36 -17.49
N ILE A 347 -34.02 -7.88 -16.45
CA ILE A 347 -33.41 -9.19 -16.54
C ILE A 347 -33.91 -10.12 -15.43
N SER A 348 -33.54 -11.40 -15.51
CA SER A 348 -33.99 -12.35 -14.47
C SER A 348 -33.02 -12.44 -13.31
N LEU A 349 -33.56 -12.84 -12.16
CA LEU A 349 -32.80 -13.01 -10.95
C LEU A 349 -32.96 -14.44 -10.37
N VAL A 350 -31.85 -15.16 -10.28
CA VAL A 350 -31.85 -16.51 -9.74
C VAL A 350 -31.26 -16.57 -8.36
N VAL A 351 -31.97 -17.13 -7.40
CA VAL A 351 -31.38 -17.32 -6.09
C VAL A 351 -30.96 -18.77 -5.90
N GLU A 352 -29.74 -18.94 -5.42
CA GLU A 352 -29.12 -20.24 -5.29
C GLU A 352 -29.06 -20.70 -3.84
N GLY A 353 -28.86 -22.00 -3.66
CA GLY A 353 -28.74 -22.61 -2.35
C GLY A 353 -29.98 -22.54 -1.46
N VAL A 354 -31.16 -22.73 -2.04
CA VAL A 354 -32.40 -22.85 -1.25
C VAL A 354 -32.62 -24.26 -0.74
N GLU A 355 -32.57 -24.43 0.58
CA GLU A 355 -32.77 -25.72 1.24
C GLU A 355 -34.18 -25.90 1.84
N SER A 356 -34.52 -25.06 2.82
CA SER A 356 -35.78 -25.21 3.55
C SER A 356 -36.87 -24.34 2.96
N ASP A 357 -38.07 -24.89 2.87
CA ASP A 357 -39.26 -24.14 2.44
C ASP A 357 -39.45 -22.85 3.24
N GLU A 358 -38.99 -22.85 4.50
CA GLU A 358 -39.04 -21.65 5.35
C GLU A 358 -38.43 -20.48 4.60
N GLN A 359 -37.16 -20.65 4.18
CA GLN A 359 -36.46 -19.65 3.38
C GLN A 359 -36.96 -19.50 1.93
N ARG A 360 -37.77 -20.45 1.44
CA ARG A 360 -38.48 -20.27 0.15
C ARG A 360 -39.52 -19.18 0.32
N VAL A 361 -40.23 -19.22 1.45
CA VAL A 361 -41.23 -18.19 1.78
C VAL A 361 -40.63 -16.79 1.83
N ARG A 362 -39.57 -16.59 2.62
CA ARG A 362 -38.99 -15.24 2.71
C ARG A 362 -38.52 -14.64 1.37
N LEU A 363 -37.78 -15.41 0.57
CA LEU A 363 -37.44 -14.96 -0.78
C LEU A 363 -38.63 -14.44 -1.58
N ILE A 364 -39.78 -15.12 -1.48
CA ILE A 364 -41.02 -14.66 -2.13
C ILE A 364 -41.37 -13.26 -1.65
N GLU A 365 -41.37 -13.07 -0.33
CA GLU A 365 -41.63 -11.75 0.28
C GLU A 365 -40.71 -10.71 -0.34
N LEU A 366 -39.41 -10.96 -0.26
CA LEU A 366 -38.41 -10.03 -0.74
C LEU A 366 -38.56 -9.68 -2.21
N GLY A 367 -39.25 -10.53 -2.97
CA GLY A 367 -39.53 -10.25 -4.38
C GLY A 367 -38.90 -11.20 -5.37
N CYS A 368 -38.11 -12.17 -4.90
CA CYS A 368 -37.41 -13.15 -5.77
C CYS A 368 -38.34 -14.11 -6.50
N SER A 369 -38.01 -14.44 -7.74
CA SER A 369 -38.83 -15.36 -8.51
C SER A 369 -38.15 -16.70 -8.88
N ILE A 370 -37.09 -16.68 -9.68
CA ILE A 370 -36.36 -17.90 -10.08
C ILE A 370 -35.38 -18.41 -9.02
N ALA A 371 -35.14 -19.73 -8.95
CA ALA A 371 -34.23 -20.26 -7.92
C ALA A 371 -33.49 -21.54 -8.25
N GLN A 372 -32.50 -21.86 -7.40
CA GLN A 372 -31.85 -23.18 -7.38
C GLN A 372 -31.62 -23.61 -5.94
N GLY A 373 -31.53 -24.92 -5.75
CA GLY A 373 -31.27 -25.50 -4.44
C GLY A 373 -31.92 -26.86 -4.24
N TYR A 374 -31.60 -27.44 -3.09
CA TYR A 374 -31.97 -28.80 -2.73
C TYR A 374 -33.45 -28.92 -2.35
N LEU A 375 -34.09 -27.81 -2.03
CA LEU A 375 -35.53 -27.81 -1.90
C LEU A 375 -36.18 -28.36 -3.17
N PHE A 376 -35.67 -27.96 -4.33
CA PHE A 376 -36.35 -28.31 -5.58
C PHE A 376 -35.75 -29.51 -6.22
N ALA A 377 -34.45 -29.46 -6.47
CA ALA A 377 -33.78 -30.52 -7.19
C ALA A 377 -32.28 -30.41 -7.03
N ARG A 378 -31.66 -31.53 -6.70
CA ARG A 378 -30.23 -31.61 -6.47
C ARG A 378 -29.57 -31.88 -7.84
N PRO A 379 -28.32 -31.50 -8.01
CA PRO A 379 -27.74 -31.75 -9.34
C PRO A 379 -27.90 -33.21 -9.79
N MET A 380 -28.31 -33.45 -11.03
CA MET A 380 -28.55 -34.82 -11.53
C MET A 380 -27.67 -35.23 -12.69
N PRO A 381 -27.38 -36.54 -12.79
CA PRO A 381 -26.74 -37.07 -14.00
C PRO A 381 -27.73 -36.96 -15.16
N GLU A 382 -27.22 -37.07 -16.40
CA GLU A 382 -28.07 -36.88 -17.57
C GLU A 382 -29.44 -37.48 -17.38
N GLN A 383 -29.48 -38.81 -17.32
CA GLN A 383 -30.77 -39.50 -17.41
C GLN A 383 -31.78 -39.10 -16.32
N HIS A 384 -31.35 -39.00 -15.07
CA HIS A 384 -32.27 -38.50 -14.02
C HIS A 384 -32.88 -37.15 -14.40
N PHE A 385 -32.02 -36.21 -14.81
CA PHE A 385 -32.46 -34.91 -15.30
C PHE A 385 -33.43 -35.00 -16.49
N LEU A 386 -33.09 -35.83 -17.49
CA LEU A 386 -33.99 -36.06 -18.63
C LEU A 386 -35.37 -36.52 -18.15
N ASP A 387 -35.41 -37.36 -17.13
CA ASP A 387 -36.69 -37.74 -16.54
C ASP A 387 -37.30 -36.62 -15.73
N TYR A 388 -36.50 -35.88 -14.96
CA TYR A 388 -37.07 -34.75 -14.21
C TYR A 388 -37.89 -33.86 -15.15
N CYS A 389 -37.29 -33.53 -16.29
CA CYS A 389 -37.89 -32.65 -17.26
C CYS A 389 -39.20 -33.23 -17.80
N SER A 390 -39.21 -34.56 -17.98
CA SER A 390 -40.39 -35.29 -18.47
C SER A 390 -41.61 -35.09 -17.60
N GLY A 391 -41.43 -35.13 -16.28
CA GLY A 391 -42.47 -34.71 -15.33
C GLY A 391 -43.08 -33.41 -15.84
N SER A 392 -42.26 -32.36 -15.91
CA SER A 392 -42.70 -31.08 -16.46
C SER A 392 -42.90 -31.14 -17.99
N MET B 1 -9.02 23.24 -21.86
CA MET B 1 -9.78 21.99 -21.58
C MET B 1 -10.32 21.33 -22.86
N ASN B 2 -10.29 20.00 -22.91
CA ASN B 2 -10.92 19.24 -24.01
C ASN B 2 -11.12 17.76 -23.77
N ASP B 3 -10.80 17.00 -24.81
CA ASP B 3 -10.63 15.55 -24.74
C ASP B 3 -9.23 15.27 -24.17
N LEU B 4 -9.12 15.48 -22.86
CA LEU B 4 -8.10 14.86 -22.10
C LEU B 4 -8.00 13.39 -22.46
N ASN B 5 -6.82 12.86 -22.28
CA ASN B 5 -6.56 11.50 -22.61
C ASN B 5 -5.79 10.92 -21.46
N VAL B 6 -6.31 9.84 -20.87
CA VAL B 6 -5.69 9.25 -19.71
C VAL B 6 -5.53 7.75 -19.86
N LEU B 7 -4.29 7.28 -19.71
CA LEU B 7 -4.01 5.86 -19.72
C LEU B 7 -3.68 5.44 -18.31
N VAL B 8 -4.42 4.45 -17.80
CA VAL B 8 -4.16 3.91 -16.49
C VAL B 8 -3.50 2.56 -16.63
N LEU B 9 -2.33 2.44 -16.00
CA LEU B 9 -1.65 1.15 -15.93
C LEU B 9 -1.82 0.55 -14.58
N GLU B 10 -2.64 -0.45 -14.52
CA GLU B 10 -2.87 -1.04 -13.27
C GLU B 10 -3.17 -2.49 -13.49
N ASP B 11 -2.43 -3.27 -12.73
CA ASP B 11 -2.27 -4.69 -12.80
C ASP B 11 -3.40 -5.41 -12.14
N GLU B 12 -3.86 -4.82 -11.06
CA GLU B 12 -4.70 -5.47 -10.13
C GLU B 12 -6.11 -5.00 -10.43
N PRO B 13 -6.97 -5.92 -10.90
CA PRO B 13 -8.22 -5.48 -11.51
C PRO B 13 -9.12 -4.64 -10.57
N PHE B 14 -9.09 -4.94 -9.27
CA PHE B 14 -9.87 -4.17 -8.29
C PHE B 14 -9.37 -2.74 -8.03
N GLN B 15 -8.06 -2.54 -8.01
CA GLN B 15 -7.53 -1.20 -8.03
C GLN B 15 -7.84 -0.52 -9.35
N ARG B 16 -7.54 -1.17 -10.46
CA ARG B 16 -7.90 -0.62 -11.76
C ARG B 16 -9.36 -0.12 -11.79
N LEU B 17 -10.27 -0.96 -11.32
CA LEU B 17 -11.70 -0.63 -11.31
C LEU B 17 -12.00 0.58 -10.47
N VAL B 18 -11.47 0.60 -9.23
CA VAL B 18 -11.63 1.78 -8.37
C VAL B 18 -11.10 3.03 -9.05
N ALA B 19 -9.90 2.93 -9.62
CA ALA B 19 -9.29 4.11 -10.20
C ALA B 19 -10.12 4.57 -11.39
N VAL B 20 -10.44 3.64 -12.29
CA VAL B 20 -11.14 3.97 -13.52
C VAL B 20 -12.51 4.59 -13.24
N THR B 21 -13.22 4.03 -12.27
CA THR B 21 -14.54 4.50 -11.88
C THR B 21 -14.44 5.94 -11.40
N ALA B 22 -13.44 6.22 -10.57
CA ALA B 22 -13.21 7.58 -10.11
C ALA B 22 -12.85 8.52 -11.27
N LEU B 23 -12.08 8.03 -12.23
CA LEU B 23 -11.63 8.88 -13.35
C LEU B 23 -12.79 9.20 -14.28
N LYS B 24 -13.63 8.19 -14.54
CA LYS B 24 -14.84 8.38 -15.37
C LYS B 24 -15.70 9.55 -14.88
N LYS B 25 -15.89 9.66 -13.56
CA LYS B 25 -16.70 10.72 -12.98
C LYS B 25 -16.18 12.12 -13.30
N VAL B 26 -14.87 12.27 -13.29
CA VAL B 26 -14.22 13.55 -13.13
C VAL B 26 -13.41 14.00 -14.35
N VAL B 27 -12.94 13.05 -15.15
CA VAL B 27 -12.12 13.35 -16.29
C VAL B 27 -12.96 13.66 -17.50
N PRO B 28 -12.75 14.82 -18.09
CA PRO B 28 -13.38 15.12 -19.36
C PRO B 28 -12.55 14.55 -20.48
N GLY B 29 -13.03 13.48 -21.12
CA GLY B 29 -12.28 12.83 -22.21
C GLY B 29 -12.34 11.32 -22.07
N SER B 30 -11.39 10.62 -22.65
CA SER B 30 -11.36 9.16 -22.57
C SER B 30 -10.45 8.62 -21.48
N ILE B 31 -10.91 7.57 -20.80
CA ILE B 31 -10.08 6.82 -19.90
C ILE B 31 -9.64 5.54 -20.60
N LEU B 32 -8.35 5.38 -20.83
CA LEU B 32 -7.86 4.11 -21.34
C LEU B 32 -7.28 3.26 -20.21
N GLU B 33 -7.29 1.96 -20.45
CA GLU B 33 -6.99 0.95 -19.44
C GLU B 33 -5.97 -0.02 -19.98
N ALA B 34 -4.91 -0.27 -19.22
CA ALA B 34 -4.05 -1.39 -19.53
C ALA B 34 -3.78 -2.28 -18.31
N ALA B 35 -3.96 -3.59 -18.49
CA ALA B 35 -3.61 -4.58 -17.45
C ALA B 35 -2.16 -5.03 -17.56
N ASP B 36 -1.59 -5.04 -18.75
CA ASP B 36 -0.23 -5.53 -18.91
C ASP B 36 0.46 -4.75 -20.01
N GLY B 37 1.77 -4.99 -20.19
CA GLY B 37 2.55 -4.37 -21.24
C GLY B 37 1.88 -4.49 -22.61
N LYS B 38 1.35 -5.67 -22.93
CA LYS B 38 0.76 -5.89 -24.24
C LYS B 38 -0.41 -4.92 -24.56
N GLU B 39 -1.33 -4.76 -23.62
CA GLU B 39 -2.43 -3.84 -23.80
C GLU B 39 -1.87 -2.46 -23.89
N ALA B 40 -0.92 -2.17 -23.01
CA ALA B 40 -0.38 -0.85 -22.90
C ALA B 40 0.31 -0.41 -24.18
N VAL B 41 1.20 -1.24 -24.74
CA VAL B 41 1.87 -0.84 -25.99
C VAL B 41 0.89 -0.83 -27.17
N ALA B 42 -0.11 -1.71 -27.13
CA ALA B 42 -1.15 -1.71 -28.16
C ALA B 42 -1.97 -0.43 -28.17
N ILE B 43 -2.38 -0.01 -26.96
CA ILE B 43 -3.15 1.21 -26.75
C ILE B 43 -2.31 2.38 -27.22
N LEU B 44 -1.03 2.35 -26.88
CA LEU B 44 -0.12 3.43 -27.25
C LEU B 44 0.03 3.54 -28.77
N GLU B 45 0.14 2.38 -29.44
CA GLU B 45 0.35 2.37 -30.87
C GLU B 45 -0.86 2.91 -31.59
N SER B 46 -2.05 2.58 -31.10
CA SER B 46 -3.25 3.06 -31.79
C SER B 46 -3.55 4.51 -31.48
N CYS B 47 -3.26 4.96 -30.26
CA CYS B 47 -3.53 6.37 -29.93
C CYS B 47 -2.69 7.33 -30.74
N GLY B 48 -3.20 8.53 -30.97
CA GLY B 48 -2.41 9.60 -31.54
C GLY B 48 -1.57 10.29 -30.49
N HIS B 49 -2.10 10.40 -29.28
CA HIS B 49 -1.51 11.12 -28.16
C HIS B 49 -2.08 10.45 -26.92
N VAL B 50 -1.36 10.57 -25.82
CA VAL B 50 -1.83 10.13 -24.52
C VAL B 50 -1.44 11.26 -23.63
N ASP B 51 -2.40 12.01 -23.09
CA ASP B 51 -2.06 13.20 -22.33
C ASP B 51 -1.48 12.90 -20.97
N ILE B 52 -2.06 11.94 -20.25
CA ILE B 52 -1.62 11.60 -18.91
C ILE B 52 -1.62 10.10 -18.75
N ALA B 53 -0.47 9.58 -18.37
CA ALA B 53 -0.29 8.18 -18.05
C ALA B 53 -0.27 8.07 -16.53
N ILE B 54 -1.14 7.23 -16.00
CA ILE B 54 -1.17 7.01 -14.56
C ILE B 54 -0.54 5.66 -14.28
N CYS B 55 0.49 5.67 -13.47
CA CYS B 55 1.40 4.56 -13.43
C CYS B 55 1.71 4.15 -12.02
N ASP B 56 1.82 2.85 -11.84
CA ASP B 56 2.13 2.23 -10.58
C ASP B 56 3.55 1.69 -10.75
N LEU B 57 4.49 2.24 -9.99
CA LEU B 57 5.90 1.86 -10.18
C LEU B 57 6.37 0.49 -9.66
N GLN B 58 5.50 -0.23 -8.94
CA GLN B 58 5.75 -1.66 -8.76
C GLN B 58 4.56 -2.58 -9.02
N MET B 59 4.53 -3.16 -10.21
CA MET B 59 3.51 -4.15 -10.55
C MET B 59 4.11 -5.55 -10.70
N SER B 60 3.27 -6.56 -10.52
CA SER B 60 3.67 -7.96 -10.70
C SER B 60 3.61 -8.36 -12.17
N GLY B 61 2.58 -7.86 -12.84
CA GLY B 61 2.23 -8.27 -14.20
C GLY B 61 2.81 -7.40 -15.29
N MET B 62 3.47 -6.32 -14.91
CA MET B 62 3.93 -5.33 -15.89
C MET B 62 5.08 -4.52 -15.32
N ASP B 63 6.09 -4.21 -16.13
CA ASP B 63 7.08 -3.22 -15.66
C ASP B 63 6.60 -1.83 -16.07
N GLY B 64 6.14 -1.07 -15.07
CA GLY B 64 5.56 0.27 -15.30
C GLY B 64 6.54 1.25 -15.91
N LEU B 65 7.75 1.21 -15.41
CA LEU B 65 8.79 2.13 -15.75
C LEU B 65 9.28 1.87 -17.18
N ALA B 66 9.47 0.61 -17.51
CA ALA B 66 9.90 0.23 -18.85
C ALA B 66 8.87 0.67 -19.88
N PHE B 67 7.58 0.54 -19.54
CA PHE B 67 6.57 1.10 -20.40
C PHE B 67 6.78 2.63 -20.52
N LEU B 68 7.09 3.29 -19.42
CA LEU B 68 7.29 4.75 -19.47
C LEU B 68 8.42 5.14 -20.41
N ARG B 69 9.49 4.35 -20.37
CA ARG B 69 10.66 4.64 -21.19
C ARG B 69 10.31 4.53 -22.64
N HIS B 70 9.53 3.50 -22.97
CA HIS B 70 9.10 3.23 -24.31
C HIS B 70 8.16 4.33 -24.74
N ALA B 71 7.18 4.62 -23.90
CA ALA B 71 6.27 5.73 -24.07
C ALA B 71 7.00 7.05 -24.34
N SER B 72 8.07 7.33 -23.59
CA SER B 72 8.80 8.59 -23.80
C SER B 72 9.44 8.64 -25.17
N LEU B 73 9.82 7.50 -25.71
CA LEU B 73 10.37 7.51 -27.06
C LEU B 73 9.30 7.64 -28.10
N SER B 74 8.05 7.41 -27.74
CA SER B 74 6.94 7.45 -28.71
C SER B 74 6.56 8.85 -29.17
N GLY B 75 6.84 9.86 -28.34
CA GLY B 75 6.43 11.23 -28.61
C GLY B 75 5.02 11.56 -28.11
N LYS B 76 4.27 10.52 -27.79
CA LYS B 76 2.85 10.67 -27.63
C LYS B 76 2.34 11.08 -26.23
N VAL B 77 3.22 11.12 -25.24
CA VAL B 77 2.80 11.27 -23.85
C VAL B 77 3.28 12.57 -23.16
N HIS B 78 2.34 13.41 -22.71
CA HIS B 78 2.69 14.57 -21.90
C HIS B 78 3.23 14.19 -20.50
N SER B 79 2.33 13.70 -19.65
CA SER B 79 2.51 13.69 -18.20
C SER B 79 2.29 12.36 -17.50
N VAL B 80 2.84 12.25 -16.30
CA VAL B 80 2.78 11.07 -15.53
C VAL B 80 2.22 11.46 -14.18
N ILE B 81 1.34 10.60 -13.67
CA ILE B 81 0.86 10.59 -12.32
C ILE B 81 1.21 9.20 -11.75
N LEU B 82 1.66 9.16 -10.50
CA LEU B 82 2.01 7.87 -9.89
C LEU B 82 0.93 7.49 -8.94
N SER B 83 0.53 6.23 -9.01
CA SER B 83 -0.50 5.74 -8.12
C SER B 83 0.03 5.04 -6.84
N SER B 84 1.34 5.07 -6.63
CA SER B 84 1.92 4.61 -5.37
C SER B 84 2.58 5.86 -4.80
N GLU B 85 2.13 6.34 -3.63
CA GLU B 85 2.74 7.54 -3.00
C GLU B 85 3.88 7.06 -2.07
N VAL B 86 4.88 6.44 -2.69
CA VAL B 86 5.85 5.73 -1.89
C VAL B 86 7.16 6.46 -1.59
N ASP B 87 7.90 5.88 -0.64
CA ASP B 87 9.34 6.12 -0.38
C ASP B 87 9.86 7.58 -0.34
N PRO B 88 9.53 8.32 0.71
CA PRO B 88 9.86 9.76 0.88
C PRO B 88 11.31 10.16 0.53
N ILE B 89 12.29 9.43 1.07
CA ILE B 89 13.68 9.69 0.76
C ILE B 89 13.97 9.67 -0.78
N LEU B 90 13.39 8.70 -1.49
CA LEU B 90 13.74 8.46 -2.91
C LEU B 90 12.77 9.17 -3.87
N ARG B 91 11.90 10.01 -3.32
CA ARG B 91 10.89 10.67 -4.09
C ARG B 91 11.44 11.67 -5.13
N GLN B 92 12.34 12.56 -4.71
CA GLN B 92 13.01 13.46 -5.66
C GLN B 92 13.71 12.72 -6.80
N ALA B 93 14.44 11.67 -6.45
CA ALA B 93 15.20 10.88 -7.41
C ALA B 93 14.24 10.21 -8.40
N THR B 94 13.11 9.73 -7.88
CA THR B 94 12.06 9.16 -8.72
C THR B 94 11.54 10.26 -9.63
N ILE B 95 11.19 11.45 -9.10
CA ILE B 95 10.74 12.51 -10.00
C ILE B 95 11.75 12.73 -11.15
N SER B 96 13.00 13.04 -10.81
CA SER B 96 14.02 13.39 -11.81
C SER B 96 14.17 12.30 -12.84
N MET B 97 14.06 11.07 -12.39
CA MET B 97 14.19 9.99 -13.29
C MET B 97 13.07 10.02 -14.34
N ILE B 98 11.83 10.18 -13.92
CA ILE B 98 10.71 10.48 -14.83
C ILE B 98 11.04 11.70 -15.72
N GLU B 99 11.36 12.83 -15.12
CA GLU B 99 11.67 14.04 -15.90
C GLU B 99 12.81 13.91 -16.95
N CYS B 100 13.82 13.09 -16.69
CA CYS B 100 14.86 12.88 -17.71
C CYS B 100 14.38 12.06 -18.89
N LEU B 101 13.22 11.42 -18.78
CA LEU B 101 12.67 10.64 -19.89
C LEU B 101 12.02 11.51 -20.97
N GLY B 102 11.86 12.79 -20.70
CA GLY B 102 11.05 13.61 -21.58
C GLY B 102 9.73 14.01 -20.91
N LEU B 103 9.38 13.34 -19.80
CA LEU B 103 8.05 13.38 -19.23
C LEU B 103 7.86 14.42 -18.16
N ASN B 104 6.61 14.83 -17.99
CA ASN B 104 6.28 15.81 -16.99
C ASN B 104 5.65 15.14 -15.80
N PHE B 105 6.15 15.44 -14.61
CA PHE B 105 5.63 14.81 -13.43
C PHE B 105 4.50 15.68 -12.91
N LEU B 106 3.28 15.13 -12.89
CA LEU B 106 2.13 15.86 -12.37
C LEU B 106 1.94 15.77 -10.86
N GLY B 107 2.15 14.59 -10.29
CA GLY B 107 1.85 14.36 -8.89
C GLY B 107 1.61 12.89 -8.65
N ASP B 108 1.38 12.52 -7.39
CA ASP B 108 0.98 11.18 -7.05
C ASP B 108 -0.49 11.16 -6.71
N LEU B 109 -1.16 10.11 -7.14
CA LEU B 109 -2.46 9.78 -6.67
C LEU B 109 -2.30 8.95 -5.39
N GLY B 110 -3.15 9.19 -4.40
CA GLY B 110 -3.21 8.30 -3.24
C GLY B 110 -3.89 6.99 -3.61
N LYS B 111 -3.68 5.95 -2.80
CA LYS B 111 -4.42 4.67 -2.91
C LYS B 111 -5.90 4.78 -2.46
N PRO B 112 -6.29 5.91 -1.76
CA PRO B 112 -7.71 6.26 -1.84
C PRO B 112 -8.13 6.49 -3.29
N PHE B 113 -7.44 7.39 -4.01
CA PHE B 113 -7.91 7.94 -5.28
C PHE B 113 -9.12 8.83 -5.05
N SER B 114 -9.03 9.79 -4.13
CA SER B 114 -10.15 10.69 -3.90
C SER B 114 -10.46 11.65 -5.09
N LEU B 115 -11.74 11.76 -5.42
CA LEU B 115 -12.23 12.57 -6.55
C LEU B 115 -11.77 14.00 -6.52
N GLU B 116 -11.62 14.55 -5.31
CA GLU B 116 -11.19 15.91 -5.13
C GLU B 116 -9.75 16.00 -5.63
N ARG B 117 -8.92 15.10 -5.10
CA ARG B 117 -7.51 15.04 -5.48
C ARG B 117 -7.31 14.90 -7.00
N ILE B 118 -8.15 14.09 -7.62
CA ILE B 118 -8.06 13.88 -9.04
C ILE B 118 -8.23 15.24 -9.75
N THR B 119 -9.24 16.04 -9.39
CA THR B 119 -9.49 17.30 -10.12
C THR B 119 -8.34 18.30 -9.97
N ALA B 120 -7.75 18.35 -8.78
CA ALA B 120 -6.51 19.10 -8.55
C ALA B 120 -5.46 18.81 -9.64
N LEU B 121 -5.16 17.52 -9.84
CA LEU B 121 -4.17 17.06 -10.82
C LEU B 121 -4.58 17.41 -12.25
N LEU B 122 -5.88 17.43 -12.49
CA LEU B 122 -6.37 17.82 -13.80
C LEU B 122 -6.23 19.31 -14.05
N THR B 123 -6.64 20.15 -13.08
CA THR B 123 -6.44 21.61 -13.17
C THR B 123 -4.97 21.85 -13.35
N ARG B 124 -4.18 21.17 -12.54
CA ARG B 124 -2.73 21.27 -12.62
C ARG B 124 -2.20 20.92 -14.01
N TYR B 125 -2.65 19.78 -14.56
CA TYR B 125 -2.31 19.44 -15.93
C TYR B 125 -2.69 20.54 -16.90
N ASN B 126 -3.92 21.01 -16.73
CA ASN B 126 -4.56 21.90 -17.67
C ASN B 126 -3.89 23.27 -17.72
N ALA B 127 -3.32 23.68 -16.58
CA ALA B 127 -2.50 24.89 -16.51
C ALA B 127 -1.12 24.72 -17.16
N ARG B 128 -0.66 23.48 -17.32
CA ARG B 128 0.63 23.21 -17.98
C ARG B 128 0.51 22.77 -19.44
N ARG B 129 -0.66 22.30 -19.88
CA ARG B 129 -0.80 21.76 -21.22
C ARG B 129 -0.04 22.52 -22.34
N GLN B 130 -0.17 23.87 -22.41
CA GLN B 130 0.53 24.68 -23.46
C GLN B 130 2.05 24.69 -23.35
N ASP B 131 2.55 24.98 -22.15
CA ASP B 131 3.99 25.00 -21.91
C ASP B 131 4.68 23.66 -22.25
N LEU B 132 3.89 22.58 -22.33
CA LEU B 132 4.44 21.24 -22.63
C LEU B 132 4.79 21.06 -24.08
N PRO B 133 5.86 20.26 -24.35
CA PRO B 133 6.34 19.99 -25.72
C PRO B 133 5.26 19.32 -26.55
N ARG B 134 5.24 19.62 -27.84
CA ARG B 134 4.19 19.09 -28.71
C ARG B 134 4.22 17.55 -28.71
N GLN B 135 3.04 16.96 -28.76
CA GLN B 135 2.91 15.53 -29.01
C GLN B 135 2.95 15.30 -30.53
N ILE B 136 3.90 14.48 -30.95
CA ILE B 136 4.00 14.06 -32.35
C ILE B 136 4.08 12.54 -32.37
N GLU B 137 3.65 11.95 -33.47
CA GLU B 137 3.71 10.50 -33.62
C GLU B 137 5.02 10.12 -34.28
N VAL B 138 6.06 9.94 -33.46
CA VAL B 138 7.40 9.53 -33.93
C VAL B 138 7.42 8.16 -34.67
N ALA B 139 7.81 8.18 -35.94
CA ALA B 139 7.78 6.97 -36.82
C ALA B 139 8.97 6.02 -36.59
N GLU B 140 9.87 6.45 -35.72
CA GLU B 140 11.16 5.80 -35.43
C GLU B 140 11.04 4.73 -34.35
N LEU B 141 9.90 4.71 -33.69
CA LEU B 141 9.64 3.68 -32.75
C LEU B 141 8.94 2.56 -33.52
N PRO B 142 9.72 1.59 -33.98
CA PRO B 142 9.17 0.44 -34.67
C PRO B 142 8.03 -0.22 -33.89
N SER B 143 6.96 -0.53 -34.58
CA SER B 143 5.87 -1.29 -34.02
C SER B 143 6.22 -2.73 -33.67
N VAL B 144 5.38 -3.32 -32.82
CA VAL B 144 5.42 -4.73 -32.46
C VAL B 144 5.48 -5.62 -33.70
N ALA B 145 4.47 -5.51 -34.55
CA ALA B 145 4.48 -6.21 -35.84
C ALA B 145 5.83 -5.98 -36.51
N ASP B 146 6.25 -4.71 -36.62
CA ASP B 146 7.47 -4.42 -37.36
C ASP B 146 8.70 -5.04 -36.67
N VAL B 147 8.70 -5.06 -35.35
CA VAL B 147 9.76 -5.74 -34.63
C VAL B 147 9.69 -7.23 -34.96
N VAL B 148 8.48 -7.79 -34.95
CA VAL B 148 8.23 -9.22 -35.15
C VAL B 148 8.71 -9.73 -36.52
N ARG B 149 8.65 -8.87 -37.53
CA ARG B 149 9.14 -9.30 -38.84
C ARG B 149 10.65 -9.20 -38.93
N GLY B 150 11.23 -8.12 -38.41
CA GLY B 150 12.71 -8.00 -38.38
C GLY B 150 13.32 -9.26 -37.80
N LEU B 151 12.79 -9.69 -36.68
CA LEU B 151 13.20 -10.88 -35.98
C LEU B 151 12.95 -12.19 -36.75
N ASP B 152 12.23 -12.10 -37.86
CA ASP B 152 11.89 -13.24 -38.68
C ASP B 152 12.66 -13.15 -40.00
N ASN B 153 13.33 -12.03 -40.23
CA ASN B 153 14.08 -11.78 -41.45
C ASN B 153 15.63 -11.59 -41.27
N GLY B 154 16.15 -12.19 -40.19
CA GLY B 154 17.59 -12.18 -39.90
C GLY B 154 18.30 -10.84 -39.92
N GLU B 155 17.71 -9.80 -39.36
CA GLU B 155 18.33 -8.46 -39.49
C GLU B 155 18.88 -7.91 -38.18
N PHE B 156 18.84 -8.77 -37.15
CA PHE B 156 19.52 -8.52 -35.89
C PHE B 156 20.98 -9.06 -35.82
N GLU B 157 21.96 -8.17 -35.67
CA GLU B 157 23.36 -8.56 -35.62
C GLU B 157 23.99 -8.42 -34.22
N ALA B 158 24.92 -9.31 -33.88
CA ALA B 158 25.65 -9.20 -32.65
C ALA B 158 26.73 -8.12 -32.78
N TYR B 159 26.86 -7.27 -31.77
CA TYR B 159 28.02 -6.38 -31.69
C TYR B 159 28.78 -6.74 -30.46
N TYR B 160 30.02 -6.28 -30.38
CA TYR B 160 30.87 -6.72 -29.31
C TYR B 160 31.49 -5.53 -28.69
N GLN B 161 31.37 -5.44 -27.39
CA GLN B 161 32.07 -4.38 -26.70
C GLN B 161 33.10 -4.94 -25.74
N PRO B 162 34.38 -4.52 -25.89
CA PRO B 162 35.50 -4.98 -25.10
C PRO B 162 35.35 -4.55 -23.66
N LYS B 163 35.80 -5.41 -22.76
CA LYS B 163 35.93 -5.03 -21.37
C LYS B 163 37.43 -5.00 -21.22
N VAL B 164 37.96 -3.93 -20.65
CA VAL B 164 39.38 -3.69 -20.65
C VAL B 164 39.79 -3.27 -19.27
N ALA B 165 41.08 -3.43 -18.97
CA ALA B 165 41.68 -2.90 -17.73
C ALA B 165 41.68 -1.40 -17.78
N LEU B 166 41.40 -0.74 -16.66
CA LEU B 166 41.36 0.74 -16.64
C LEU B 166 42.72 1.44 -16.79
N ASP B 167 43.78 0.88 -16.21
CA ASP B 167 45.10 1.37 -16.59
C ASP B 167 45.65 0.58 -17.77
N GLY B 168 45.61 1.24 -18.93
CA GLY B 168 46.15 0.64 -20.13
C GLY B 168 45.04 0.61 -21.15
N GLY B 169 44.11 -0.31 -20.94
CA GLY B 169 43.11 -0.61 -21.95
C GLY B 169 43.39 -2.00 -22.47
N GLY B 170 44.23 -2.76 -21.75
CA GLY B 170 44.45 -4.19 -22.06
C GLY B 170 43.13 -4.93 -22.15
N LEU B 171 42.98 -5.77 -23.17
CA LEU B 171 41.76 -6.53 -23.45
C LEU B 171 41.55 -7.64 -22.45
N ILE B 172 40.32 -7.85 -22.00
CA ILE B 172 40.00 -8.87 -20.98
C ILE B 172 38.83 -9.77 -21.42
N GLY B 173 37.87 -9.20 -22.12
CA GLY B 173 36.69 -9.92 -22.60
C GLY B 173 35.85 -8.92 -23.32
N ALA B 174 34.60 -9.29 -23.63
CA ALA B 174 33.66 -8.42 -24.30
C ALA B 174 32.24 -8.87 -24.01
N GLU B 175 31.33 -7.91 -24.06
CA GLU B 175 29.89 -8.19 -23.98
C GLU B 175 29.38 -8.27 -25.41
N VAL B 176 28.45 -9.17 -25.66
CA VAL B 176 27.78 -9.22 -26.96
C VAL B 176 26.49 -8.40 -26.86
N LEU B 177 26.27 -7.48 -27.78
CA LEU B 177 25.12 -6.57 -27.69
C LEU B 177 24.27 -6.66 -28.96
N ALA B 178 22.96 -6.55 -28.79
CA ALA B 178 22.03 -6.64 -29.89
C ALA B 178 21.94 -5.35 -30.66
N ARG B 179 22.07 -5.41 -31.98
CA ARG B 179 21.76 -4.28 -32.85
C ARG B 179 20.78 -4.73 -33.94
N TRP B 180 19.93 -3.79 -34.34
CA TRP B 180 18.94 -4.03 -35.40
C TRP B 180 19.40 -3.39 -36.67
N ASN B 181 19.71 -4.20 -37.67
CA ASN B 181 19.89 -3.69 -39.03
C ASN B 181 18.50 -3.42 -39.60
N HIS B 182 17.94 -2.28 -39.24
CA HIS B 182 16.64 -1.89 -39.72
C HIS B 182 16.73 -1.51 -41.21
N PRO B 183 15.88 -2.14 -42.03
CA PRO B 183 15.85 -1.95 -43.49
C PRO B 183 15.85 -0.48 -43.86
N HIS B 184 15.07 0.34 -43.18
CA HIS B 184 15.01 1.76 -43.59
C HIS B 184 15.34 2.79 -42.52
N LEU B 185 15.52 2.35 -41.29
CA LEU B 185 15.84 3.24 -40.19
C LEU B 185 17.31 3.29 -39.80
N GLY B 186 18.12 2.36 -40.34
CA GLY B 186 19.55 2.31 -40.06
C GLY B 186 19.85 1.21 -39.07
N VAL B 187 20.76 1.48 -38.13
CA VAL B 187 21.17 0.52 -37.09
C VAL B 187 20.67 0.93 -35.70
N LEU B 188 19.83 0.11 -35.10
CA LEU B 188 19.16 0.52 -33.88
C LEU B 188 19.65 -0.18 -32.61
N PRO B 189 19.80 0.55 -31.51
CA PRO B 189 20.14 -0.12 -30.26
C PRO B 189 18.91 -0.69 -29.55
N PRO B 190 19.13 -1.39 -28.43
CA PRO B 190 18.02 -2.06 -27.76
C PRO B 190 16.86 -1.15 -27.37
N SER B 191 17.10 0.16 -27.20
CA SER B 191 15.98 1.07 -26.86
C SER B 191 14.78 0.96 -27.83
N HIS B 192 15.06 0.43 -29.03
CA HIS B 192 14.14 0.47 -30.12
C HIS B 192 13.52 -0.85 -30.48
N PHE B 193 13.69 -1.85 -29.62
CA PHE B 193 13.13 -3.16 -29.92
C PHE B 193 13.08 -4.06 -28.73
N LEU B 194 13.98 -3.86 -27.77
CA LEU B 194 14.11 -4.80 -26.65
C LEU B 194 12.87 -4.87 -25.81
N TYR B 195 12.34 -3.70 -25.47
CA TYR B 195 11.14 -3.62 -24.63
C TYR B 195 9.96 -4.33 -25.31
N VAL B 196 9.76 -4.10 -26.59
CA VAL B 196 8.74 -4.83 -27.33
C VAL B 196 9.02 -6.35 -27.28
N MET B 197 10.25 -6.76 -27.59
CA MET B 197 10.55 -8.18 -27.56
C MET B 197 10.29 -8.77 -26.18
N GLU B 198 10.64 -8.04 -25.12
CA GLU B 198 10.42 -8.52 -23.77
C GLU B 198 8.96 -8.73 -23.62
N THR B 199 8.18 -7.71 -23.98
CA THR B 199 6.73 -7.78 -23.73
C THR B 199 5.99 -8.80 -24.60
N TYR B 200 6.47 -9.07 -25.80
CA TYR B 200 5.82 -10.15 -26.56
C TYR B 200 6.49 -11.54 -26.54
N ASN B 201 7.37 -11.78 -25.57
CA ASN B 201 8.05 -13.08 -25.46
C ASN B 201 8.81 -13.52 -26.72
N LEU B 202 9.58 -12.58 -27.24
CA LEU B 202 10.42 -12.75 -28.41
C LEU B 202 11.91 -12.67 -28.05
N VAL B 203 12.24 -12.61 -26.78
CA VAL B 203 13.62 -12.41 -26.41
C VAL B 203 14.35 -13.72 -26.64
N ASP B 204 13.71 -14.80 -26.22
CA ASP B 204 14.29 -16.13 -26.40
C ASP B 204 14.68 -16.28 -27.88
N LYS B 205 13.83 -15.81 -28.79
CA LYS B 205 14.15 -15.88 -30.22
C LYS B 205 15.38 -15.05 -30.56
N LEU B 206 15.46 -13.83 -30.03
CA LEU B 206 16.65 -13.04 -30.31
C LEU B 206 17.94 -13.68 -29.74
N PHE B 207 17.85 -14.26 -28.56
CA PHE B 207 19.01 -14.75 -27.91
C PHE B 207 19.65 -15.87 -28.78
N TRP B 208 18.82 -16.76 -29.33
CA TRP B 208 19.37 -17.90 -30.07
C TRP B 208 20.00 -17.44 -31.36
N GLN B 209 19.51 -16.36 -31.93
CA GLN B 209 20.13 -15.83 -33.13
C GLN B 209 21.49 -15.25 -32.76
N LEU B 210 21.56 -14.49 -31.68
CA LEU B 210 22.79 -13.78 -31.35
C LEU B 210 23.84 -14.68 -30.72
N PHE B 211 23.35 -15.63 -29.92
CA PHE B 211 24.23 -16.53 -29.22
C PHE B 211 25.07 -17.35 -30.21
N SER B 212 24.48 -17.82 -31.30
CA SER B 212 25.26 -18.55 -32.27
C SER B 212 26.14 -17.64 -33.15
N GLN B 213 25.71 -16.42 -33.47
CA GLN B 213 26.64 -15.50 -34.14
C GLN B 213 27.85 -15.28 -33.26
N GLY B 214 27.60 -15.19 -31.97
CA GLY B 214 28.65 -14.96 -31.01
C GLY B 214 29.59 -16.12 -30.85
N LEU B 215 29.07 -17.33 -30.77
CA LEU B 215 29.94 -18.51 -30.69
C LEU B 215 30.80 -18.63 -31.91
N ALA B 216 30.26 -18.29 -33.06
CA ALA B 216 31.06 -18.22 -34.26
C ALA B 216 32.25 -17.34 -33.97
N THR B 217 32.02 -16.13 -33.49
CA THR B 217 33.08 -15.18 -33.21
C THR B 217 34.06 -15.72 -32.16
N ARG B 218 33.54 -16.29 -31.08
CA ARG B 218 34.38 -16.87 -30.01
C ARG B 218 35.31 -17.97 -30.56
N ARG B 219 34.80 -18.71 -31.54
CA ARG B 219 35.52 -19.76 -32.21
C ARG B 219 36.69 -19.10 -32.93
N LYS B 220 36.41 -18.08 -33.75
CA LYS B 220 37.48 -17.35 -34.44
C LYS B 220 38.60 -16.76 -33.55
N LEU B 221 38.21 -16.29 -32.36
CA LEU B 221 39.15 -15.77 -31.38
C LEU B 221 40.04 -16.85 -30.84
N ALA B 222 39.44 -18.04 -30.60
CA ALA B 222 40.17 -19.17 -30.05
C ALA B 222 41.22 -19.48 -31.06
N GLN B 223 40.77 -19.59 -32.31
CA GLN B 223 41.65 -19.98 -33.36
C GLN B 223 42.80 -19.01 -33.44
N LEU B 224 42.57 -17.75 -33.07
CA LEU B 224 43.61 -16.72 -33.12
C LEU B 224 44.53 -16.68 -31.88
N GLY B 225 44.39 -17.64 -30.97
CA GLY B 225 45.16 -17.60 -29.72
C GLY B 225 44.69 -16.49 -28.77
N GLN B 226 43.59 -15.81 -29.14
CA GLN B 226 42.97 -14.72 -28.37
C GLN B 226 41.94 -15.19 -27.31
N PRO B 227 42.41 -15.41 -26.08
CA PRO B 227 41.49 -15.94 -25.05
C PRO B 227 40.51 -14.88 -24.52
N ILE B 228 39.68 -14.33 -25.40
CA ILE B 228 38.71 -13.33 -25.00
C ILE B 228 37.39 -14.05 -24.79
N ASN B 229 36.88 -14.07 -23.56
CA ASN B 229 35.56 -14.65 -23.32
C ASN B 229 34.46 -13.69 -23.72
N LEU B 230 33.37 -14.22 -24.28
CA LEU B 230 32.24 -13.40 -24.70
C LEU B 230 31.02 -13.61 -23.78
N ALA B 231 30.33 -12.52 -23.44
CA ALA B 231 29.30 -12.56 -22.41
C ALA B 231 28.00 -12.21 -23.08
N PHE B 232 26.93 -12.96 -22.80
CA PHE B 232 25.64 -12.76 -23.42
C PHE B 232 24.59 -12.48 -22.36
N ASN B 233 23.70 -11.57 -22.69
CA ASN B 233 22.63 -11.19 -21.78
C ASN B 233 21.50 -12.21 -21.83
N VAL B 234 21.14 -12.69 -20.66
CA VAL B 234 20.04 -13.61 -20.55
C VAL B 234 18.95 -12.87 -19.81
N HIS B 235 17.82 -12.68 -20.47
CA HIS B 235 16.65 -12.07 -19.91
C HIS B 235 15.97 -13.10 -18.99
N PRO B 236 15.39 -12.61 -17.86
CA PRO B 236 14.79 -13.48 -16.85
C PRO B 236 13.75 -14.44 -17.41
N SER B 237 12.91 -13.96 -18.35
CA SER B 237 11.90 -14.83 -18.96
C SER B 237 12.46 -16.13 -19.54
N GLN B 238 13.57 -16.01 -20.27
CA GLN B 238 14.27 -17.14 -20.84
C GLN B 238 14.61 -18.19 -19.83
N LEU B 239 14.68 -17.83 -18.56
CA LEU B 239 15.00 -18.80 -17.54
C LEU B 239 13.79 -19.69 -17.29
N GLY B 240 12.64 -19.26 -17.82
CA GLY B 240 11.41 -20.04 -17.82
C GLY B 240 11.59 -21.50 -18.23
N SER B 241 12.25 -21.74 -19.38
CA SER B 241 12.43 -23.09 -19.92
C SER B 241 13.42 -23.94 -19.15
N ARG B 242 12.93 -25.09 -18.69
CA ARG B 242 13.78 -26.05 -17.95
C ARG B 242 15.05 -26.48 -18.71
N ALA B 243 15.09 -26.29 -20.04
CA ALA B 243 16.17 -26.81 -20.90
C ALA B 243 17.22 -25.79 -21.36
N LEU B 244 17.10 -24.55 -20.90
CA LEU B 244 17.99 -23.50 -21.30
C LEU B 244 19.44 -23.92 -21.11
N ALA B 245 19.80 -24.29 -19.89
CA ALA B 245 21.16 -24.71 -19.66
C ALA B 245 21.59 -25.89 -20.56
N GLU B 246 20.68 -26.79 -20.85
CA GLU B 246 21.00 -27.95 -21.67
C GLU B 246 21.12 -27.53 -23.14
N ASN B 247 20.30 -26.58 -23.56
CA ASN B 247 20.36 -26.08 -24.92
C ASN B 247 21.61 -25.29 -25.17
N ILE B 248 21.99 -24.50 -24.19
CA ILE B 248 23.22 -23.77 -24.22
C ILE B 248 24.41 -24.74 -24.27
N SER B 249 24.34 -25.89 -23.57
CA SER B 249 25.50 -26.79 -23.57
C SER B 249 25.61 -27.56 -24.87
N ALA B 250 24.47 -27.92 -25.42
CA ALA B 250 24.47 -28.63 -26.69
C ALA B 250 25.06 -27.72 -27.73
N LEU B 251 24.73 -26.45 -27.66
CA LEU B 251 25.21 -25.51 -28.63
C LEU B 251 26.69 -25.26 -28.46
N LEU B 252 27.18 -25.23 -27.20
CA LEU B 252 28.61 -25.00 -26.97
C LEU B 252 29.43 -26.17 -27.52
N THR B 253 28.95 -27.39 -27.28
CA THR B 253 29.56 -28.60 -27.81
C THR B 253 29.53 -28.52 -29.35
N GLU B 254 28.42 -28.08 -29.90
CA GLU B 254 28.31 -28.04 -31.33
C GLU B 254 29.40 -27.10 -31.96
N PHE B 255 29.78 -26.07 -31.23
CA PHE B 255 30.70 -25.08 -31.73
C PHE B 255 32.11 -25.41 -31.27
N HIS B 256 32.33 -26.60 -30.71
CA HIS B 256 33.69 -26.97 -30.20
C HIS B 256 34.21 -25.98 -29.13
N LEU B 257 33.31 -25.58 -28.23
CA LEU B 257 33.66 -24.62 -27.18
C LEU B 257 33.43 -25.12 -25.76
N PRO B 258 34.41 -24.87 -24.88
CA PRO B 258 34.18 -25.23 -23.50
C PRO B 258 33.29 -24.16 -22.82
N PRO B 259 32.47 -24.56 -21.82
CA PRO B 259 31.68 -23.59 -21.07
C PRO B 259 32.50 -22.37 -20.62
N SER B 260 33.75 -22.59 -20.22
CA SER B 260 34.58 -21.45 -19.73
C SER B 260 34.86 -20.39 -20.77
N SER B 261 34.47 -20.61 -22.03
CA SER B 261 34.82 -19.63 -23.07
C SER B 261 33.77 -18.55 -23.10
N VAL B 262 32.76 -18.74 -22.28
CA VAL B 262 31.57 -17.92 -22.36
C VAL B 262 31.07 -17.45 -20.99
N MET B 263 30.35 -16.35 -21.02
CA MET B 263 29.72 -15.81 -19.79
C MET B 263 28.28 -15.43 -20.06
N PHE B 264 27.42 -15.50 -19.05
CA PHE B 264 26.04 -14.93 -19.18
C PHE B 264 25.78 -13.88 -18.10
N GLU B 265 24.96 -12.90 -18.48
CA GLU B 265 24.74 -11.69 -17.66
C GLU B 265 23.24 -11.51 -17.46
N ILE B 266 22.80 -11.27 -16.23
CA ILE B 266 21.39 -11.00 -15.91
C ILE B 266 21.42 -9.80 -15.02
N THR B 267 20.45 -8.90 -15.17
CA THR B 267 20.34 -7.77 -14.30
C THR B 267 19.99 -8.24 -12.88
N GLU B 268 20.31 -7.41 -11.92
CA GLU B 268 19.88 -7.60 -10.56
C GLU B 268 18.36 -7.68 -10.41
N THR B 269 17.64 -6.75 -11.02
CA THR B 269 16.19 -6.74 -11.03
C THR B 269 15.69 -8.04 -11.60
N GLY B 270 16.28 -8.49 -12.70
CA GLY B 270 15.94 -9.80 -13.27
C GLY B 270 16.16 -10.95 -12.32
N LEU B 271 17.31 -11.01 -11.69
CA LEU B 271 17.60 -12.11 -10.79
C LEU B 271 16.61 -12.14 -9.62
N ILE B 272 16.37 -10.97 -9.03
CA ILE B 272 15.37 -10.76 -8.00
C ILE B 272 13.95 -11.28 -8.36
N SER B 273 13.53 -11.01 -9.58
CA SER B 273 12.17 -11.21 -10.03
C SER B 273 11.88 -12.61 -10.57
N ALA B 274 12.78 -13.56 -10.34
CA ALA B 274 12.67 -14.85 -10.98
C ALA B 274 12.28 -15.95 -10.00
N PRO B 275 11.43 -16.88 -10.44
CA PRO B 275 11.06 -17.95 -9.53
C PRO B 275 12.24 -18.86 -9.30
N ALA B 276 12.28 -19.50 -8.14
CA ALA B 276 13.35 -20.44 -7.83
C ALA B 276 13.48 -21.49 -8.92
N SER B 277 12.37 -22.06 -9.39
CA SER B 277 12.48 -23.03 -10.45
C SER B 277 13.42 -22.46 -11.51
N SER B 278 13.20 -21.19 -11.87
CA SER B 278 13.96 -20.52 -12.95
C SER B 278 15.42 -20.27 -12.59
N LEU B 279 15.66 -19.96 -11.31
CA LEU B 279 17.01 -19.74 -10.82
C LEU B 279 17.87 -20.98 -10.93
N GLU B 280 17.23 -22.13 -11.12
CA GLU B 280 17.98 -23.40 -11.21
C GLU B 280 18.86 -23.51 -12.47
N ASN B 281 18.45 -22.88 -13.56
CA ASN B 281 19.32 -22.76 -14.73
C ASN B 281 20.66 -22.06 -14.48
N LEU B 282 20.68 -21.04 -13.60
CA LEU B 282 21.94 -20.33 -13.34
C LEU B 282 22.85 -21.25 -12.61
N VAL B 283 22.28 -22.02 -11.70
CA VAL B 283 23.02 -22.98 -10.93
C VAL B 283 23.64 -23.92 -11.95
N ARG B 284 22.85 -24.33 -12.94
CA ARG B 284 23.36 -25.26 -13.94
C ARG B 284 24.49 -24.69 -14.77
N LEU B 285 24.29 -23.48 -15.29
CA LEU B 285 25.34 -22.81 -16.07
C LEU B 285 26.58 -22.70 -15.23
N TRP B 286 26.38 -22.48 -13.94
CA TRP B 286 27.47 -22.29 -12.99
C TRP B 286 28.26 -23.59 -12.87
N ILE B 287 27.54 -24.70 -12.69
CA ILE B 287 28.16 -26.06 -12.63
C ILE B 287 28.85 -26.47 -13.96
N MET B 288 28.19 -26.20 -15.09
CA MET B 288 28.80 -26.45 -16.40
C MET B 288 30.17 -25.75 -16.50
N GLY B 289 30.31 -24.60 -15.83
CA GLY B 289 31.58 -23.88 -15.83
C GLY B 289 31.59 -22.59 -16.61
N CYS B 290 30.42 -22.15 -17.07
CA CYS B 290 30.28 -20.80 -17.63
C CYS B 290 30.54 -19.72 -16.57
N GLY B 291 31.14 -18.61 -17.00
CA GLY B 291 31.10 -17.36 -16.24
C GLY B 291 29.66 -16.89 -16.03
N LEU B 292 29.41 -16.19 -14.92
CA LEU B 292 28.11 -15.53 -14.72
C LEU B 292 28.29 -14.16 -14.12
N ALA B 293 27.59 -13.20 -14.66
CA ALA B 293 27.77 -11.85 -14.21
C ALA B 293 26.43 -11.31 -13.77
N MET B 294 26.41 -10.61 -12.64
CA MET B 294 25.20 -9.92 -12.30
C MET B 294 25.34 -8.46 -12.71
N ASP B 295 24.40 -8.07 -13.54
CA ASP B 295 24.47 -6.92 -14.38
C ASP B 295 23.62 -5.77 -13.79
N ASP B 296 23.90 -4.52 -14.17
CA ASP B 296 23.20 -3.35 -13.58
C ASP B 296 23.14 -3.42 -12.08
N PHE B 297 24.26 -3.64 -11.42
CA PHE B 297 24.24 -3.81 -9.96
C PHE B 297 24.23 -2.44 -9.28
N GLY B 298 23.94 -2.40 -8.00
CA GLY B 298 24.22 -1.15 -7.30
C GLY B 298 23.16 -0.70 -6.33
N ALA B 299 22.05 -1.42 -6.29
CA ALA B 299 20.89 -0.98 -5.61
C ALA B 299 20.94 -1.36 -4.12
N GLY B 300 21.41 -2.57 -3.82
CA GLY B 300 21.59 -3.02 -2.45
C GLY B 300 22.29 -4.35 -2.37
N TYR B 301 21.86 -5.20 -1.45
CA TYR B 301 22.58 -6.40 -1.08
C TYR B 301 21.73 -7.68 -1.03
N SER B 302 20.42 -7.50 -1.01
CA SER B 302 19.55 -8.63 -0.75
C SER B 302 19.46 -9.61 -1.93
N SER B 303 19.88 -9.19 -3.11
CA SER B 303 20.07 -10.15 -4.20
C SER B 303 21.17 -11.18 -3.91
N LEU B 304 22.09 -10.93 -2.99
CA LEU B 304 23.19 -11.89 -2.71
C LEU B 304 22.69 -13.20 -2.10
N ASP B 305 21.50 -13.13 -1.49
CA ASP B 305 20.99 -14.20 -0.65
C ASP B 305 19.97 -15.18 -1.29
N ARG B 306 19.63 -15.00 -2.58
CA ARG B 306 18.58 -15.77 -3.25
C ARG B 306 18.88 -17.27 -3.37
N LEU B 307 20.16 -17.60 -3.46
CA LEU B 307 20.63 -18.95 -3.75
C LEU B 307 21.62 -19.41 -2.72
N CYS B 308 21.70 -20.72 -2.52
CA CYS B 308 22.62 -21.28 -1.54
C CYS B 308 24.09 -20.86 -1.78
N GLU B 309 24.61 -21.11 -2.96
CA GLU B 309 25.96 -20.59 -3.27
C GLU B 309 25.89 -19.50 -4.33
N PHE B 310 26.66 -18.45 -4.14
CA PHE B 310 26.67 -17.33 -5.07
C PHE B 310 27.31 -17.82 -6.39
N PRO B 311 26.51 -17.92 -7.46
CA PRO B 311 27.02 -18.51 -8.67
C PRO B 311 27.82 -17.53 -9.55
N PHE B 312 27.92 -16.27 -9.14
CA PHE B 312 28.47 -15.20 -9.98
C PHE B 312 29.95 -15.04 -9.90
N SER B 313 30.61 -14.98 -11.05
CA SER B 313 32.06 -14.72 -11.11
C SER B 313 32.35 -13.26 -11.38
N GLN B 314 31.32 -12.48 -11.71
CA GLN B 314 31.48 -11.08 -12.04
C GLN B 314 30.27 -10.23 -11.66
N ILE B 315 30.57 -9.00 -11.30
CA ILE B 315 29.54 -8.01 -11.08
C ILE B 315 29.77 -6.79 -11.99
N LYS B 316 28.68 -6.28 -12.54
CA LYS B 316 28.79 -5.07 -13.31
C LYS B 316 27.93 -3.97 -12.72
N LEU B 317 28.54 -2.82 -12.60
CA LEU B 317 27.89 -1.63 -12.02
C LEU B 317 27.13 -0.93 -13.08
N ASP B 318 25.95 -0.51 -12.71
CA ASP B 318 25.08 0.23 -13.61
C ASP B 318 25.72 1.51 -14.22
N ARG B 319 25.65 1.64 -15.54
CA ARG B 319 26.16 2.77 -16.31
C ARG B 319 25.96 4.13 -15.62
N THR B 320 24.81 4.31 -14.99
CA THR B 320 24.48 5.59 -14.43
C THR B 320 25.49 5.98 -13.36
N PHE B 321 26.19 5.02 -12.78
CA PHE B 321 27.15 5.34 -11.73
C PHE B 321 28.30 6.24 -12.11
N VAL B 322 28.81 6.08 -13.32
CA VAL B 322 29.84 6.96 -13.80
C VAL B 322 29.32 8.39 -14.02
N GLN B 323 28.08 8.52 -14.46
CA GLN B 323 27.55 9.83 -14.83
C GLN B 323 27.31 10.60 -13.55
N LYS B 324 26.93 9.90 -12.50
CA LYS B 324 26.56 10.53 -11.27
C LYS B 324 27.77 10.95 -10.47
N MET B 325 28.96 10.45 -10.78
CA MET B 325 30.16 10.83 -10.03
C MET B 325 30.29 12.32 -9.75
N LYS B 326 30.06 13.18 -10.75
CA LYS B 326 30.24 14.62 -10.53
C LYS B 326 28.95 15.17 -10.03
N THR B 327 27.89 14.80 -10.72
CA THR B 327 26.52 15.16 -10.45
C THR B 327 26.06 14.91 -9.02
N GLN B 328 26.41 13.74 -8.47
CA GLN B 328 26.10 13.34 -7.08
C GLN B 328 27.24 12.52 -6.49
N PRO B 329 28.26 13.18 -5.91
CA PRO B 329 29.46 12.54 -5.36
C PRO B 329 29.27 11.44 -4.26
N ARG B 330 28.09 11.33 -3.68
CA ARG B 330 27.88 10.28 -2.68
C ARG B 330 27.84 8.94 -3.32
N SER B 331 27.62 8.93 -4.62
CA SER B 331 27.66 7.72 -5.43
C SER B 331 29.07 7.14 -5.52
N CYS B 332 30.08 7.96 -5.27
CA CYS B 332 31.41 7.42 -5.17
C CYS B 332 31.53 6.48 -3.98
N ALA B 333 30.74 6.71 -2.94
CA ALA B 333 30.78 5.83 -1.81
C ALA B 333 30.20 4.48 -2.21
N VAL B 334 29.11 4.47 -2.97
CA VAL B 334 28.67 3.20 -3.40
C VAL B 334 29.67 2.47 -4.27
N ILE B 335 30.38 3.18 -5.13
CA ILE B 335 31.36 2.52 -6.00
C ILE B 335 32.40 1.85 -5.11
N SER B 336 32.84 2.55 -4.07
CA SER B 336 33.78 1.98 -3.11
C SER B 336 33.23 0.73 -2.42
N SER B 337 31.96 0.74 -2.04
CA SER B 337 31.41 -0.39 -1.31
C SER B 337 31.33 -1.58 -2.25
N VAL B 338 31.08 -1.31 -3.53
CA VAL B 338 30.93 -2.39 -4.46
C VAL B 338 32.29 -2.98 -4.80
N VAL B 339 33.31 -2.12 -4.89
CA VAL B 339 34.67 -2.57 -5.09
C VAL B 339 35.03 -3.52 -3.96
N ALA B 340 34.74 -3.09 -2.72
CA ALA B 340 35.05 -3.81 -1.51
C ALA B 340 34.30 -5.14 -1.52
N LEU B 341 33.00 -5.10 -1.91
CA LEU B 341 32.21 -6.32 -2.07
C LEU B 341 32.81 -7.36 -3.02
N ALA B 342 33.04 -6.95 -4.27
CA ALA B 342 33.64 -7.85 -5.26
C ALA B 342 34.96 -8.49 -4.75
N GLN B 343 35.81 -7.69 -4.15
CA GLN B 343 37.08 -8.20 -3.67
C GLN B 343 36.91 -9.28 -2.60
N ALA B 344 35.95 -9.04 -1.70
CA ALA B 344 35.67 -9.90 -0.60
C ALA B 344 35.04 -11.20 -1.07
N LEU B 345 34.43 -11.19 -2.26
CA LEU B 345 33.78 -12.37 -2.80
C LEU B 345 34.74 -13.07 -3.76
N GLY B 346 35.89 -12.43 -4.01
CA GLY B 346 36.85 -12.89 -4.97
C GLY B 346 36.26 -12.99 -6.36
N ILE B 347 35.55 -11.96 -6.81
CA ILE B 347 35.01 -11.94 -8.16
C ILE B 347 35.39 -10.63 -8.76
N SER B 348 35.08 -10.46 -10.04
CA SER B 348 35.53 -9.32 -10.74
C SER B 348 34.44 -8.25 -10.79
N LEU B 349 34.85 -7.01 -11.07
CA LEU B 349 33.96 -5.87 -11.19
C LEU B 349 34.18 -5.14 -12.52
N VAL B 350 33.12 -4.93 -13.27
CA VAL B 350 33.21 -4.10 -14.44
C VAL B 350 32.40 -2.83 -14.13
N VAL B 351 32.86 -1.70 -14.62
CA VAL B 351 32.11 -0.47 -14.50
C VAL B 351 31.87 0.02 -15.93
N GLU B 352 30.63 0.37 -16.26
CA GLU B 352 30.30 0.67 -17.65
C GLU B 352 30.08 2.14 -17.81
N GLY B 353 30.13 2.59 -19.05
CA GLY B 353 29.73 3.90 -19.41
C GLY B 353 30.82 4.88 -19.17
N VAL B 354 32.06 4.39 -19.26
CA VAL B 354 33.24 5.20 -19.01
C VAL B 354 33.53 5.93 -20.28
N GLU B 355 33.30 7.24 -20.27
CA GLU B 355 33.49 8.07 -21.48
C GLU B 355 34.65 9.06 -21.51
N SER B 356 35.06 9.58 -20.35
CA SER B 356 36.13 10.57 -20.30
C SER B 356 37.26 10.03 -19.49
N ASP B 357 38.43 10.64 -19.64
CA ASP B 357 39.61 10.18 -18.95
C ASP B 357 39.61 10.58 -17.47
N GLU B 358 38.96 11.70 -17.18
CA GLU B 358 38.72 12.15 -15.81
C GLU B 358 37.91 11.08 -15.02
N GLN B 359 36.90 10.46 -15.65
CA GLN B 359 36.23 9.32 -15.04
C GLN B 359 37.14 8.11 -14.82
N ARG B 360 37.92 7.78 -15.86
CA ARG B 360 38.84 6.67 -15.80
C ARG B 360 39.77 6.75 -14.59
N VAL B 361 40.41 7.90 -14.41
CA VAL B 361 41.31 8.16 -13.29
C VAL B 361 40.61 8.08 -11.91
N ARG B 362 39.42 8.65 -11.82
CA ARG B 362 38.70 8.55 -10.59
C ARG B 362 38.31 7.06 -10.28
N LEU B 363 37.84 6.35 -11.28
CA LEU B 363 37.51 4.96 -11.10
C LEU B 363 38.73 4.17 -10.59
N ILE B 364 39.91 4.42 -11.20
CA ILE B 364 41.13 3.75 -10.73
C ILE B 364 41.41 4.14 -9.28
N GLU B 365 41.25 5.41 -8.98
CA GLU B 365 41.42 5.87 -7.63
C GLU B 365 40.50 5.13 -6.62
N LEU B 366 39.25 4.83 -7.02
CA LEU B 366 38.30 4.13 -6.11
C LEU B 366 38.57 2.63 -5.94
N GLY B 367 39.50 2.11 -6.75
CA GLY B 367 39.79 0.70 -6.72
C GLY B 367 39.18 -0.09 -7.88
N CYS B 368 38.47 0.54 -8.82
CA CYS B 368 37.97 -0.23 -9.95
C CYS B 368 39.11 -0.78 -10.83
N SER B 369 38.83 -1.83 -11.61
CA SER B 369 39.89 -2.49 -12.37
C SER B 369 39.51 -2.79 -13.83
N ILE B 370 38.23 -3.07 -14.11
CA ILE B 370 37.81 -3.45 -15.47
C ILE B 370 36.69 -2.53 -15.85
N ALA B 371 36.57 -2.22 -17.12
CA ALA B 371 35.65 -1.21 -17.55
C ALA B 371 35.17 -1.47 -18.96
N GLN B 372 34.03 -0.91 -19.29
CA GLN B 372 33.56 -0.80 -20.68
C GLN B 372 33.17 0.63 -20.93
N GLY B 373 33.35 1.09 -22.17
CA GLY B 373 32.73 2.32 -22.59
C GLY B 373 33.40 3.02 -23.76
N TYR B 374 32.73 4.07 -24.23
CA TYR B 374 33.18 4.85 -25.38
C TYR B 374 34.62 5.32 -25.29
N LEU B 375 35.09 5.60 -24.08
CA LEU B 375 36.49 5.98 -23.90
C LEU B 375 37.49 4.95 -24.42
N PHE B 376 37.13 3.67 -24.33
CA PHE B 376 38.04 2.60 -24.75
C PHE B 376 37.65 2.03 -26.13
N ALA B 377 36.39 1.62 -26.29
CA ALA B 377 35.89 1.09 -27.55
C ALA B 377 34.37 1.09 -27.62
N ARG B 378 33.84 1.56 -28.74
CA ARG B 378 32.41 1.39 -29.07
C ARG B 378 32.07 -0.06 -29.40
N PRO B 379 30.80 -0.41 -29.25
CA PRO B 379 30.33 -1.68 -29.80
C PRO B 379 30.71 -1.83 -31.28
N MET B 380 31.35 -2.96 -31.62
CA MET B 380 31.76 -3.23 -32.99
C MET B 380 31.07 -4.45 -33.58
N PRO B 381 30.76 -4.42 -34.90
CA PRO B 381 30.49 -5.66 -35.65
C PRO B 381 31.74 -6.54 -35.70
N GLU B 382 31.50 -7.82 -35.95
CA GLU B 382 32.51 -8.88 -35.81
C GLU B 382 33.86 -8.55 -36.41
N GLN B 383 33.91 -8.23 -37.69
CA GLN B 383 35.22 -7.98 -38.26
C GLN B 383 35.94 -6.79 -37.62
N HIS B 384 35.26 -5.68 -37.40
CA HIS B 384 35.94 -4.59 -36.70
C HIS B 384 36.45 -5.12 -35.35
N PHE B 385 35.62 -5.95 -34.71
CA PHE B 385 35.95 -6.50 -33.40
C PHE B 385 37.17 -7.41 -33.45
N LEU B 386 37.18 -8.29 -34.45
CA LEU B 386 38.30 -9.20 -34.69
C LEU B 386 39.60 -8.44 -34.93
N ASP B 387 39.57 -7.44 -35.84
CA ASP B 387 40.69 -6.55 -36.11
C ASP B 387 41.08 -5.82 -34.85
N TYR B 388 40.09 -5.32 -34.11
CA TYR B 388 40.41 -4.70 -32.83
C TYR B 388 41.20 -5.67 -31.96
N CYS B 389 40.85 -6.96 -31.97
CA CYS B 389 41.57 -7.94 -31.19
C CYS B 389 42.88 -8.36 -31.89
N SER B 390 43.70 -7.37 -32.21
CA SER B 390 45.07 -7.56 -32.73
C SER B 390 45.79 -6.25 -32.38
N GLY B 391 46.43 -6.25 -31.21
CA GLY B 391 46.91 -5.02 -30.56
C GLY B 391 46.88 -5.25 -29.05
N SER B 392 48.08 -5.35 -28.46
CA SER B 392 48.30 -5.87 -27.07
C SER B 392 49.29 -5.00 -26.25
N ASN C 2 12.61 48.24 -2.76
CA ASN C 2 12.37 49.68 -3.10
C ASN C 2 11.18 50.29 -2.31
N ASP C 3 11.31 50.43 -0.99
CA ASP C 3 12.47 50.04 -0.20
C ASP C 3 12.17 48.81 0.73
N LEU C 4 12.96 47.75 0.63
CA LEU C 4 12.74 46.53 1.43
C LEU C 4 13.16 46.64 2.89
N ASN C 5 12.71 45.68 3.68
CA ASN C 5 12.95 45.65 5.10
C ASN C 5 13.49 44.26 5.54
N VAL C 6 14.81 44.13 5.58
CA VAL C 6 15.43 42.85 5.81
C VAL C 6 15.81 42.65 7.27
N LEU C 7 15.58 41.45 7.81
CA LEU C 7 16.00 41.16 9.19
C LEU C 7 16.96 40.00 9.23
N VAL C 8 18.20 40.25 9.67
CA VAL C 8 19.19 39.20 9.67
C VAL C 8 19.39 38.68 11.07
N LEU C 9 19.25 37.37 11.23
CA LEU C 9 19.63 36.68 12.46
C LEU C 9 20.96 35.94 12.26
N GLU C 10 21.99 36.46 12.93
CA GLU C 10 23.34 35.96 12.83
C GLU C 10 24.07 36.17 14.18
N ASP C 11 24.29 35.06 14.89
CA ASP C 11 25.03 35.04 16.15
C ASP C 11 26.48 35.56 16.09
N GLU C 12 27.33 34.86 15.32
CA GLU C 12 28.77 35.15 15.22
C GLU C 12 28.99 36.62 14.78
N PRO C 13 29.54 37.48 15.67
CA PRO C 13 29.55 38.93 15.38
C PRO C 13 30.26 39.35 14.11
N PHE C 14 31.43 38.74 13.80
CA PHE C 14 32.14 39.05 12.54
C PHE C 14 31.31 38.66 11.32
N GLN C 15 30.65 37.53 11.41
CA GLN C 15 29.73 37.09 10.38
C GLN C 15 28.62 38.14 10.23
N ARG C 16 28.08 38.59 11.37
CA ARG C 16 27.03 39.60 11.35
C ARG C 16 27.54 40.82 10.62
N LEU C 17 28.69 41.31 11.06
CA LEU C 17 29.35 42.45 10.43
C LEU C 17 29.42 42.37 8.88
N VAL C 18 29.95 41.25 8.38
CA VAL C 18 30.17 41.03 6.94
C VAL C 18 28.84 40.95 6.19
N ALA C 19 27.90 40.17 6.74
CA ALA C 19 26.57 40.00 6.14
C ALA C 19 25.84 41.33 5.94
N VAL C 20 25.60 42.05 7.04
CA VAL C 20 24.92 43.33 7.02
C VAL C 20 25.60 44.26 6.03
N THR C 21 26.92 44.29 6.05
CA THR C 21 27.65 45.19 5.17
C THR C 21 27.41 44.83 3.70
N ALA C 22 27.28 43.55 3.41
CA ALA C 22 27.03 43.12 2.04
C ALA C 22 25.61 43.50 1.61
N LEU C 23 24.74 43.61 2.61
CA LEU C 23 23.32 43.90 2.39
C LEU C 23 23.01 45.39 2.15
N LYS C 24 23.81 46.26 2.78
CA LYS C 24 23.78 47.70 2.54
C LYS C 24 24.00 48.03 1.05
N LYS C 25 24.92 47.33 0.41
CA LYS C 25 25.31 47.62 -0.96
C LYS C 25 24.20 47.39 -1.98
N VAL C 26 23.36 46.40 -1.72
CA VAL C 26 22.39 45.97 -2.72
C VAL C 26 20.94 46.21 -2.31
N VAL C 27 20.71 46.24 -1.00
CA VAL C 27 19.35 46.28 -0.48
C VAL C 27 18.87 47.72 -0.31
N PRO C 28 17.96 48.13 -1.18
CA PRO C 28 17.40 49.45 -1.02
C PRO C 28 16.35 49.41 0.11
N GLY C 29 16.68 50.02 1.25
CA GLY C 29 15.77 50.05 2.39
C GLY C 29 16.49 49.78 3.70
N SER C 30 15.70 49.66 4.77
CA SER C 30 16.21 49.36 6.10
C SER C 30 16.78 47.92 6.23
N ILE C 31 17.59 47.70 7.29
CA ILE C 31 18.13 46.39 7.68
C ILE C 31 18.21 46.33 9.21
N LEU C 32 17.77 45.22 9.79
CA LEU C 32 17.78 45.03 11.25
C LEU C 32 18.72 43.91 11.64
N GLU C 33 19.07 43.80 12.92
CA GLU C 33 20.15 42.91 13.38
C GLU C 33 19.85 42.25 14.72
N ALA C 34 20.09 40.93 14.80
CA ALA C 34 19.91 40.14 16.03
C ALA C 34 21.06 39.16 16.30
N ALA C 35 21.61 39.23 17.51
CA ALA C 35 22.71 38.36 17.92
C ALA C 35 22.23 37.01 18.43
N ASP C 36 20.92 36.86 18.61
CA ASP C 36 20.28 35.54 18.86
C ASP C 36 18.77 35.58 18.70
N GLY C 37 18.11 34.52 19.17
CA GLY C 37 16.65 34.36 19.08
C GLY C 37 15.84 35.36 19.88
N LYS C 38 16.18 35.52 21.15
CA LYS C 38 15.54 36.49 22.06
C LYS C 38 15.56 37.95 21.56
N GLU C 39 16.65 38.35 20.91
CA GLU C 39 16.80 39.72 20.38
C GLU C 39 16.05 39.93 19.07
N ALA C 40 15.88 38.83 18.33
CA ALA C 40 15.20 38.84 17.04
C ALA C 40 13.71 38.87 17.28
N VAL C 41 13.29 38.08 18.27
CA VAL C 41 11.88 37.96 18.69
C VAL C 41 11.40 39.25 19.33
N ALA C 42 12.35 40.11 19.72
CA ALA C 42 12.04 41.44 20.21
C ALA C 42 12.03 42.50 19.09
N ILE C 43 12.85 42.30 18.05
CA ILE C 43 12.78 43.18 16.87
C ILE C 43 11.42 42.98 16.21
N LEU C 44 10.96 41.73 16.26
CA LEU C 44 9.61 41.39 15.80
C LEU C 44 8.54 42.03 16.68
N GLU C 45 8.63 41.81 18.01
CA GLU C 45 7.63 42.29 18.99
C GLU C 45 7.22 43.76 18.83
N SER C 46 8.06 44.53 18.15
CA SER C 46 7.68 45.85 17.72
C SER C 46 8.39 46.18 16.41
N CYS C 47 7.78 45.74 15.33
CA CYS C 47 8.10 46.24 13.98
C CYS C 47 6.96 45.97 13.01
N GLY C 48 6.99 46.66 11.87
CA GLY C 48 5.98 46.46 10.83
C GLY C 48 6.31 45.21 10.02
N HIS C 49 5.98 45.26 8.74
CA HIS C 49 6.29 44.20 7.79
C HIS C 49 7.81 43.97 7.78
N VAL C 50 8.21 42.73 7.50
CA VAL C 50 9.61 42.36 7.20
C VAL C 50 9.54 41.64 5.87
N ASP C 51 10.19 42.17 4.86
CA ASP C 51 10.09 41.55 3.54
C ASP C 51 10.86 40.25 3.47
N ILE C 52 12.07 40.25 4.02
CA ILE C 52 12.92 39.07 4.05
C ILE C 52 13.55 38.87 5.43
N ALA C 53 13.40 37.67 5.96
CA ALA C 53 14.16 37.21 7.11
C ALA C 53 15.31 36.33 6.63
N ILE C 54 16.48 36.51 7.24
CA ILE C 54 17.63 35.69 6.93
C ILE C 54 18.23 35.11 8.21
N CYS C 55 18.52 33.82 8.17
CA CYS C 55 19.20 33.11 9.25
C CYS C 55 20.02 31.93 8.72
N ASP C 56 20.95 31.44 9.53
CA ASP C 56 21.85 30.36 9.11
C ASP C 56 21.56 28.99 9.75
N LEU C 57 20.99 28.09 8.94
CA LEU C 57 20.48 26.76 9.40
C LEU C 57 21.53 25.66 9.54
N GLN C 58 22.64 25.80 8.82
CA GLN C 58 23.79 24.93 8.99
C GLN C 58 24.55 25.18 10.33
N MET C 59 24.81 26.45 10.66
CA MET C 59 25.62 26.79 11.84
C MET C 59 24.88 26.73 13.18
N SER C 60 23.64 27.22 13.19
CA SER C 60 22.67 26.94 14.27
C SER C 60 21.24 27.17 13.75
N GLY C 61 20.49 26.10 13.57
CA GLY C 61 20.63 24.88 14.31
C GLY C 61 19.26 24.83 14.95
N MET C 62 19.18 24.51 16.23
CA MET C 62 17.86 24.53 16.81
C MET C 62 17.37 25.94 17.19
N ASP C 63 18.27 26.91 17.25
CA ASP C 63 17.85 28.28 17.43
C ASP C 63 17.15 28.81 16.16
N GLY C 64 17.81 28.62 15.01
CA GLY C 64 17.31 29.07 13.72
C GLY C 64 15.91 28.60 13.41
N LEU C 65 15.66 27.30 13.60
CA LEU C 65 14.31 26.78 13.44
C LEU C 65 13.27 27.52 14.30
N ALA C 66 13.52 27.59 15.62
CA ALA C 66 12.56 28.17 16.56
C ALA C 66 12.31 29.65 16.26
N PHE C 67 13.38 30.37 15.92
CA PHE C 67 13.25 31.67 15.34
C PHE C 67 12.19 31.66 14.25
N LEU C 68 12.41 30.86 13.20
CA LEU C 68 11.56 30.97 12.03
C LEU C 68 10.11 30.83 12.43
N ARG C 69 9.86 30.04 13.47
CA ARG C 69 8.51 29.85 14.01
C ARG C 69 8.02 31.13 14.67
N HIS C 70 8.91 31.78 15.40
CA HIS C 70 8.59 33.08 15.96
C HIS C 70 8.24 34.00 14.78
N ALA C 71 9.11 34.03 13.76
CA ALA C 71 8.86 34.76 12.52
C ALA C 71 7.48 34.42 11.99
N SER C 72 7.19 33.13 11.96
CA SER C 72 5.90 32.60 11.55
C SER C 72 4.73 33.14 12.40
N LEU C 73 4.80 32.90 13.71
CA LEU C 73 3.75 33.27 14.71
C LEU C 73 3.39 34.76 14.71
N SER C 74 4.41 35.61 14.51
CA SER C 74 4.27 37.06 14.48
C SER C 74 3.34 37.54 13.36
N GLY C 75 3.24 36.73 12.29
CA GLY C 75 2.47 37.09 11.09
C GLY C 75 3.13 38.20 10.29
N LYS C 76 4.34 38.58 10.68
CA LYS C 76 4.96 39.81 10.18
C LYS C 76 6.02 39.67 9.09
N VAL C 77 6.41 38.44 8.75
CA VAL C 77 7.46 38.18 7.76
C VAL C 77 6.91 37.48 6.51
N HIS C 78 7.38 37.88 5.34
CA HIS C 78 6.94 37.28 4.09
C HIS C 78 7.86 36.16 3.58
N SER C 79 9.16 36.44 3.51
CA SER C 79 10.08 35.61 2.76
C SER C 79 11.33 35.27 3.51
N VAL C 80 12.03 34.23 3.03
CA VAL C 80 13.22 33.73 3.67
C VAL C 80 14.36 33.52 2.70
N ILE C 81 15.52 34.00 3.10
CA ILE C 81 16.78 33.67 2.48
C ILE C 81 17.57 32.93 3.56
N LEU C 82 18.14 31.77 3.22
CA LEU C 82 18.99 31.04 4.19
C LEU C 82 20.39 31.46 3.92
N SER C 83 21.12 31.73 5.01
CA SER C 83 22.48 32.32 4.90
C SER C 83 23.59 31.26 4.84
N SER C 84 23.20 30.00 4.66
CA SER C 84 24.11 28.98 4.15
C SER C 84 23.52 28.25 2.94
N GLU C 85 24.40 27.68 2.13
CA GLU C 85 23.97 26.94 0.96
C GLU C 85 23.29 25.62 1.40
N VAL C 86 22.06 25.37 0.96
CA VAL C 86 21.39 24.10 1.29
C VAL C 86 21.84 22.93 0.42
N ASP C 87 22.05 21.77 1.06
CA ASP C 87 22.58 20.58 0.40
C ASP C 87 21.61 20.10 -0.67
N PRO C 88 22.12 19.90 -1.90
CA PRO C 88 21.28 19.49 -3.04
C PRO C 88 20.30 18.36 -2.74
N ILE C 89 20.69 17.46 -1.85
CA ILE C 89 19.90 16.26 -1.59
C ILE C 89 18.69 16.51 -0.68
N LEU C 90 18.78 17.58 0.12
CA LEU C 90 17.66 17.94 0.97
C LEU C 90 17.04 19.29 0.61
N ARG C 91 17.19 19.67 -0.63
CA ARG C 91 16.69 20.92 -1.14
C ARG C 91 15.19 21.04 -0.90
N GLN C 92 14.42 20.14 -1.51
CA GLN C 92 12.97 20.17 -1.41
C GLN C 92 12.51 19.95 0.01
N ALA C 93 13.19 19.08 0.74
CA ALA C 93 12.88 18.94 2.15
C ALA C 93 12.93 20.33 2.84
N THR C 94 14.07 21.03 2.74
CA THR C 94 14.25 22.33 3.40
C THR C 94 13.21 23.38 2.99
N ILE C 95 12.92 23.46 1.69
CA ILE C 95 11.97 24.43 1.18
C ILE C 95 10.62 24.15 1.80
N SER C 96 10.21 22.89 1.73
CA SER C 96 8.92 22.45 2.22
C SER C 96 8.79 22.76 3.69
N MET C 97 9.89 22.60 4.42
CA MET C 97 9.92 22.93 5.81
C MET C 97 9.68 24.43 6.07
N ILE C 98 10.20 25.29 5.19
CA ILE C 98 10.03 26.73 5.36
C ILE C 98 8.57 27.01 5.07
N GLU C 99 8.06 26.39 4.03
CA GLU C 99 6.68 26.62 3.66
C GLU C 99 5.60 26.11 4.62
N CYS C 100 5.82 25.00 5.30
CA CYS C 100 4.89 24.62 6.37
C CYS C 100 4.92 25.60 7.55
N LEU C 101 5.92 26.45 7.62
CA LEU C 101 5.83 27.53 8.57
C LEU C 101 4.94 28.66 8.06
N GLY C 102 4.50 28.58 6.81
CA GLY C 102 3.72 29.68 6.21
C GLY C 102 4.58 30.87 5.80
N LEU C 103 5.89 30.63 5.59
CA LEU C 103 6.84 31.59 5.09
C LEU C 103 7.16 31.19 3.67
N ASN C 104 7.40 32.15 2.78
CA ASN C 104 7.92 31.82 1.44
C ASN C 104 9.44 31.66 1.42
N PHE C 105 9.87 30.63 0.70
CA PHE C 105 11.28 30.43 0.46
C PHE C 105 11.68 31.26 -0.72
N LEU C 106 12.49 32.28 -0.47
CA LEU C 106 12.97 33.13 -1.53
C LEU C 106 14.22 32.47 -2.13
N GLY C 107 15.17 32.11 -1.27
CA GLY C 107 16.35 31.37 -1.71
C GLY C 107 17.43 31.22 -0.65
N ASP C 108 18.55 30.65 -1.07
CA ASP C 108 19.65 30.43 -0.17
C ASP C 108 20.99 30.93 -0.74
N LEU C 109 21.94 31.19 0.15
CA LEU C 109 23.30 31.54 -0.28
C LEU C 109 24.33 31.52 0.87
N GLY C 110 25.62 31.37 0.52
CA GLY C 110 26.67 31.12 1.49
C GLY C 110 27.44 32.36 1.91
N LYS C 111 27.93 32.34 3.15
CA LYS C 111 28.67 33.47 3.69
C LYS C 111 30.14 33.34 3.25
N PRO C 112 30.83 34.47 2.95
CA PRO C 112 30.33 35.84 2.76
C PRO C 112 29.51 35.90 1.47
N PHE C 113 28.47 36.71 1.44
CA PHE C 113 27.57 36.70 0.29
C PHE C 113 28.22 37.26 -0.99
N SER C 114 28.01 36.58 -2.12
CA SER C 114 28.39 37.15 -3.40
C SER C 114 27.30 38.17 -3.73
N LEU C 115 27.73 39.38 -4.08
CA LEU C 115 26.84 40.52 -4.27
C LEU C 115 25.85 40.33 -5.42
N GLU C 116 26.30 39.66 -6.48
CA GLU C 116 25.44 39.37 -7.63
C GLU C 116 24.30 38.42 -7.20
N ARG C 117 24.59 37.52 -6.25
CA ARG C 117 23.58 36.58 -5.77
C ARG C 117 22.53 37.25 -4.90
N ILE C 118 22.94 38.18 -4.05
CA ILE C 118 21.95 38.98 -3.33
C ILE C 118 21.06 39.80 -4.28
N THR C 119 21.59 40.19 -5.45
CA THR C 119 20.77 40.89 -6.46
C THR C 119 19.75 39.96 -7.12
N ALA C 120 20.21 38.79 -7.55
CA ALA C 120 19.35 37.78 -8.21
C ALA C 120 18.06 37.55 -7.42
N LEU C 121 18.21 37.45 -6.10
CA LEU C 121 17.14 37.09 -5.19
C LEU C 121 16.24 38.26 -4.89
N LEU C 122 16.80 39.47 -4.86
CA LEU C 122 15.99 40.68 -4.76
C LEU C 122 15.15 40.90 -6.00
N THR C 123 15.77 40.74 -7.17
CA THR C 123 15.06 40.85 -8.43
C THR C 123 13.94 39.81 -8.40
N ARG C 124 14.30 38.55 -8.19
CA ARG C 124 13.29 37.50 -8.01
C ARG C 124 12.19 37.87 -7.01
N TYR C 125 12.56 38.52 -5.89
CA TYR C 125 11.60 38.81 -4.83
C TYR C 125 10.58 39.84 -5.24
N ASN C 126 11.04 40.99 -5.71
CA ASN C 126 10.12 42.02 -6.16
C ASN C 126 9.34 41.56 -7.39
N ALA C 127 9.96 40.69 -8.20
CA ALA C 127 9.32 40.05 -9.36
C ALA C 127 8.05 39.26 -8.97
N ARG C 128 7.91 39.02 -7.67
CA ARG C 128 6.71 38.43 -7.12
C ARG C 128 5.87 39.55 -6.49
N ARG C 129 5.29 40.37 -7.37
CA ARG C 129 4.41 41.50 -7.05
C ARG C 129 3.71 41.94 -8.33
N LEU C 141 -3.71 29.31 -8.16
CA LEU C 141 -2.43 28.60 -8.20
C LEU C 141 -1.86 28.28 -6.78
N PRO C 142 -2.59 28.65 -5.69
CA PRO C 142 -2.01 29.02 -4.36
C PRO C 142 -0.91 28.10 -3.85
N SER C 143 0.11 28.69 -3.25
CA SER C 143 1.27 27.96 -2.76
C SER C 143 0.96 27.31 -1.42
N VAL C 144 1.84 26.39 -1.02
CA VAL C 144 1.82 25.78 0.32
C VAL C 144 1.89 26.86 1.39
N ALA C 145 2.89 27.73 1.31
CA ALA C 145 2.99 28.85 2.23
C ALA C 145 1.65 29.61 2.38
N ASP C 146 1.01 29.90 1.26
CA ASP C 146 -0.30 30.58 1.18
C ASP C 146 -1.39 29.85 1.96
N VAL C 147 -1.49 28.54 1.74
CA VAL C 147 -2.47 27.72 2.42
C VAL C 147 -2.25 27.74 3.92
N VAL C 148 -1.01 27.49 4.35
CA VAL C 148 -0.67 27.48 5.77
C VAL C 148 -1.02 28.81 6.39
N ARG C 149 -0.63 29.91 5.76
CA ARG C 149 -0.91 31.23 6.32
C ARG C 149 -2.40 31.45 6.38
N GLY C 150 -3.10 31.21 5.26
CA GLY C 150 -4.57 31.31 5.20
C GLY C 150 -5.26 30.57 6.33
N LEU C 151 -4.74 29.38 6.65
CA LEU C 151 -5.25 28.55 7.72
C LEU C 151 -4.87 29.05 9.10
N ASP C 152 -3.69 29.67 9.23
CA ASP C 152 -3.23 30.21 10.52
C ASP C 152 -3.85 31.56 10.81
N ASN C 153 -4.82 31.96 9.99
CA ASN C 153 -5.25 33.34 9.94
C ASN C 153 -6.75 33.47 9.74
N GLY C 154 -7.45 32.35 9.90
CA GLY C 154 -8.90 32.32 9.92
C GLY C 154 -9.56 32.74 8.61
N GLU C 155 -8.87 32.53 7.51
CA GLU C 155 -9.45 32.84 6.22
C GLU C 155 -10.44 31.79 5.71
N PHE C 156 -10.35 30.57 6.23
CA PHE C 156 -11.26 29.50 5.80
C PHE C 156 -12.61 29.60 6.50
N GLU C 157 -13.68 29.58 5.71
CA GLU C 157 -15.05 29.70 6.21
C GLU C 157 -15.84 28.46 5.86
N ALA C 158 -16.91 28.19 6.61
CA ALA C 158 -17.76 27.07 6.29
C ALA C 158 -18.86 27.51 5.33
N TYR C 159 -19.16 26.69 4.33
CA TYR C 159 -20.34 26.95 3.50
C TYR C 159 -21.41 25.93 3.75
N TYR C 160 -22.63 26.22 3.32
CA TYR C 160 -23.77 25.39 3.66
C TYR C 160 -24.61 25.08 2.44
N GLN C 161 -24.77 23.78 2.18
CA GLN C 161 -25.66 23.36 1.11
C GLN C 161 -26.78 22.47 1.71
N PRO C 162 -28.03 22.84 1.47
CA PRO C 162 -29.14 22.13 2.11
C PRO C 162 -29.47 20.84 1.42
N LYS C 163 -29.82 19.86 2.24
CA LYS C 163 -30.44 18.62 1.78
C LYS C 163 -31.94 18.86 1.88
N VAL C 164 -32.61 18.97 0.75
CA VAL C 164 -34.04 19.24 0.75
C VAL C 164 -34.77 17.96 0.37
N ALA C 165 -36.07 17.92 0.62
CA ALA C 165 -36.94 16.87 0.04
C ALA C 165 -37.29 17.25 -1.39
N LEU C 166 -37.32 16.26 -2.27
CA LEU C 166 -37.53 16.47 -3.71
C LEU C 166 -38.94 16.95 -3.99
N ASP C 167 -39.90 16.27 -3.37
CA ASP C 167 -41.30 16.65 -3.51
C ASP C 167 -41.71 17.59 -2.38
N GLY C 168 -42.34 18.68 -2.75
CA GLY C 168 -42.62 19.75 -1.80
C GLY C 168 -41.46 20.71 -1.93
N GLY C 169 -41.32 21.58 -0.94
CA GLY C 169 -40.13 22.44 -0.86
C GLY C 169 -39.03 21.70 -0.13
N GLY C 170 -39.34 21.29 1.10
CA GLY C 170 -38.50 20.48 1.94
C GLY C 170 -37.28 21.22 2.44
N LEU C 171 -36.83 20.82 3.63
CA LEU C 171 -35.52 21.14 4.18
C LEU C 171 -35.25 20.13 5.29
N ILE C 172 -34.25 19.28 5.06
CA ILE C 172 -33.98 18.16 5.93
C ILE C 172 -32.69 18.39 6.70
N GLY C 173 -31.65 18.87 6.00
CA GLY C 173 -30.35 19.08 6.62
C GLY C 173 -29.41 19.85 5.70
N ALA C 174 -28.14 19.93 6.08
CA ALA C 174 -27.15 20.60 5.25
C ALA C 174 -25.76 19.99 5.29
N GLU C 175 -25.06 20.05 4.17
CA GLU C 175 -23.68 19.61 4.11
C GLU C 175 -22.79 20.82 4.28
N VAL C 176 -21.91 20.75 5.28
CA VAL C 176 -20.96 21.82 5.54
C VAL C 176 -19.76 21.69 4.61
N LEU C 177 -19.53 22.73 3.83
CA LEU C 177 -18.49 22.70 2.81
C LEU C 177 -17.41 23.70 3.11
N ALA C 178 -16.15 23.35 2.83
CA ALA C 178 -15.00 24.25 3.10
C ALA C 178 -14.71 25.19 1.96
N ARG C 179 -14.66 26.48 2.28
CA ARG C 179 -14.30 27.51 1.33
C ARG C 179 -13.24 28.43 1.96
N TRP C 180 -12.47 29.09 1.10
CA TRP C 180 -11.34 29.93 1.52
C TRP C 180 -11.47 31.32 0.93
N ASN C 181 -11.62 32.30 1.81
CA ASN C 181 -11.58 33.71 1.46
C ASN C 181 -10.13 34.12 1.19
N HIS C 182 -9.73 34.11 -0.08
CA HIS C 182 -8.36 34.45 -0.47
C HIS C 182 -8.28 35.95 -0.62
N PRO C 183 -7.23 36.58 -0.03
CA PRO C 183 -7.14 38.03 0.00
C PRO C 183 -6.97 38.63 -1.40
N HIS C 184 -6.67 37.78 -2.39
CA HIS C 184 -6.43 38.22 -3.75
C HIS C 184 -7.23 37.40 -4.78
N LEU C 185 -7.38 36.11 -4.57
CA LEU C 185 -8.18 35.30 -5.48
C LEU C 185 -9.66 35.20 -5.14
N GLY C 186 -10.00 35.42 -3.86
CA GLY C 186 -11.37 35.19 -3.37
C GLY C 186 -11.76 33.72 -3.20
N VAL C 187 -13.07 33.51 -3.01
CA VAL C 187 -13.61 32.21 -2.62
C VAL C 187 -13.09 31.09 -3.51
N LEU C 188 -12.55 30.04 -2.90
CA LEU C 188 -11.96 28.91 -3.63
C LEU C 188 -12.44 27.52 -3.13
N PRO C 189 -12.44 26.48 -4.00
CA PRO C 189 -12.88 25.14 -3.57
C PRO C 189 -11.71 24.25 -3.13
N PRO C 190 -12.01 23.15 -2.41
CA PRO C 190 -11.01 22.21 -1.90
C PRO C 190 -9.88 21.82 -2.87
N SER C 191 -10.20 21.60 -4.14
CA SER C 191 -9.15 21.23 -5.12
C SER C 191 -7.95 22.22 -5.11
N HIS C 192 -8.24 23.49 -4.82
CA HIS C 192 -7.21 24.51 -4.68
C HIS C 192 -6.57 24.58 -3.28
N PHE C 193 -6.81 23.60 -2.42
CA PHE C 193 -6.13 23.56 -1.14
C PHE C 193 -6.11 22.20 -0.49
N LEU C 194 -7.04 21.33 -0.88
CA LEU C 194 -7.06 20.03 -0.27
C LEU C 194 -5.76 19.30 -0.66
N TYR C 195 -5.34 19.38 -1.93
CA TYR C 195 -4.04 18.80 -2.28
C TYR C 195 -2.99 19.17 -1.22
N VAL C 196 -2.77 20.47 -1.06
CA VAL C 196 -1.75 20.96 -0.12
C VAL C 196 -1.98 20.45 1.31
N MET C 197 -3.22 20.55 1.79
CA MET C 197 -3.60 20.10 3.13
C MET C 197 -3.49 18.62 3.31
N GLU C 198 -3.85 17.89 2.26
CA GLU C 198 -3.73 16.43 2.20
C GLU C 198 -2.25 16.03 2.28
N THR C 199 -1.43 16.60 1.38
CA THR C 199 0.00 16.33 1.35
C THR C 199 0.70 16.65 2.66
N TYR C 200 0.36 17.79 3.26
CA TYR C 200 1.11 18.25 4.46
C TYR C 200 0.47 18.01 5.84
N ASN C 201 -0.73 17.42 5.84
CA ASN C 201 -1.41 16.94 7.07
C ASN C 201 -2.00 18.11 7.88
N LEU C 202 -2.76 18.94 7.18
CA LEU C 202 -3.45 20.06 7.79
C LEU C 202 -4.96 19.86 7.80
N VAL C 203 -5.41 18.65 7.46
CA VAL C 203 -6.83 18.45 7.22
C VAL C 203 -7.58 18.52 8.53
N ASP C 204 -7.00 17.91 9.54
CA ASP C 204 -7.49 17.95 10.89
C ASP C 204 -7.70 19.41 11.29
N LYS C 205 -6.71 20.24 11.00
CA LYS C 205 -6.72 21.58 11.51
C LYS C 205 -7.91 22.32 10.93
N LEU C 206 -8.08 22.20 9.62
CA LEU C 206 -9.18 22.80 8.90
C LEU C 206 -10.51 22.29 9.40
N PHE C 207 -10.56 20.99 9.69
CA PHE C 207 -11.76 20.34 10.18
C PHE C 207 -12.30 21.03 11.42
N TRP C 208 -11.42 21.32 12.38
CA TRP C 208 -11.85 21.81 13.69
C TRP C 208 -12.28 23.27 13.63
N GLN C 209 -11.66 24.05 12.75
CA GLN C 209 -12.14 25.41 12.53
C GLN C 209 -13.58 25.33 12.06
N LEU C 210 -13.79 24.49 11.05
CA LEU C 210 -15.10 24.38 10.43
C LEU C 210 -16.15 23.73 11.32
N PHE C 211 -15.75 22.73 12.10
CA PHE C 211 -16.67 22.07 13.00
C PHE C 211 -17.19 23.06 14.05
N SER C 212 -16.28 23.83 14.65
CA SER C 212 -16.69 24.92 15.54
C SER C 212 -17.65 25.88 14.88
N GLN C 213 -17.31 26.37 13.69
CA GLN C 213 -18.19 27.33 13.03
C GLN C 213 -19.56 26.71 12.80
N GLY C 214 -19.51 25.44 12.41
CA GLY C 214 -20.67 24.69 12.07
C GLY C 214 -21.60 24.54 13.23
N LEU C 215 -21.05 24.27 14.41
CA LEU C 215 -21.87 24.12 15.60
C LEU C 215 -22.46 25.46 16.03
N ALA C 216 -21.69 26.54 15.92
CA ALA C 216 -22.19 27.89 16.18
C ALA C 216 -23.41 28.12 15.31
N THR C 217 -23.31 27.79 14.03
CA THR C 217 -24.44 27.89 13.12
C THR C 217 -25.58 26.97 13.54
N ARG C 218 -25.23 25.81 14.07
CA ARG C 218 -26.23 24.86 14.54
C ARG C 218 -27.02 25.42 15.73
N ARG C 219 -26.35 26.18 16.60
CA ARG C 219 -27.02 26.79 17.72
C ARG C 219 -28.06 27.81 17.23
N LYS C 220 -27.60 28.77 16.41
CA LYS C 220 -28.48 29.80 15.85
C LYS C 220 -29.70 29.17 15.18
N LEU C 221 -29.52 27.95 14.67
CA LEU C 221 -30.64 27.26 14.04
C LEU C 221 -31.55 26.61 15.07
N ALA C 222 -31.00 26.22 16.21
CA ALA C 222 -31.81 25.66 17.31
C ALA C 222 -32.55 26.79 18.01
N GLN C 223 -31.86 27.93 18.15
CA GLN C 223 -32.49 29.13 18.67
C GLN C 223 -33.73 29.48 17.84
N LEU C 224 -33.67 29.22 16.53
CA LEU C 224 -34.78 29.56 15.61
C LEU C 224 -35.83 28.45 15.42
N GLY C 225 -35.70 27.35 16.17
CA GLY C 225 -36.67 26.24 16.11
C GLY C 225 -36.57 25.38 14.85
N GLN C 226 -35.34 25.16 14.38
CA GLN C 226 -35.10 24.45 13.12
C GLN C 226 -34.30 23.17 13.29
N PRO C 227 -34.93 22.04 12.93
CA PRO C 227 -34.30 20.72 12.90
C PRO C 227 -33.46 20.52 11.65
N ILE C 228 -32.55 21.45 11.36
CA ILE C 228 -31.64 21.27 10.22
C ILE C 228 -30.42 20.53 10.71
N ASN C 229 -30.24 19.32 10.20
CA ASN C 229 -29.11 18.48 10.56
C ASN C 229 -27.87 18.93 9.76
N LEU C 230 -26.77 19.18 10.46
CA LEU C 230 -25.54 19.61 9.79
C LEU C 230 -24.56 18.46 9.64
N ALA C 231 -24.22 18.18 8.37
CA ALA C 231 -23.31 17.08 7.98
C ALA C 231 -21.90 17.59 7.66
N PHE C 232 -20.91 17.02 8.33
CA PHE C 232 -19.48 17.37 8.09
C PHE C 232 -18.71 16.21 7.46
N ASN C 233 -17.86 16.53 6.50
CA ASN C 233 -17.00 15.55 5.87
C ASN C 233 -15.79 15.24 6.73
N VAL C 234 -15.57 13.95 6.95
CA VAL C 234 -14.42 13.49 7.70
C VAL C 234 -13.46 12.80 6.75
N HIS C 235 -12.22 13.26 6.75
CA HIS C 235 -11.15 12.66 6.01
C HIS C 235 -10.78 11.35 6.69
N PRO C 236 -10.53 10.28 5.90
CA PRO C 236 -10.16 8.94 6.44
C PRO C 236 -8.96 8.97 7.41
N SER C 237 -7.98 9.84 7.15
CA SER C 237 -6.79 9.94 8.01
C SER C 237 -7.15 10.30 9.42
N GLN C 238 -8.14 11.19 9.57
CA GLN C 238 -8.62 11.57 10.90
C GLN C 238 -9.19 10.37 11.58
N LEU C 239 -9.94 9.57 10.82
CA LEU C 239 -10.57 8.38 11.38
C LEU C 239 -9.64 7.53 12.21
N GLY C 240 -8.33 7.65 11.97
CA GLY C 240 -7.32 6.89 12.72
C GLY C 240 -6.93 7.53 14.04
N SER C 241 -7.38 8.76 14.25
CA SER C 241 -6.91 9.57 15.37
C SER C 241 -7.45 9.06 16.70
N ARG C 242 -6.60 9.09 17.71
CA ARG C 242 -6.96 8.53 19.01
C ARG C 242 -8.24 9.12 19.62
N ALA C 243 -8.41 10.44 19.53
CA ALA C 243 -9.50 11.06 20.29
C ALA C 243 -10.51 11.87 19.49
N LEU C 244 -10.63 11.59 18.18
CA LEU C 244 -11.64 12.27 17.36
C LEU C 244 -13.06 12.24 17.96
N ALA C 245 -13.54 11.05 18.32
CA ALA C 245 -14.90 10.90 18.79
C ALA C 245 -15.08 11.61 20.12
N GLU C 246 -14.07 11.48 20.97
CA GLU C 246 -14.09 12.09 22.29
C GLU C 246 -14.01 13.59 22.22
N ASN C 247 -13.46 14.10 21.12
CA ASN C 247 -13.32 15.52 20.93
C ASN C 247 -14.57 16.09 20.29
N ILE C 248 -15.20 15.33 19.41
CA ILE C 248 -16.47 15.75 18.83
C ILE C 248 -17.56 15.89 19.93
N SER C 249 -17.57 14.97 20.88
CA SER C 249 -18.52 15.06 21.99
C SER C 249 -18.22 16.23 22.91
N ALA C 250 -16.96 16.38 23.32
CA ALA C 250 -16.59 17.50 24.18
C ALA C 250 -17.11 18.83 23.61
N LEU C 251 -17.03 19.01 22.29
CA LEU C 251 -17.54 20.21 21.62
C LEU C 251 -19.06 20.26 21.53
N LEU C 252 -19.67 19.10 21.25
CA LEU C 252 -21.11 19.01 21.28
C LEU C 252 -21.65 19.35 22.68
N THR C 253 -20.90 18.98 23.71
CA THR C 253 -21.23 19.33 25.10
C THR C 253 -21.01 20.83 25.29
N GLU C 254 -19.78 21.30 25.12
CA GLU C 254 -19.49 22.73 25.21
C GLU C 254 -20.54 23.61 24.49
N PHE C 255 -21.19 23.09 23.45
CA PHE C 255 -22.13 23.88 22.65
C PHE C 255 -23.58 23.61 22.99
N HIS C 256 -23.79 22.68 23.93
CA HIS C 256 -25.11 22.20 24.36
C HIS C 256 -26.00 21.72 23.20
N LEU C 257 -25.37 21.19 22.16
CA LEU C 257 -26.08 20.57 21.05
C LEU C 257 -26.05 19.06 21.18
N PRO C 258 -27.14 18.38 20.78
CA PRO C 258 -27.12 16.95 20.95
C PRO C 258 -26.43 16.23 19.75
N PRO C 259 -25.88 15.02 19.98
CA PRO C 259 -25.22 14.24 18.95
C PRO C 259 -25.99 14.28 17.63
N SER C 260 -27.28 13.95 17.73
CA SER C 260 -28.16 13.73 16.60
C SER C 260 -28.40 15.00 15.81
N SER C 261 -27.98 16.13 16.35
CA SER C 261 -28.12 17.38 15.63
C SER C 261 -27.17 17.36 14.45
N VAL C 262 -26.21 16.45 14.51
CA VAL C 262 -25.04 16.48 13.66
C VAL C 262 -24.73 15.15 12.93
N MET C 263 -24.18 15.26 11.72
CA MET C 263 -23.73 14.09 10.91
C MET C 263 -22.31 14.13 10.23
N PHE C 264 -21.65 13.00 10.22
CA PHE C 264 -20.37 12.91 9.58
C PHE C 264 -20.38 12.02 8.36
N GLU C 265 -19.82 12.53 7.26
CA GLU C 265 -19.73 11.89 5.97
C GLU C 265 -18.30 11.45 5.65
N ILE C 266 -18.19 10.24 5.09
CA ILE C 266 -16.91 9.65 4.68
C ILE C 266 -17.22 8.98 3.36
N THR C 267 -16.40 9.22 2.34
CA THR C 267 -16.59 8.59 1.04
C THR C 267 -16.40 7.08 1.12
N GLU C 268 -16.93 6.35 0.13
CA GLU C 268 -16.69 4.93 0.09
C GLU C 268 -15.21 4.65 -0.18
N THR C 269 -14.60 5.38 -1.12
CA THR C 269 -13.19 5.15 -1.45
C THR C 269 -12.33 5.29 -0.18
N GLY C 270 -12.31 6.50 0.39
CA GLY C 270 -11.57 6.77 1.59
C GLY C 270 -11.82 5.80 2.72
N LEU C 271 -13.01 5.24 2.77
CA LEU C 271 -13.30 4.26 3.78
C LEU C 271 -12.53 2.95 3.53
N ILE C 272 -12.20 2.72 2.26
CA ILE C 272 -11.44 1.54 1.87
C ILE C 272 -10.02 1.56 2.41
N SER C 273 -9.34 2.69 2.22
CA SER C 273 -7.95 2.85 2.64
C SER C 273 -7.83 3.34 4.08
N ALA C 274 -8.93 3.46 4.81
CA ALA C 274 -8.90 4.01 6.17
C ALA C 274 -8.04 3.15 7.13
N PRO C 275 -7.43 3.78 8.15
CA PRO C 275 -6.49 3.11 9.07
C PRO C 275 -7.15 2.01 9.87
N ALA C 276 -6.37 0.98 10.23
CA ALA C 276 -6.87 -0.22 10.92
C ALA C 276 -7.91 0.06 12.02
N SER C 277 -7.70 1.17 12.73
CA SER C 277 -8.41 1.50 13.96
C SER C 277 -9.56 2.48 13.75
N SER C 278 -9.88 2.76 12.48
CA SER C 278 -11.02 3.62 12.11
C SER C 278 -12.34 3.26 12.79
N LEU C 279 -12.55 1.96 13.02
CA LEU C 279 -13.77 1.49 13.65
C LEU C 279 -13.97 2.00 15.07
N GLU C 280 -12.89 2.21 15.81
CA GLU C 280 -13.01 2.69 17.18
C GLU C 280 -13.74 4.05 17.23
N ASN C 281 -13.38 4.95 16.33
CA ASN C 281 -14.11 6.19 16.17
C ASN C 281 -15.53 6.04 15.62
N LEU C 282 -15.75 5.03 14.78
CA LEU C 282 -17.03 4.87 14.11
C LEU C 282 -18.12 4.31 15.04
N VAL C 283 -17.79 3.29 15.83
CA VAL C 283 -18.68 2.85 16.89
C VAL C 283 -18.98 3.97 17.87
N ARG C 284 -17.96 4.73 18.27
CA ARG C 284 -18.22 5.89 19.10
C ARG C 284 -19.35 6.73 18.52
N LEU C 285 -19.15 7.24 17.32
CA LEU C 285 -20.10 8.19 16.76
C LEU C 285 -21.49 7.58 16.58
N TRP C 286 -21.51 6.28 16.31
CA TRP C 286 -22.77 5.63 16.11
C TRP C 286 -23.56 5.52 17.42
N ILE C 287 -22.91 5.04 18.47
CA ILE C 287 -23.47 5.00 19.82
C ILE C 287 -23.90 6.39 20.22
N MET C 288 -22.94 7.30 20.35
CA MET C 288 -23.25 8.70 20.59
C MET C 288 -24.60 9.13 19.99
N GLY C 289 -24.88 8.69 18.78
CA GLY C 289 -26.13 9.04 18.14
C GLY C 289 -25.96 9.93 16.94
N CYS C 290 -24.74 10.45 16.72
CA CYS C 290 -24.42 11.19 15.50
C CYS C 290 -24.83 10.38 14.27
N GLY C 291 -25.32 11.05 13.24
CA GLY C 291 -25.61 10.40 11.97
C GLY C 291 -24.32 10.19 11.18
N LEU C 292 -24.25 9.06 10.47
CA LEU C 292 -23.07 8.65 9.72
C LEU C 292 -23.50 8.33 8.31
N ALA C 293 -22.99 9.09 7.36
CA ALA C 293 -23.32 8.92 5.98
C ALA C 293 -22.12 8.27 5.27
N MET C 294 -22.41 7.34 4.34
CA MET C 294 -21.42 6.89 3.41
C MET C 294 -21.58 7.63 2.08
N ASP C 295 -20.63 8.51 1.82
CA ASP C 295 -20.66 9.44 0.71
C ASP C 295 -20.07 8.80 -0.55
N ASP C 296 -20.39 9.37 -1.72
CA ASP C 296 -20.00 8.83 -3.05
C ASP C 296 -20.07 7.31 -3.13
N PHE C 297 -21.20 6.79 -2.65
CA PHE C 297 -21.54 5.38 -2.60
C PHE C 297 -21.53 4.80 -3.98
N GLY C 298 -21.11 3.54 -4.12
CA GLY C 298 -21.02 2.91 -5.43
C GLY C 298 -19.68 3.09 -6.14
N ALA C 299 -18.64 3.42 -5.38
CA ALA C 299 -17.29 3.68 -5.93
C ALA C 299 -16.32 2.49 -5.91
N GLY C 300 -16.37 1.66 -4.88
CA GLY C 300 -15.62 0.42 -4.91
C GLY C 300 -16.36 -0.78 -5.49
N TYR C 301 -15.87 -1.95 -5.10
CA TYR C 301 -16.39 -3.24 -5.56
C TYR C 301 -17.55 -3.75 -4.68
N SER C 302 -17.34 -3.60 -3.36
CA SER C 302 -18.09 -4.32 -2.35
C SER C 302 -19.00 -3.37 -1.62
N SER C 303 -19.55 -2.41 -2.38
CA SER C 303 -20.34 -1.34 -1.79
C SER C 303 -21.47 -1.91 -0.94
N LEU C 304 -22.16 -2.88 -1.51
CA LEU C 304 -23.31 -3.50 -0.87
C LEU C 304 -22.84 -4.33 0.32
N ASP C 305 -21.66 -4.91 0.19
CA ASP C 305 -21.12 -5.63 1.31
C ASP C 305 -20.82 -4.70 2.48
N ARG C 306 -20.48 -3.44 2.18
CA ARG C 306 -20.11 -2.47 3.20
C ARG C 306 -21.28 -2.03 4.08
N LEU C 307 -22.36 -1.61 3.43
CA LEU C 307 -23.58 -1.25 4.12
C LEU C 307 -24.01 -2.34 5.05
N CYS C 308 -23.83 -3.58 4.62
CA CYS C 308 -24.14 -4.68 5.49
C CYS C 308 -23.44 -4.64 6.83
N GLU C 309 -22.17 -4.30 6.82
CA GLU C 309 -21.30 -4.55 7.94
C GLU C 309 -21.16 -3.34 8.83
N PHE C 310 -21.65 -2.20 8.34
CA PHE C 310 -21.69 -0.99 9.14
C PHE C 310 -23.01 -0.24 8.98
N PRO C 311 -23.61 0.08 10.13
CA PRO C 311 -24.95 0.68 10.15
C PRO C 311 -24.82 2.15 9.85
N PHE C 312 -24.64 2.48 8.58
CA PHE C 312 -24.66 3.86 8.20
C PHE C 312 -26.12 4.31 8.17
N SER C 313 -26.37 5.51 8.68
CA SER C 313 -27.72 6.07 8.70
C SER C 313 -28.04 6.88 7.45
N GLN C 314 -27.05 7.07 6.58
CA GLN C 314 -27.32 7.72 5.29
C GLN C 314 -26.37 7.28 4.14
N ILE C 315 -26.89 7.31 2.92
CA ILE C 315 -26.18 6.97 1.70
C ILE C 315 -26.29 8.16 0.80
N LYS C 316 -25.20 8.54 0.14
CA LYS C 316 -25.25 9.64 -0.82
C LYS C 316 -24.68 9.18 -2.11
N LEU C 317 -25.35 9.48 -3.20
CA LEU C 317 -24.84 9.25 -4.55
C LEU C 317 -24.58 10.58 -5.20
N ASP C 318 -23.66 10.59 -6.15
CA ASP C 318 -23.04 11.83 -6.56
C ASP C 318 -23.52 12.36 -7.91
N ARG C 319 -23.21 13.63 -8.19
CA ARG C 319 -23.53 14.38 -9.42
C ARG C 319 -23.73 13.49 -10.65
N THR C 320 -22.95 12.43 -10.80
CA THR C 320 -22.94 11.69 -12.08
C THR C 320 -24.16 10.79 -12.33
N PHE C 321 -24.86 10.35 -11.28
CA PHE C 321 -26.03 9.49 -11.49
C PHE C 321 -27.15 10.25 -12.13
N VAL C 322 -27.45 11.40 -11.54
CA VAL C 322 -28.43 12.34 -12.07
C VAL C 322 -28.19 12.74 -13.54
N GLN C 323 -26.96 13.11 -13.86
CA GLN C 323 -26.59 13.52 -15.21
C GLN C 323 -26.75 12.42 -16.23
N LYS C 324 -26.64 11.18 -15.77
CA LYS C 324 -26.56 10.07 -16.68
C LYS C 324 -27.89 9.44 -16.93
N MET C 325 -28.89 9.75 -16.10
CA MET C 325 -30.25 9.17 -16.17
C MET C 325 -30.82 9.14 -17.56
N LYS C 326 -30.80 10.31 -18.20
CA LYS C 326 -31.50 10.54 -19.46
C LYS C 326 -30.88 9.72 -20.58
N THR C 327 -29.55 9.69 -20.62
CA THR C 327 -28.84 9.06 -21.71
C THR C 327 -28.43 7.61 -21.40
N GLN C 328 -28.51 7.22 -20.12
CA GLN C 328 -27.99 5.92 -19.65
C GLN C 328 -28.91 5.26 -18.62
N PRO C 329 -29.80 4.38 -19.10
CA PRO C 329 -30.83 3.72 -18.32
C PRO C 329 -30.29 2.83 -17.18
N ARG C 330 -29.06 2.36 -17.30
CA ARG C 330 -28.45 1.59 -16.21
C ARG C 330 -28.29 2.39 -14.91
N SER C 331 -28.01 3.69 -15.03
CA SER C 331 -27.96 4.57 -13.87
C SER C 331 -29.29 4.54 -13.13
N CYS C 332 -30.39 4.58 -13.90
CA CYS C 332 -31.75 4.60 -13.35
C CYS C 332 -31.99 3.34 -12.56
N ALA C 333 -31.57 2.22 -13.15
CA ALA C 333 -31.66 0.91 -12.53
C ALA C 333 -30.91 0.88 -11.20
N VAL C 334 -29.71 1.47 -11.14
CA VAL C 334 -28.99 1.47 -9.87
C VAL C 334 -29.51 2.49 -8.89
N ILE C 335 -30.03 3.61 -9.39
CA ILE C 335 -30.70 4.55 -8.51
C ILE C 335 -31.86 3.80 -7.83
N SER C 336 -32.67 3.09 -8.61
CA SER C 336 -33.82 2.36 -8.07
C SER C 336 -33.41 1.30 -7.08
N SER C 337 -32.33 0.61 -7.41
CA SER C 337 -31.82 -0.46 -6.56
C SER C 337 -31.38 0.12 -5.22
N VAL C 338 -30.73 1.27 -5.29
CA VAL C 338 -30.26 1.92 -4.10
C VAL C 338 -31.45 2.38 -3.29
N VAL C 339 -32.45 2.98 -3.95
CA VAL C 339 -33.72 3.38 -3.28
C VAL C 339 -34.23 2.19 -2.46
N ALA C 340 -34.41 1.05 -3.14
CA ALA C 340 -34.78 -0.18 -2.46
C ALA C 340 -33.89 -0.48 -1.24
N LEU C 341 -32.60 -0.25 -1.40
CA LEU C 341 -31.62 -0.65 -0.41
C LEU C 341 -31.80 0.19 0.86
N ALA C 342 -31.81 1.51 0.66
CA ALA C 342 -32.01 2.47 1.73
C ALA C 342 -33.37 2.17 2.40
N GLN C 343 -34.40 2.00 1.56
CA GLN C 343 -35.73 1.57 1.99
C GLN C 343 -35.72 0.34 2.89
N ALA C 344 -34.98 -0.70 2.52
CA ALA C 344 -35.00 -1.94 3.30
C ALA C 344 -34.16 -1.87 4.59
N LEU C 345 -33.24 -0.93 4.69
CA LEU C 345 -32.37 -0.85 5.85
C LEU C 345 -32.86 0.24 6.77
N GLY C 346 -33.81 1.02 6.26
CA GLY C 346 -34.46 2.07 7.07
C GLY C 346 -33.62 3.31 7.21
N ILE C 347 -32.88 3.65 6.17
CA ILE C 347 -31.98 4.80 6.22
C ILE C 347 -32.31 5.77 5.10
N SER C 348 -31.69 6.94 5.12
CA SER C 348 -31.95 7.97 4.12
C SER C 348 -30.98 7.88 2.93
N LEU C 349 -31.45 8.35 1.78
CA LEU C 349 -30.66 8.43 0.58
C LEU C 349 -30.70 9.86 0.13
N VAL C 350 -29.53 10.45 -0.13
CA VAL C 350 -29.41 11.76 -0.76
C VAL C 350 -28.81 11.57 -2.15
N VAL C 351 -29.43 12.16 -3.17
CA VAL C 351 -28.95 12.17 -4.55
C VAL C 351 -28.42 13.56 -4.87
N GLU C 352 -27.16 13.63 -5.26
CA GLU C 352 -26.50 14.93 -5.40
C GLU C 352 -26.65 15.47 -6.82
N GLY C 353 -26.41 16.77 -6.95
CA GLY C 353 -26.29 17.45 -8.23
C GLY C 353 -27.52 17.56 -9.11
N VAL C 354 -28.69 17.72 -8.49
CA VAL C 354 -29.91 17.99 -9.22
C VAL C 354 -29.91 19.43 -9.73
N GLU C 355 -29.90 19.60 -11.04
CA GLU C 355 -29.92 20.95 -11.63
C GLU C 355 -31.23 21.35 -12.34
N SER C 356 -32.09 20.37 -12.64
CA SER C 356 -33.29 20.64 -13.43
C SER C 356 -34.56 19.91 -12.96
N ASP C 357 -35.68 20.55 -13.23
CA ASP C 357 -36.99 20.01 -12.94
C ASP C 357 -37.22 18.61 -13.51
N GLU C 358 -36.83 18.43 -14.76
CA GLU C 358 -36.88 17.15 -15.42
C GLU C 358 -36.25 16.09 -14.51
N GLN C 359 -35.01 16.38 -14.11
CA GLN C 359 -34.25 15.56 -13.19
C GLN C 359 -35.02 15.33 -11.90
N ARG C 360 -35.55 16.40 -11.33
CA ARG C 360 -36.28 16.25 -10.08
C ARG C 360 -37.45 15.28 -10.14
N VAL C 361 -38.31 15.41 -11.14
CA VAL C 361 -39.51 14.57 -11.15
C VAL C 361 -39.09 13.11 -11.35
N ARG C 362 -38.13 12.90 -12.25
CA ARG C 362 -37.62 11.57 -12.54
C ARG C 362 -37.18 10.87 -11.26
N LEU C 363 -36.46 11.60 -10.40
CA LEU C 363 -35.97 11.05 -9.15
C LEU C 363 -37.12 10.57 -8.27
N ILE C 364 -38.16 11.39 -8.21
CA ILE C 364 -39.40 11.06 -7.50
C ILE C 364 -40.00 9.79 -8.11
N GLU C 365 -40.19 9.80 -9.42
CA GLU C 365 -40.72 8.64 -10.14
C GLU C 365 -39.98 7.39 -9.69
N LEU C 366 -38.68 7.54 -9.43
CA LEU C 366 -37.81 6.44 -9.06
C LEU C 366 -37.92 6.04 -7.60
N GLY C 367 -38.18 7.02 -6.73
CA GLY C 367 -38.36 6.74 -5.31
C GLY C 367 -37.44 7.46 -4.34
N CYS C 368 -36.69 8.45 -4.82
CA CYS C 368 -35.69 9.11 -3.98
C CYS C 368 -36.33 10.21 -3.14
N SER C 369 -35.88 10.41 -1.91
CA SER C 369 -36.53 11.41 -1.05
C SER C 369 -35.76 12.72 -0.94
N ILE C 370 -34.46 12.64 -0.68
CA ILE C 370 -33.64 13.82 -0.44
C ILE C 370 -32.75 14.10 -1.64
N ALA C 371 -32.38 15.37 -1.83
CA ALA C 371 -31.47 15.77 -2.92
C ALA C 371 -30.61 16.96 -2.52
N GLN C 372 -29.60 17.23 -3.34
CA GLN C 372 -28.84 18.48 -3.32
C GLN C 372 -28.53 18.83 -4.76
N GLY C 373 -28.36 20.13 -5.03
CA GLY C 373 -28.04 20.59 -6.36
C GLY C 373 -28.29 22.07 -6.45
N TYR C 374 -28.03 22.62 -7.64
CA TYR C 374 -28.27 24.03 -7.91
C TYR C 374 -29.76 24.32 -8.17
N LEU C 375 -30.55 23.29 -8.46
CA LEU C 375 -31.99 23.50 -8.50
C LEU C 375 -32.41 24.16 -7.19
N PHE C 376 -32.06 23.59 -6.03
CA PHE C 376 -32.54 24.12 -4.77
C PHE C 376 -31.67 25.23 -4.21
N ALA C 377 -30.41 24.89 -3.92
CA ALA C 377 -29.47 25.88 -3.43
C ALA C 377 -28.04 25.46 -3.69
N ARG C 378 -27.25 26.44 -4.16
CA ARG C 378 -25.81 26.32 -4.21
C ARG C 378 -25.25 26.57 -2.80
N PRO C 379 -24.02 26.13 -2.53
CA PRO C 379 -23.47 26.31 -1.19
C PRO C 379 -23.41 27.78 -0.78
N MET C 380 -23.63 28.05 0.50
CA MET C 380 -23.88 29.40 1.00
C MET C 380 -23.14 29.69 2.29
N PRO C 381 -22.77 30.96 2.52
CA PRO C 381 -22.11 31.29 3.78
C PRO C 381 -23.15 31.54 4.87
N GLU C 382 -22.70 31.52 6.12
CA GLU C 382 -23.59 31.40 7.29
C GLU C 382 -24.92 32.15 7.16
N GLN C 383 -24.87 33.43 6.79
CA GLN C 383 -26.03 34.31 6.81
C GLN C 383 -27.03 34.02 5.71
N HIS C 384 -26.56 33.91 4.47
CA HIS C 384 -27.43 33.60 3.34
C HIS C 384 -28.19 32.32 3.62
N PHE C 385 -27.54 31.41 4.36
CA PHE C 385 -28.11 30.12 4.72
C PHE C 385 -29.19 30.32 5.76
N LEU C 386 -28.84 31.01 6.83
CA LEU C 386 -29.79 31.32 7.90
C LEU C 386 -31.06 31.96 7.31
N ASP C 387 -30.89 32.93 6.41
CA ASP C 387 -32.02 33.55 5.68
C ASP C 387 -32.79 32.50 4.88
N TYR C 388 -32.04 31.72 4.09
CA TYR C 388 -32.62 30.61 3.34
C TYR C 388 -33.51 29.76 4.26
N CYS C 389 -33.02 29.48 5.47
CA CYS C 389 -33.71 28.63 6.44
C CYS C 389 -34.94 29.28 7.02
N SER C 390 -34.88 30.60 7.22
CA SER C 390 -36.06 31.38 7.56
C SER C 390 -36.89 31.57 6.28
N GLY C 391 -37.65 30.53 5.92
CA GLY C 391 -38.33 30.48 4.63
C GLY C 391 -38.41 29.04 4.15
N SER C 392 -39.58 28.44 4.39
CA SER C 392 -39.93 27.09 3.91
C SER C 392 -41.39 26.75 4.27
N ASP D 3 -15.14 -10.61 49.50
CA ASP D 3 -13.99 -9.77 49.04
C ASP D 3 -14.12 -9.50 47.55
N LEU D 4 -15.30 -9.04 47.13
CA LEU D 4 -15.62 -8.83 45.71
C LEU D 4 -16.62 -7.69 45.36
N ASN D 5 -16.14 -6.74 44.55
CA ASN D 5 -16.90 -5.54 44.19
C ASN D 5 -17.63 -5.56 42.85
N VAL D 6 -18.88 -5.10 42.88
CA VAL D 6 -19.71 -5.00 41.71
C VAL D 6 -20.31 -3.59 41.68
N LEU D 7 -20.11 -2.86 40.58
CA LEU D 7 -21.00 -1.76 40.24
C LEU D 7 -21.76 -2.16 38.98
N VAL D 8 -23.01 -1.71 38.86
CA VAL D 8 -23.83 -1.87 37.65
C VAL D 8 -24.46 -0.53 37.24
N LEU D 9 -24.70 -0.36 35.94
CA LEU D 9 -25.37 0.83 35.41
C LEU D 9 -25.71 0.66 33.92
N GLN D 15 -36.14 -2.67 35.67
CA GLN D 15 -35.20 -3.60 35.05
C GLN D 15 -33.82 -3.52 35.71
N ARG D 16 -33.46 -2.35 36.23
CA ARG D 16 -32.21 -2.18 36.99
C ARG D 16 -32.27 -2.95 38.29
N LEU D 17 -33.46 -3.48 38.59
CA LEU D 17 -33.73 -4.24 39.81
C LEU D 17 -33.78 -5.77 39.59
N VAL D 18 -34.00 -6.20 38.34
CA VAL D 18 -34.02 -7.64 37.97
C VAL D 18 -32.64 -8.29 38.13
N ALA D 19 -31.61 -7.59 37.66
CA ALA D 19 -30.24 -8.09 37.68
C ALA D 19 -29.56 -7.96 39.05
N VAL D 20 -30.05 -7.02 39.85
CA VAL D 20 -29.46 -6.71 41.15
C VAL D 20 -29.91 -7.67 42.27
N THR D 21 -31.15 -8.15 42.20
CA THR D 21 -31.61 -9.24 43.08
C THR D 21 -31.08 -10.58 42.54
N ALA D 22 -30.84 -10.64 41.22
CA ALA D 22 -30.14 -11.77 40.61
C ALA D 22 -28.65 -11.74 40.94
N LEU D 23 -28.15 -10.58 41.39
CA LEU D 23 -26.76 -10.39 41.82
C LEU D 23 -26.55 -10.55 43.33
N LYS D 24 -27.47 -9.99 44.12
CA LYS D 24 -27.48 -10.20 45.59
C LYS D 24 -27.73 -11.68 45.96
N LYS D 25 -28.00 -12.49 44.94
CA LYS D 25 -28.11 -13.94 45.05
C LYS D 25 -26.82 -14.65 44.61
N VAL D 26 -25.90 -13.91 43.99
CA VAL D 26 -24.71 -14.52 43.38
C VAL D 26 -23.36 -14.04 43.95
N VAL D 27 -23.15 -12.72 44.01
CA VAL D 27 -21.86 -12.13 44.38
C VAL D 27 -21.65 -11.94 45.89
N PRO D 28 -20.64 -12.64 46.48
CA PRO D 28 -20.35 -12.45 47.91
C PRO D 28 -19.38 -11.27 48.14
N GLY D 29 -19.93 -10.13 48.56
CA GLY D 29 -19.14 -8.91 48.76
C GLY D 29 -19.94 -7.62 48.75
N SER D 30 -19.29 -6.51 48.38
CA SER D 30 -19.88 -5.16 48.43
C SER D 30 -20.41 -4.61 47.07
N ILE D 31 -21.74 -4.57 46.98
CA ILE D 31 -22.48 -4.20 45.75
C ILE D 31 -22.99 -2.75 45.81
N LEU D 32 -22.34 -1.88 45.02
CA LEU D 32 -22.72 -0.45 44.89
C LEU D 32 -23.65 -0.31 43.69
N GLU D 33 -24.24 0.87 43.47
CA GLU D 33 -25.11 1.10 42.29
C GLU D 33 -25.39 2.58 41.95
N ALA D 34 -25.59 2.87 40.66
CA ALA D 34 -25.91 4.23 40.18
C ALA D 34 -26.73 4.29 38.89
N ALA D 35 -27.42 5.43 38.67
CA ALA D 35 -28.40 5.57 37.59
C ALA D 35 -27.82 6.28 36.36
N ASP D 36 -26.73 7.00 36.58
CA ASP D 36 -26.02 7.68 35.52
C ASP D 36 -24.54 7.74 35.87
N GLY D 37 -23.78 8.39 34.99
CA GLY D 37 -22.37 8.71 35.23
C GLY D 37 -22.12 9.48 36.51
N LYS D 38 -22.65 10.71 36.59
CA LYS D 38 -22.56 11.59 37.77
C LYS D 38 -22.79 10.91 39.14
N GLU D 39 -23.79 10.00 39.19
CA GLU D 39 -24.13 9.26 40.42
C GLU D 39 -23.24 8.03 40.65
N ALA D 40 -22.65 7.49 39.58
CA ALA D 40 -21.68 6.40 39.71
C ALA D 40 -20.28 6.95 40.00
N VAL D 41 -19.99 8.14 39.47
CA VAL D 41 -18.76 8.92 39.73
C VAL D 41 -18.67 9.33 41.20
N ALA D 42 -19.83 9.50 41.83
CA ALA D 42 -19.90 9.74 43.26
C ALA D 42 -19.89 8.42 44.04
N ILE D 43 -20.36 7.34 43.40
CA ILE D 43 -20.46 6.00 44.02
C ILE D 43 -19.10 5.35 44.39
N LEU D 44 -18.00 6.08 44.16
CA LEU D 44 -16.69 5.66 44.65
C LEU D 44 -16.45 6.05 46.13
N GLU D 45 -16.83 7.29 46.49
CA GLU D 45 -16.58 7.85 47.82
C GLU D 45 -17.64 7.40 48.84
N ASP D 51 -14.17 -3.56 41.05
CA ASP D 51 -13.74 -4.75 40.31
C ASP D 51 -14.51 -4.91 38.99
N ILE D 52 -15.85 -4.92 39.06
CA ILE D 52 -16.72 -5.11 37.88
C ILE D 52 -17.81 -4.05 37.69
N ALA D 53 -17.89 -3.54 36.45
CA ALA D 53 -18.94 -2.61 36.00
C ALA D 53 -19.78 -3.20 34.86
N ILE D 54 -21.00 -3.66 35.14
CA ILE D 54 -21.88 -4.13 34.06
C ILE D 54 -22.55 -2.92 33.37
N CYS D 55 -22.75 -2.99 32.04
CA CYS D 55 -23.11 -1.81 31.20
C CYS D 55 -24.07 -1.98 30.01
N ASP D 56 -25.10 -1.14 29.98
CA ASP D 56 -26.01 -1.07 28.83
C ASP D 56 -25.39 -0.14 27.78
N LEU D 57 -24.92 -0.71 26.66
CA LEU D 57 -24.27 0.11 25.61
C LEU D 57 -25.00 0.27 24.28
N GLN D 58 -26.33 0.28 24.40
CA GLN D 58 -27.19 0.99 23.46
C GLN D 58 -27.88 2.13 24.22
N MET D 59 -27.31 2.47 25.39
CA MET D 59 -27.68 3.72 26.06
C MET D 59 -27.69 4.76 24.96
N SER D 60 -26.88 4.50 23.93
CA SER D 60 -26.71 5.36 22.76
C SER D 60 -26.74 6.85 23.12
N GLY D 61 -26.04 7.23 24.18
CA GLY D 61 -25.12 6.35 24.90
C GLY D 61 -23.90 7.18 25.14
N MET D 62 -24.07 8.49 25.04
CA MET D 62 -23.07 9.46 25.41
C MET D 62 -22.99 9.42 26.93
N ASP D 63 -24.13 9.16 27.58
CA ASP D 63 -24.15 8.84 29.02
C ASP D 63 -23.56 7.44 29.13
N GLY D 64 -24.04 6.54 28.29
CA GLY D 64 -23.38 5.26 28.06
C GLY D 64 -21.91 5.45 27.72
N LEU D 65 -21.51 6.68 27.39
CA LEU D 65 -20.11 7.05 27.13
C LEU D 65 -19.58 8.27 27.97
N ALA D 66 -19.97 8.35 29.25
CA ALA D 66 -19.32 9.23 30.27
C ALA D 66 -18.72 8.39 31.43
N PHE D 67 -19.59 7.57 32.00
CA PHE D 67 -19.29 6.45 32.88
C PHE D 67 -17.89 5.85 32.74
N LEU D 68 -17.76 4.84 31.88
CA LEU D 68 -16.52 4.10 31.62
C LEU D 68 -15.33 5.02 31.53
N ARG D 69 -15.60 6.26 31.12
CA ARG D 69 -14.54 7.20 30.83
C ARG D 69 -13.85 7.83 32.05
N HIS D 70 -14.63 8.18 33.08
CA HIS D 70 -14.03 8.52 34.39
C HIS D 70 -13.50 7.22 35.00
N ALA D 71 -14.37 6.22 35.07
CA ALA D 71 -14.01 4.87 35.52
C ALA D 71 -12.57 4.49 35.15
N SER D 72 -12.20 4.66 33.90
CA SER D 72 -10.90 4.22 33.38
C SER D 72 -9.64 4.91 33.95
N LEU D 73 -9.62 6.25 33.91
CA LEU D 73 -8.51 7.04 34.50
C LEU D 73 -8.70 7.30 36.00
N SER D 74 -9.90 7.02 36.52
CA SER D 74 -10.15 7.01 37.96
C SER D 74 -9.39 5.87 38.64
N GLY D 75 -9.14 4.81 37.89
CA GLY D 75 -8.62 3.56 38.42
C GLY D 75 -9.67 2.86 39.27
N LYS D 76 -10.95 3.16 39.01
CA LYS D 76 -12.07 2.68 39.84
C LYS D 76 -12.81 1.39 39.36
N VAL D 77 -12.55 0.94 38.14
CA VAL D 77 -13.04 -0.37 37.69
C VAL D 77 -11.89 -1.13 37.02
N HIS D 78 -11.93 -2.47 37.08
CA HIS D 78 -10.98 -3.31 36.37
C HIS D 78 -11.65 -3.98 35.15
N SER D 79 -12.91 -4.41 35.32
CA SER D 79 -13.60 -5.28 34.35
C SER D 79 -15.06 -4.91 34.05
N VAL D 80 -15.50 -5.27 32.83
CA VAL D 80 -16.75 -4.79 32.26
C VAL D 80 -17.53 -5.90 31.65
N ILE D 81 -18.67 -6.18 32.24
CA ILE D 81 -19.72 -6.92 31.56
C ILE D 81 -20.70 -5.87 31.04
N LEU D 82 -21.12 -5.98 29.78
CA LEU D 82 -22.22 -5.16 29.30
C LEU D 82 -23.62 -5.67 29.75
N SER D 83 -24.53 -4.73 30.02
CA SER D 83 -25.91 -5.04 30.38
C SER D 83 -26.79 -5.30 29.13
N SER D 84 -26.14 -5.47 27.98
CA SER D 84 -26.84 -5.73 26.72
C SER D 84 -26.01 -6.56 25.75
N GLU D 85 -26.69 -7.45 25.03
CA GLU D 85 -26.04 -8.23 24.00
C GLU D 85 -26.14 -7.49 22.65
N VAL D 86 -25.15 -6.62 22.42
CA VAL D 86 -25.08 -5.79 21.20
C VAL D 86 -25.04 -6.55 19.86
N ASP D 87 -25.46 -5.83 18.81
CA ASP D 87 -25.47 -6.31 17.43
C ASP D 87 -24.09 -6.80 16.95
N PRO D 88 -23.92 -8.14 16.90
CA PRO D 88 -22.71 -8.84 16.45
C PRO D 88 -21.89 -8.14 15.34
N ILE D 89 -22.57 -7.33 14.51
CA ILE D 89 -21.91 -6.57 13.44
C ILE D 89 -20.82 -5.58 13.90
N LEU D 90 -20.98 -4.95 15.06
CA LEU D 90 -19.91 -4.11 15.57
C LEU D 90 -19.54 -4.53 16.95
N ARG D 91 -19.60 -5.84 17.16
CA ARG D 91 -19.24 -6.43 18.42
C ARG D 91 -17.73 -6.26 18.64
N GLN D 92 -16.95 -6.48 17.59
CA GLN D 92 -15.50 -6.32 17.69
C GLN D 92 -15.08 -4.90 17.99
N ALA D 93 -15.62 -3.95 17.22
CA ALA D 93 -15.35 -2.54 17.40
C ALA D 93 -15.70 -2.09 18.81
N THR D 94 -16.88 -2.50 19.27
CA THR D 94 -17.33 -2.19 20.62
C THR D 94 -16.39 -2.79 21.67
N ILE D 95 -15.90 -3.98 21.42
CA ILE D 95 -14.92 -4.53 22.34
C ILE D 95 -13.58 -3.78 22.33
N SER D 96 -13.14 -3.40 21.12
CA SER D 96 -11.97 -2.58 21.04
C SER D 96 -12.21 -1.30 21.83
N MET D 97 -13.43 -0.76 21.73
CA MET D 97 -13.71 0.53 22.35
C MET D 97 -13.60 0.48 23.89
N ILE D 98 -14.17 -0.58 24.52
CA ILE D 98 -14.00 -0.85 25.95
C ILE D 98 -12.52 -0.94 26.30
N GLU D 99 -11.84 -1.90 25.67
CA GLU D 99 -10.46 -2.23 25.99
C GLU D 99 -9.57 -1.02 25.83
N CYS D 100 -9.89 -0.17 24.83
CA CYS D 100 -9.10 1.03 24.58
C CYS D 100 -9.16 2.05 25.68
N LEU D 101 -10.10 1.83 26.59
CA LEU D 101 -10.20 2.66 27.77
C LEU D 101 -9.36 2.06 28.90
N GLY D 102 -8.77 0.89 28.70
CA GLY D 102 -8.04 0.24 29.80
C GLY D 102 -8.92 -0.64 30.69
N LEU D 103 -10.15 -0.88 30.27
CA LEU D 103 -11.07 -1.73 31.02
C LEU D 103 -11.15 -3.12 30.40
N ASN D 104 -11.11 -4.15 31.25
CA ASN D 104 -11.15 -5.51 30.76
C ASN D 104 -12.54 -5.83 30.31
N PHE D 105 -12.64 -6.69 29.33
CA PHE D 105 -13.90 -7.09 28.77
C PHE D 105 -14.17 -8.58 28.97
N LEU D 106 -15.12 -8.92 29.84
CA LEU D 106 -15.44 -10.32 30.11
C LEU D 106 -16.36 -10.89 29.07
N GLY D 107 -17.54 -10.27 28.94
CA GLY D 107 -18.56 -10.66 27.95
C GLY D 107 -19.86 -9.86 28.09
N ASP D 108 -20.97 -10.50 27.64
CA ASP D 108 -22.35 -9.92 27.52
C ASP D 108 -23.34 -10.29 28.64
N GLU D 116 -27.19 -19.88 34.44
CA GLU D 116 -26.99 -18.52 33.99
C GLU D 116 -25.57 -18.39 33.38
N ARG D 117 -25.51 -17.81 32.17
CA ARG D 117 -24.27 -17.36 31.52
C ARG D 117 -23.67 -16.26 32.40
N ILE D 118 -24.55 -15.51 33.07
CA ILE D 118 -24.22 -14.48 34.07
C ILE D 118 -23.16 -14.96 35.08
N THR D 119 -23.59 -15.85 35.97
CA THR D 119 -22.71 -16.45 36.99
C THR D 119 -21.50 -17.15 36.35
N ALA D 120 -21.62 -17.58 35.09
CA ALA D 120 -20.54 -18.30 34.37
C ALA D 120 -19.26 -17.49 34.28
N LEU D 121 -19.40 -16.19 34.08
CA LEU D 121 -18.25 -15.33 33.85
C LEU D 121 -17.77 -14.65 35.15
N LEU D 122 -18.64 -14.61 36.14
CA LEU D 122 -18.35 -14.04 37.47
C LEU D 122 -17.48 -14.95 38.34
N THR D 123 -17.50 -16.24 38.05
CA THR D 123 -16.58 -17.14 38.71
C THR D 123 -15.41 -17.35 37.76
N ARG D 124 -15.64 -17.08 36.48
CA ARG D 124 -14.57 -17.12 35.51
C ARG D 124 -13.48 -16.21 36.06
N TYR D 125 -13.84 -14.93 36.23
CA TYR D 125 -12.85 -13.91 36.54
C TYR D 125 -12.62 -13.60 38.03
N ASN D 126 -13.48 -14.13 38.90
CA ASN D 126 -13.19 -14.15 40.33
C ASN D 126 -12.06 -15.15 40.56
N ALA D 127 -11.84 -16.01 39.56
CA ALA D 127 -10.72 -16.94 39.54
C ALA D 127 -9.65 -16.49 38.54
N ARG D 128 -10.09 -16.01 37.37
CA ARG D 128 -9.22 -15.46 36.31
C ARG D 128 -8.02 -14.65 36.85
N GLU D 137 0.84 -23.17 35.93
CA GLU D 137 -0.13 -22.41 35.14
C GLU D 137 0.56 -21.63 34.00
N VAL D 138 0.44 -22.12 32.76
CA VAL D 138 1.02 -21.44 31.57
C VAL D 138 0.09 -20.36 30.96
N ALA D 139 0.16 -19.13 31.50
CA ALA D 139 -0.88 -18.08 31.25
C ALA D 139 -0.73 -17.21 29.96
N GLU D 140 -1.79 -16.48 29.61
CA GLU D 140 -1.95 -15.84 28.29
C GLU D 140 -1.05 -14.62 27.97
N LEU D 141 -1.05 -14.20 26.69
CA LEU D 141 -0.55 -12.88 26.22
C LEU D 141 -1.46 -11.73 26.66
N PRO D 142 -0.87 -10.57 27.02
CA PRO D 142 -1.61 -9.42 27.53
C PRO D 142 -2.70 -8.92 26.62
N SER D 143 -3.81 -8.47 27.19
CA SER D 143 -4.91 -7.91 26.42
C SER D 143 -4.59 -6.47 26.04
N VAL D 144 -5.31 -5.95 25.05
CA VAL D 144 -5.30 -4.54 24.72
C VAL D 144 -5.49 -3.73 26.00
N ALA D 145 -6.48 -4.11 26.81
CA ALA D 145 -6.81 -3.41 28.05
C ALA D 145 -5.60 -3.38 28.99
N ASP D 146 -4.98 -4.54 29.18
CA ASP D 146 -3.69 -4.65 29.86
C ASP D 146 -2.68 -3.62 29.41
N VAL D 147 -2.54 -3.43 28.11
CA VAL D 147 -1.48 -2.60 27.56
C VAL D 147 -1.83 -1.13 27.75
N VAL D 148 -3.10 -0.77 27.50
CA VAL D 148 -3.55 0.59 27.74
C VAL D 148 -3.37 0.97 29.23
N ARG D 149 -3.73 0.08 30.15
CA ARG D 149 -3.51 0.31 31.58
C ARG D 149 -2.04 0.56 31.90
N GLY D 150 -1.19 -0.40 31.58
CA GLY D 150 0.24 -0.32 31.88
C GLY D 150 0.85 0.98 31.40
N LEU D 151 0.38 1.42 30.23
CA LEU D 151 0.80 2.65 29.61
C LEU D 151 0.36 3.82 30.48
N ASP D 152 -0.87 3.77 30.97
CA ASP D 152 -1.42 4.82 31.84
C ASP D 152 -0.88 4.80 33.26
N ASN D 153 -0.36 3.66 33.72
CA ASN D 153 0.07 3.57 35.11
C ASN D 153 1.58 3.45 35.28
N GLY D 154 2.33 4.05 34.37
CA GLY D 154 3.79 4.10 34.42
C GLY D 154 4.53 2.78 34.45
N GLU D 155 3.97 1.73 33.85
CA GLU D 155 4.58 0.39 33.93
C GLU D 155 5.62 0.10 32.84
N PHE D 156 5.78 1.02 31.90
CA PHE D 156 6.75 0.85 30.82
C PHE D 156 8.02 1.64 31.07
N GLU D 157 9.15 0.95 30.96
CA GLU D 157 10.44 1.48 31.37
C GLU D 157 11.51 1.44 30.27
N ALA D 158 12.34 2.47 30.18
CA ALA D 158 13.45 2.45 29.21
C ALA D 158 14.57 1.55 29.69
N TYR D 159 15.04 0.71 28.78
CA TYR D 159 16.25 -0.06 29.01
C TYR D 159 17.29 0.48 28.07
N TYR D 160 18.53 0.05 28.28
CA TYR D 160 19.68 0.67 27.62
C TYR D 160 20.62 -0.43 27.24
N GLN D 161 21.01 -0.47 25.97
CA GLN D 161 22.05 -1.39 25.56
C GLN D 161 23.21 -0.59 24.98
N PRO D 162 24.41 -0.77 25.55
CA PRO D 162 25.60 -0.03 25.14
C PRO D 162 25.97 -0.35 23.70
N LYS D 163 26.41 0.67 22.97
CA LYS D 163 27.22 0.53 21.73
C LYS D 163 28.66 0.67 22.14
N VAL D 164 29.50 -0.27 21.77
CA VAL D 164 30.84 -0.27 22.26
C VAL D 164 31.84 -0.28 21.15
N ALA D 165 33.01 0.30 21.40
CA ALA D 165 34.16 0.15 20.51
C ALA D 165 34.61 -1.32 20.56
N LEU D 166 34.51 -2.01 19.43
CA LEU D 166 34.96 -3.40 19.35
C LEU D 166 36.39 -3.50 19.87
N ASP D 167 37.20 -2.49 19.51
CA ASP D 167 38.59 -2.43 19.94
C ASP D 167 38.77 -1.72 21.30
N GLY D 168 38.90 -2.52 22.36
CA GLY D 168 38.89 -2.00 23.72
C GLY D 168 37.58 -2.51 24.28
N GLY D 169 36.68 -1.60 24.64
CA GLY D 169 35.41 -2.00 25.26
C GLY D 169 34.47 -0.84 25.41
N GLY D 170 34.13 -0.23 24.26
CA GLY D 170 33.26 0.93 24.20
C GLY D 170 33.99 1.92 25.03
N LEU D 171 33.26 2.87 25.61
CA LEU D 171 31.83 2.98 25.44
C LEU D 171 31.45 4.22 24.63
N ILE D 172 30.76 4.01 23.52
CA ILE D 172 30.48 5.07 22.58
C ILE D 172 29.07 5.64 22.69
N GLY D 173 28.15 4.79 23.13
CA GLY D 173 26.74 5.11 23.07
C GLY D 173 25.83 4.06 23.67
N ALA D 174 24.54 4.28 23.50
CA ALA D 174 23.55 3.35 23.96
C ALA D 174 22.25 3.46 23.17
N GLU D 175 21.63 2.30 22.93
CA GLU D 175 20.29 2.26 22.34
C GLU D 175 19.21 2.20 23.43
N VAL D 176 18.15 2.97 23.27
CA VAL D 176 17.08 2.97 24.25
C VAL D 176 15.93 2.09 23.75
N LEU D 177 15.56 1.11 24.60
CA LEU D 177 14.57 0.08 24.23
C LEU D 177 13.45 0.07 25.22
N ALA D 178 12.36 -0.56 24.83
CA ALA D 178 11.16 -0.52 25.63
C ALA D 178 10.96 -1.86 26.26
N ARG D 179 10.73 -1.84 27.56
CA ARG D 179 10.30 -3.04 28.29
C ARG D 179 9.10 -2.67 29.17
N TRP D 180 8.27 -3.67 29.43
CA TRP D 180 7.10 -3.54 30.27
C TRP D 180 7.37 -4.22 31.59
N ASN D 181 7.25 -3.46 32.69
CA ASN D 181 7.26 -4.06 34.02
C ASN D 181 5.85 -4.56 34.35
N HIS D 182 5.44 -5.65 33.72
CA HIS D 182 4.10 -6.21 33.91
C HIS D 182 3.96 -6.76 35.33
N PRO D 183 2.83 -6.44 36.00
CA PRO D 183 2.61 -6.75 37.43
C PRO D 183 2.64 -8.24 37.79
N HIS D 184 2.18 -9.10 36.88
CA HIS D 184 2.19 -10.55 37.13
C HIS D 184 3.22 -11.32 36.31
N LEU D 185 3.49 -10.87 35.08
CA LEU D 185 4.35 -11.61 34.14
C LEU D 185 5.84 -11.26 34.19
N GLY D 186 6.21 -10.21 34.93
CA GLY D 186 7.60 -9.71 34.97
C GLY D 186 7.95 -8.78 33.81
N VAL D 187 9.25 -8.67 33.52
CA VAL D 187 9.73 -7.86 32.40
C VAL D 187 9.31 -8.46 31.06
N LEU D 188 8.66 -7.68 30.19
CA LEU D 188 8.34 -8.18 28.84
C LEU D 188 8.95 -7.35 27.72
N PRO D 189 9.51 -8.01 26.69
CA PRO D 189 10.00 -7.39 25.48
C PRO D 189 8.83 -7.01 24.58
N PRO D 190 9.04 -6.13 23.58
CA PRO D 190 8.00 -5.56 22.72
C PRO D 190 7.09 -6.53 21.97
N SER D 191 7.47 -7.79 21.89
CA SER D 191 6.66 -8.80 21.21
C SER D 191 5.32 -8.93 21.93
N HIS D 192 5.32 -8.60 23.23
CA HIS D 192 4.16 -8.80 24.05
C HIS D 192 3.28 -7.55 24.15
N PHE D 193 3.64 -6.47 23.48
CA PHE D 193 2.83 -5.26 23.54
C PHE D 193 2.83 -4.40 22.29
N LEU D 194 3.87 -4.50 21.46
CA LEU D 194 3.98 -3.56 20.34
C LEU D 194 2.92 -3.72 19.23
N TYR D 195 2.49 -4.95 18.92
CA TYR D 195 1.37 -5.16 17.98
C TYR D 195 0.22 -4.27 18.45
N VAL D 196 -0.20 -4.48 19.69
CA VAL D 196 -1.28 -3.71 20.28
C VAL D 196 -1.10 -2.22 20.03
N MET D 197 0.05 -1.67 20.43
CA MET D 197 0.23 -0.23 20.36
C MET D 197 0.20 0.29 18.94
N GLU D 198 0.76 -0.49 18.02
CA GLU D 198 0.71 -0.16 16.61
C GLU D 198 -0.73 -0.10 16.12
N THR D 199 -1.47 -1.19 16.28
CA THR D 199 -2.86 -1.19 15.83
C THR D 199 -3.70 -0.11 16.53
N TYR D 200 -3.39 0.24 17.79
CA TYR D 200 -4.18 1.28 18.50
C TYR D 200 -3.59 2.66 18.64
N ASN D 201 -2.57 2.92 17.83
CA ASN D 201 -2.04 4.25 17.68
C ASN D 201 -1.58 4.78 19.03
N LEU D 202 -0.90 3.91 19.78
CA LEU D 202 -0.38 4.23 21.08
C LEU D 202 1.15 4.38 21.13
N VAL D 203 1.85 4.12 20.02
CA VAL D 203 3.35 4.13 20.03
C VAL D 203 3.94 5.49 20.32
N ASP D 204 3.24 6.52 19.84
CA ASP D 204 3.60 7.89 20.11
C ASP D 204 3.67 8.17 21.60
N LYS D 205 2.68 7.66 22.32
CA LYS D 205 2.56 7.83 23.74
C LYS D 205 3.70 7.11 24.47
N LEU D 206 4.02 5.89 24.05
CA LEU D 206 5.20 5.19 24.62
C LEU D 206 6.50 5.96 24.38
N PHE D 207 6.68 6.47 23.16
CA PHE D 207 7.87 7.16 22.78
C PHE D 207 8.15 8.31 23.75
N TRP D 208 7.19 9.20 23.96
CA TRP D 208 7.42 10.34 24.84
C TRP D 208 7.74 9.89 26.25
N GLN D 209 7.08 8.84 26.76
CA GLN D 209 7.44 8.28 28.08
C GLN D 209 8.92 7.87 28.14
N LEU D 210 9.36 7.07 27.17
CA LEU D 210 10.74 6.56 27.21
C LEU D 210 11.74 7.62 26.84
N PHE D 211 11.35 8.56 25.98
CA PHE D 211 12.25 9.62 25.56
C PHE D 211 12.67 10.50 26.75
N SER D 212 11.70 10.89 27.57
CA SER D 212 12.02 11.74 28.71
C SER D 212 12.75 10.88 29.77
N GLN D 213 12.34 9.63 29.95
CA GLN D 213 13.15 8.75 30.78
C GLN D 213 14.60 8.74 30.33
N GLY D 214 14.83 8.59 29.02
CA GLY D 214 16.18 8.49 28.47
C GLY D 214 16.94 9.79 28.61
N LEU D 215 16.20 10.91 28.50
CA LEU D 215 16.82 12.24 28.67
C LEU D 215 17.27 12.38 30.11
N ALA D 216 16.45 11.87 31.03
CA ALA D 216 16.82 11.92 32.46
C ALA D 216 18.10 11.12 32.66
N THR D 217 18.18 9.93 32.08
CA THR D 217 19.40 9.12 32.22
C THR D 217 20.61 9.83 31.61
N ARG D 218 20.41 10.49 30.48
CA ARG D 218 21.46 11.26 29.82
C ARG D 218 22.02 12.39 30.72
N ARG D 219 21.15 13.02 31.51
CA ARG D 219 21.58 13.95 32.57
C ARG D 219 22.55 13.26 33.53
N LYS D 220 22.09 12.19 34.18
CA LYS D 220 22.98 11.41 35.05
C LYS D 220 24.31 11.04 34.37
N LEU D 221 24.23 10.58 33.13
CA LEU D 221 25.43 10.23 32.40
C LEU D 221 26.43 11.37 32.25
N ALA D 222 25.94 12.60 32.05
CA ALA D 222 26.79 13.80 32.00
C ALA D 222 27.33 14.08 33.37
N GLN D 223 26.48 13.82 34.37
CA GLN D 223 26.78 14.09 35.74
C GLN D 223 27.84 13.09 36.25
N LEU D 224 27.92 11.93 35.61
CA LEU D 224 29.01 10.97 35.90
C LEU D 224 30.29 11.18 35.04
N GLY D 225 30.32 12.24 34.22
CA GLY D 225 31.45 12.53 33.35
C GLY D 225 31.54 11.62 32.13
N GLN D 226 30.37 11.13 31.69
CA GLN D 226 30.29 10.24 30.52
C GLN D 226 29.27 10.66 29.46
N PRO D 227 29.58 11.74 28.75
CA PRO D 227 28.72 12.09 27.64
C PRO D 227 28.70 10.94 26.65
N ILE D 228 27.52 10.37 26.48
CA ILE D 228 27.30 9.15 25.73
C ILE D 228 26.02 9.44 25.00
N ASN D 229 26.07 9.26 23.70
CA ASN D 229 24.92 9.51 22.88
C ASN D 229 23.87 8.43 23.15
N LEU D 230 22.60 8.83 23.24
CA LEU D 230 21.51 7.90 23.40
C LEU D 230 20.58 7.91 22.17
N ALA D 231 20.34 6.72 21.63
CA ALA D 231 19.56 6.53 20.42
C ALA D 231 18.15 5.99 20.72
N PHE D 232 17.13 6.62 20.16
CA PHE D 232 15.74 6.24 20.35
C PHE D 232 15.18 5.79 19.02
N ASN D 233 14.46 4.69 19.04
CA ASN D 233 13.86 4.15 17.85
C ASN D 233 12.63 4.96 17.54
N VAL D 234 12.44 5.31 16.28
CA VAL D 234 11.28 6.11 15.92
C VAL D 234 10.41 5.28 15.03
N HIS D 235 9.13 5.27 15.34
CA HIS D 235 8.21 4.51 14.55
C HIS D 235 7.83 5.34 13.33
N PRO D 236 7.78 4.68 12.15
CA PRO D 236 7.58 5.36 10.88
C PRO D 236 6.38 6.26 10.88
N SER D 237 5.27 5.79 11.43
CA SER D 237 4.08 6.63 11.58
C SER D 237 4.40 7.92 12.30
N GLN D 238 5.29 7.91 13.29
CA GLN D 238 5.61 9.15 13.99
C GLN D 238 6.21 10.24 13.14
N LEU D 239 6.92 9.88 12.08
CA LEU D 239 7.56 10.85 11.19
C LEU D 239 6.57 11.70 10.41
N GLY D 240 5.29 11.35 10.45
CA GLY D 240 4.28 12.07 9.69
C GLY D 240 3.58 13.08 10.58
N SER D 241 3.89 12.97 11.87
CA SER D 241 3.24 13.76 12.91
C SER D 241 3.71 15.18 12.86
N ARG D 242 2.76 16.08 13.00
CA ARG D 242 3.04 17.47 12.66
C ARG D 242 4.25 18.08 13.37
N ALA D 243 4.38 17.84 14.68
CA ALA D 243 5.40 18.51 15.45
C ALA D 243 6.35 17.58 16.22
N LEU D 244 6.66 16.42 15.66
CA LEU D 244 7.63 15.52 16.27
C LEU D 244 8.93 16.25 16.62
N ALA D 245 9.56 16.83 15.62
CA ALA D 245 10.91 17.35 15.78
C ALA D 245 10.93 18.48 16.74
N GLU D 246 9.94 19.37 16.63
CA GLU D 246 9.81 20.51 17.52
C GLU D 246 9.58 20.11 18.96
N ASN D 247 8.75 19.10 19.19
CA ASN D 247 8.63 18.58 20.53
C ASN D 247 9.95 18.05 21.06
N ILE D 248 10.60 17.20 20.29
CA ILE D 248 11.93 16.74 20.66
C ILE D 248 12.79 17.95 21.04
N SER D 249 12.73 18.98 20.22
CA SER D 249 13.45 20.22 20.45
C SER D 249 13.09 20.86 21.79
N ALA D 250 11.79 21.00 22.04
CA ALA D 250 11.37 21.61 23.30
C ALA D 250 11.90 20.78 24.44
N LEU D 251 11.73 19.47 24.37
CA LEU D 251 12.13 18.63 25.46
C LEU D 251 13.62 18.66 25.73
N LEU D 252 14.43 18.79 24.68
CA LEU D 252 15.88 18.88 24.84
C LEU D 252 16.26 20.14 25.60
N THR D 253 15.57 21.25 25.29
CA THR D 253 15.74 22.52 26.00
C THR D 253 15.35 22.37 27.50
N GLU D 254 14.25 21.68 27.77
CA GLU D 254 13.76 21.50 29.12
C GLU D 254 14.82 20.80 29.99
N PHE D 255 15.52 19.83 29.38
CA PHE D 255 16.48 18.99 30.08
C PHE D 255 17.89 19.57 29.94
N HIS D 256 17.97 20.72 29.26
CA HIS D 256 19.23 21.43 29.11
C HIS D 256 20.29 20.51 28.51
N LEU D 257 19.91 19.88 27.39
CA LEU D 257 20.75 18.93 26.70
C LEU D 257 20.91 19.38 25.26
N PRO D 258 22.11 19.18 24.69
CA PRO D 258 22.33 19.53 23.32
C PRO D 258 21.80 18.45 22.36
N PRO D 259 21.43 18.86 21.15
CA PRO D 259 20.83 17.92 20.22
C PRO D 259 21.73 16.72 19.93
N SER D 260 23.04 16.91 19.96
CA SER D 260 23.97 15.88 19.55
C SER D 260 24.21 14.81 20.59
N SER D 261 23.60 14.96 21.75
CA SER D 261 23.70 13.96 22.81
C SER D 261 22.69 12.87 22.57
N VAL D 262 21.86 13.07 21.55
CA VAL D 262 20.74 12.21 21.31
C VAL D 262 20.74 11.69 19.84
N MET D 263 20.14 10.53 19.61
CA MET D 263 20.09 9.97 18.24
C MET D 263 18.74 9.32 17.99
N PHE D 264 18.34 9.29 16.72
CA PHE D 264 17.10 8.67 16.35
C PHE D 264 17.34 7.65 15.26
N GLU D 265 16.83 6.43 15.49
CA GLU D 265 17.03 5.30 14.62
C GLU D 265 15.71 4.92 13.96
N ILE D 266 15.76 4.71 12.63
CA ILE D 266 14.59 4.26 11.88
C ILE D 266 15.05 3.13 10.97
N THR D 267 14.23 2.08 10.89
CA THR D 267 14.53 0.91 10.09
C THR D 267 14.40 1.28 8.63
N GLU D 268 15.30 0.73 7.82
CA GLU D 268 15.22 0.85 6.38
C GLU D 268 13.81 0.57 5.85
N THR D 269 13.22 -0.57 6.20
CA THR D 269 11.85 -0.83 5.70
C THR D 269 10.80 0.19 6.19
N GLY D 270 10.85 0.54 7.49
CA GLY D 270 10.02 1.56 8.01
C GLY D 270 10.04 2.83 7.19
N LEU D 271 11.25 3.26 6.78
CA LEU D 271 11.41 4.50 5.99
C LEU D 271 10.78 4.37 4.60
N ILE D 272 10.85 3.17 4.05
CA ILE D 272 10.17 2.84 2.83
C ILE D 272 8.66 3.11 2.93
N SER D 273 8.04 2.62 4.01
CA SER D 273 6.60 2.74 4.15
C SER D 273 6.19 4.09 4.73
N ALA D 274 7.16 4.99 4.94
CA ALA D 274 6.90 6.20 5.71
C ALA D 274 5.95 7.18 5.01
N PRO D 275 5.26 8.02 5.80
CA PRO D 275 4.32 8.98 5.23
C PRO D 275 5.03 10.06 4.43
N ALA D 276 4.33 10.67 3.48
CA ALA D 276 4.94 11.63 2.58
C ALA D 276 5.55 12.82 3.29
N SER D 277 5.05 13.14 4.48
CA SER D 277 5.55 14.30 5.21
C SER D 277 6.81 14.00 5.96
N SER D 278 7.26 12.74 5.96
CA SER D 278 8.37 12.31 6.85
C SER D 278 9.62 13.14 6.76
N LEU D 279 9.93 13.64 5.54
CA LEU D 279 11.19 14.31 5.34
C LEU D 279 11.23 15.62 6.10
N GLU D 280 10.07 16.22 6.33
CA GLU D 280 10.10 17.42 7.11
C GLU D 280 10.71 17.15 8.46
N ASN D 281 10.27 16.12 9.16
CA ASN D 281 10.80 15.80 10.48
C ASN D 281 12.25 15.42 10.43
N LEU D 282 12.62 14.65 9.42
CA LEU D 282 14.00 14.19 9.30
C LEU D 282 14.95 15.36 9.06
N VAL D 283 14.56 16.29 8.18
CA VAL D 283 15.37 17.45 7.91
C VAL D 283 15.49 18.33 9.14
N ARG D 284 14.40 18.53 9.88
CA ARG D 284 14.50 19.31 11.12
C ARG D 284 15.44 18.67 12.15
N LEU D 285 15.36 17.35 12.33
CA LEU D 285 16.31 16.66 13.19
C LEU D 285 17.78 16.82 12.73
N TRP D 286 17.98 16.73 11.43
CA TRP D 286 19.30 16.80 10.90
C TRP D 286 19.82 18.20 11.14
N ILE D 287 18.95 19.18 10.93
CA ILE D 287 19.30 20.59 11.04
C ILE D 287 19.51 20.98 12.50
N MET D 288 18.78 20.34 13.39
CA MET D 288 18.99 20.53 14.80
C MET D 288 20.32 19.96 15.26
N GLY D 289 20.78 18.90 14.61
CA GLY D 289 22.05 18.25 14.94
C GLY D 289 21.91 16.97 15.77
N CYS D 290 20.72 16.38 15.84
CA CYS D 290 20.61 15.07 16.48
C CYS D 290 21.13 14.04 15.51
N GLY D 291 21.72 12.97 16.00
CA GLY D 291 22.04 11.84 15.14
C GLY D 291 20.81 11.16 14.52
N LEU D 292 21.05 10.50 13.38
CA LEU D 292 20.04 9.78 12.61
C LEU D 292 20.66 8.48 12.06
N ALA D 293 20.05 7.39 12.45
CA ALA D 293 20.59 6.10 12.17
C ALA D 293 19.62 5.37 11.28
N MET D 294 20.15 4.70 10.27
CA MET D 294 19.30 3.86 9.52
C MET D 294 19.57 2.47 9.96
N ASP D 295 18.53 1.93 10.53
CA ASP D 295 18.52 0.71 11.26
C ASP D 295 18.05 -0.39 10.33
N ASP D 296 18.44 -1.62 10.67
CA ASP D 296 18.23 -2.81 9.85
C ASP D 296 18.61 -2.54 8.41
N PHE D 297 19.79 -1.93 8.21
CA PHE D 297 20.23 -1.54 6.88
C PHE D 297 20.29 -2.74 5.92
N GLY D 298 19.90 -2.55 4.64
CA GLY D 298 19.86 -3.63 3.68
C GLY D 298 18.59 -4.49 3.62
N ALA D 299 17.46 -4.03 4.15
CA ALA D 299 16.27 -4.86 4.13
C ALA D 299 15.42 -4.72 2.88
N GLY D 300 15.62 -3.66 2.05
CA GLY D 300 15.06 -3.53 0.65
C GLY D 300 16.11 -4.04 -0.37
N TYR D 301 15.96 -3.91 -1.69
CA TYR D 301 15.22 -2.85 -2.46
C TYR D 301 15.69 -1.43 -2.15
N SER D 302 16.68 -1.02 -2.94
CA SER D 302 17.19 0.34 -3.06
C SER D 302 18.09 0.91 -1.97
N SER D 303 18.65 0.01 -1.18
CA SER D 303 19.36 0.37 0.01
C SER D 303 20.48 1.37 -0.16
N LEU D 304 21.27 1.22 -1.21
CA LEU D 304 22.43 2.06 -1.40
C LEU D 304 22.00 3.39 -1.99
N ASP D 305 20.99 3.36 -2.86
CA ASP D 305 20.38 4.54 -3.41
C ASP D 305 19.78 5.41 -2.28
N ARG D 306 19.07 4.76 -1.36
CA ARG D 306 18.44 5.47 -0.28
C ARG D 306 19.44 6.17 0.65
N LEU D 307 20.42 5.45 1.18
CA LEU D 307 21.52 6.10 1.91
C LEU D 307 22.05 7.33 1.17
N CYS D 308 21.99 7.32 -0.16
CA CYS D 308 22.63 8.39 -0.91
C CYS D 308 21.82 9.66 -0.87
N GLU D 309 20.53 9.50 -0.61
CA GLU D 309 19.58 10.58 -0.80
C GLU D 309 19.27 11.23 0.51
N PHE D 310 19.80 10.67 1.59
CA PHE D 310 19.61 11.25 2.89
C PHE D 310 20.79 11.02 3.78
N PRO D 311 21.25 12.07 4.47
CA PRO D 311 22.51 11.97 5.15
C PRO D 311 22.36 11.43 6.57
N PHE D 312 22.05 10.15 6.72
CA PHE D 312 22.20 9.50 8.00
C PHE D 312 23.63 9.56 8.57
N SER D 313 23.73 9.70 9.89
CA SER D 313 25.06 9.72 10.49
C SER D 313 25.49 8.33 10.98
N GLN D 314 24.60 7.37 10.84
CA GLN D 314 24.90 6.01 11.26
C GLN D 314 23.96 5.01 10.60
N ILE D 315 24.51 3.83 10.28
CA ILE D 315 23.74 2.73 9.77
C ILE D 315 24.08 1.57 10.63
N LYS D 316 23.14 0.63 10.71
CA LYS D 316 23.31 -0.50 11.61
C LYS D 316 22.98 -1.82 10.94
N LEU D 317 23.79 -2.84 11.22
CA LEU D 317 23.50 -4.17 10.66
C LEU D 317 22.78 -5.05 11.65
N ASP D 318 21.72 -5.67 11.17
CA ASP D 318 21.05 -6.77 11.85
C ASP D 318 21.98 -7.89 12.31
N ARG D 319 21.62 -8.49 13.43
CA ARG D 319 22.42 -9.48 14.10
C ARG D 319 22.67 -10.75 13.32
N THR D 320 21.86 -11.00 12.28
CA THR D 320 22.05 -12.18 11.48
C THR D 320 23.31 -12.09 10.66
N PHE D 321 23.82 -10.89 10.42
CA PHE D 321 25.04 -10.75 9.65
C PHE D 321 26.24 -11.35 10.36
N VAL D 322 26.31 -11.12 11.66
CA VAL D 322 27.38 -11.65 12.47
C VAL D 322 27.18 -13.16 12.70
N GLN D 323 25.95 -13.62 12.81
CA GLN D 323 25.69 -15.06 13.03
C GLN D 323 26.05 -15.96 11.87
N LYS D 324 25.93 -15.46 10.64
CA LYS D 324 26.12 -16.26 9.45
C LYS D 324 27.56 -16.11 8.98
N MET D 325 28.41 -15.58 9.85
CA MET D 325 29.80 -15.36 9.51
C MET D 325 30.67 -16.60 9.36
N LYS D 326 30.39 -17.64 10.17
CA LYS D 326 31.11 -18.93 10.08
C LYS D 326 30.70 -19.69 8.80
N THR D 327 29.43 -20.09 8.72
CA THR D 327 28.89 -20.69 7.48
C THR D 327 29.12 -19.87 6.17
N GLN D 328 28.67 -18.61 6.14
CA GLN D 328 28.61 -17.76 4.92
C GLN D 328 29.72 -16.69 4.69
N PRO D 329 30.73 -17.01 3.86
CA PRO D 329 31.69 -16.01 3.32
C PRO D 329 31.03 -14.78 2.70
N ARG D 330 29.78 -14.95 2.27
CA ARG D 330 28.99 -13.88 1.72
C ARG D 330 28.63 -12.86 2.78
N SER D 331 28.23 -13.34 3.96
CA SER D 331 27.89 -12.44 5.07
C SER D 331 29.05 -11.55 5.39
N CYS D 332 30.25 -12.15 5.41
CA CYS D 332 31.49 -11.42 5.59
C CYS D 332 31.66 -10.36 4.51
N ALA D 333 31.56 -10.77 3.25
CA ALA D 333 31.55 -9.83 2.15
C ALA D 333 30.62 -8.64 2.38
N VAL D 334 29.36 -8.85 2.78
CA VAL D 334 28.55 -7.68 2.83
C VAL D 334 28.98 -6.81 4.01
N ILE D 335 29.56 -7.43 5.05
CA ILE D 335 30.06 -6.63 6.12
C ILE D 335 31.19 -5.76 5.60
N SER D 336 32.14 -6.38 4.90
CA SER D 336 33.21 -5.63 4.29
C SER D 336 32.70 -4.47 3.47
N SER D 337 31.67 -4.75 2.67
CA SER D 337 31.18 -3.77 1.72
C SER D 337 30.61 -2.57 2.51
N VAL D 338 29.85 -2.87 3.54
CA VAL D 338 29.23 -1.89 4.33
C VAL D 338 30.24 -1.11 5.16
N VAL D 339 31.27 -1.80 5.62
CA VAL D 339 32.35 -1.11 6.28
C VAL D 339 32.93 -0.04 5.31
N ALA D 340 33.13 -0.42 4.05
CA ALA D 340 33.66 0.51 3.10
C ALA D 340 32.65 1.63 2.82
N LEU D 341 31.38 1.27 2.73
CA LEU D 341 30.34 2.23 2.47
C LEU D 341 30.34 3.35 3.52
N ALA D 342 30.42 2.97 4.80
CA ALA D 342 30.37 3.93 5.89
C ALA D 342 31.66 4.78 5.97
N GLN D 343 32.80 4.17 5.72
CA GLN D 343 34.02 4.89 5.79
C GLN D 343 34.10 5.88 4.64
N ALA D 344 33.48 5.58 3.50
CA ALA D 344 33.55 6.46 2.33
C ALA D 344 32.59 7.61 2.41
N LEU D 345 31.51 7.42 3.20
CA LEU D 345 30.54 8.49 3.52
C LEU D 345 30.90 9.24 4.83
N GLY D 346 32.00 8.86 5.45
CA GLY D 346 32.30 9.40 6.75
C GLY D 346 31.21 9.29 7.80
N ILE D 347 30.59 8.12 7.94
CA ILE D 347 29.57 7.90 8.97
C ILE D 347 29.87 6.66 9.75
N SER D 348 29.14 6.42 10.83
CA SER D 348 29.45 5.26 11.67
C SER D 348 28.59 4.05 11.30
N LEU D 349 29.14 2.87 11.58
CA LEU D 349 28.49 1.60 11.39
C LEU D 349 28.42 0.87 12.69
N VAL D 350 27.23 0.44 13.09
CA VAL D 350 27.11 -0.44 14.26
C VAL D 350 26.70 -1.85 13.81
N VAL D 351 27.48 -2.84 14.22
CA VAL D 351 27.16 -4.26 13.98
C VAL D 351 26.54 -4.87 15.25
N GLU D 352 25.35 -5.45 15.09
CA GLU D 352 24.57 -6.02 16.20
C GLU D 352 24.80 -7.52 16.29
N GLY D 353 24.47 -8.09 17.44
CA GLY D 353 24.54 -9.52 17.63
C GLY D 353 25.90 -10.06 18.04
N VAL D 354 26.82 -9.23 18.54
CA VAL D 354 28.10 -9.79 18.97
C VAL D 354 27.94 -10.58 20.28
N GLU D 355 27.97 -11.91 20.15
CA GLU D 355 27.69 -12.92 21.18
C GLU D 355 28.97 -13.60 21.72
N SER D 356 30.08 -13.54 20.98
CA SER D 356 31.33 -14.21 21.38
C SER D 356 32.58 -13.46 20.93
N ASP D 357 33.71 -13.92 21.41
CA ASP D 357 34.96 -13.19 21.25
C ASP D 357 35.56 -13.47 19.88
N GLU D 358 35.39 -14.70 19.40
CA GLU D 358 35.85 -15.06 18.07
C GLU D 358 35.08 -14.29 16.98
N GLN D 359 33.83 -13.95 17.23
CA GLN D 359 33.17 -13.14 16.24
C GLN D 359 33.56 -11.65 16.46
N ARG D 360 33.91 -11.30 17.70
CA ARG D 360 34.51 -9.98 17.94
C ARG D 360 35.82 -9.80 17.21
N VAL D 361 36.70 -10.81 17.17
CA VAL D 361 37.98 -10.58 16.50
C VAL D 361 37.81 -10.59 14.98
N ARG D 362 36.98 -11.50 14.49
CA ARG D 362 36.66 -11.54 13.06
C ARG D 362 36.11 -10.20 12.58
N LEU D 363 35.28 -9.58 13.39
CA LEU D 363 34.74 -8.29 13.06
C LEU D 363 35.83 -7.23 12.96
N ILE D 364 36.80 -7.30 13.86
CA ILE D 364 37.96 -6.39 13.82
C ILE D 364 38.84 -6.56 12.55
N GLU D 365 39.05 -7.80 12.11
CA GLU D 365 39.75 -8.02 10.82
C GLU D 365 39.02 -7.35 9.65
N LEU D 366 37.69 -7.40 9.70
CA LEU D 366 36.85 -6.88 8.66
C LEU D 366 36.78 -5.37 8.68
N GLY D 367 37.22 -4.74 9.77
CA GLY D 367 37.25 -3.28 9.84
C GLY D 367 36.07 -2.63 10.56
N CYS D 368 35.26 -3.42 11.28
CA CYS D 368 34.15 -2.85 12.05
C CYS D 368 34.66 -2.16 13.29
N SER D 369 33.90 -1.24 13.85
CA SER D 369 34.44 -0.47 14.95
C SER D 369 33.47 -0.40 16.09
N ILE D 370 32.19 -0.21 15.78
CA ILE D 370 31.18 -0.17 16.80
C ILE D 370 30.25 -1.37 16.75
N ALA D 371 29.82 -1.81 17.94
CA ALA D 371 29.00 -3.03 18.05
C ALA D 371 28.04 -3.03 19.24
N GLN D 372 27.01 -3.87 19.14
CA GLN D 372 26.12 -4.19 20.25
C GLN D 372 26.02 -5.69 20.29
N GLY D 373 25.65 -6.23 21.44
CA GLY D 373 25.57 -7.66 21.61
C GLY D 373 25.79 -8.13 23.03
N TYR D 374 25.36 -9.36 23.27
CA TYR D 374 25.41 -9.99 24.56
C TYR D 374 26.81 -10.08 25.16
N LEU D 375 27.81 -10.22 24.33
CA LEU D 375 29.19 -10.24 24.79
C LEU D 375 29.50 -8.99 25.64
N PHE D 376 28.99 -7.82 25.25
CA PHE D 376 29.14 -6.63 26.09
C PHE D 376 28.02 -6.48 27.13
N ALA D 377 26.79 -6.41 26.67
CA ALA D 377 25.72 -6.27 27.59
C ALA D 377 24.43 -6.36 26.85
N ARG D 378 23.51 -7.18 27.37
CA ARG D 378 22.17 -7.17 26.90
C ARG D 378 21.56 -5.87 27.36
N PRO D 379 20.38 -5.49 26.85
CA PRO D 379 19.65 -4.34 27.39
C PRO D 379 19.46 -4.35 28.94
N MET D 380 19.72 -3.22 29.59
CA MET D 380 19.62 -3.07 31.06
C MET D 380 18.70 -1.92 31.46
N PRO D 381 18.01 -2.01 32.63
CA PRO D 381 17.34 -0.84 33.26
C PRO D 381 18.35 0.18 33.71
N GLU D 382 17.90 1.43 33.90
CA GLU D 382 18.81 2.55 34.12
C GLU D 382 19.97 2.22 35.06
N GLN D 383 19.68 1.88 36.31
CA GLN D 383 20.74 1.70 37.30
C GLN D 383 21.78 0.61 36.91
N HIS D 384 21.32 -0.52 36.36
CA HIS D 384 22.24 -1.58 35.85
C HIS D 384 23.16 -0.99 34.79
N PHE D 385 22.56 -0.29 33.83
CA PHE D 385 23.28 0.44 32.80
C PHE D 385 24.29 1.43 33.38
N LEU D 386 23.88 2.27 34.35
CA LEU D 386 24.86 3.19 34.97
C LEU D 386 26.01 2.42 35.61
N ASP D 387 25.69 1.37 36.34
CA ASP D 387 26.72 0.58 36.95
C ASP D 387 27.59 -0.11 35.91
N TYR D 388 26.99 -0.55 34.79
CA TYR D 388 27.77 -1.06 33.67
C TYR D 388 28.78 0.01 33.18
N CYS D 389 28.30 1.25 33.07
CA CYS D 389 29.12 2.34 32.57
C CYS D 389 30.30 2.67 33.49
N SER D 390 30.04 2.88 34.77
CA SER D 390 31.07 3.08 35.80
C SER D 390 32.16 2.02 35.69
N GLY D 391 31.75 0.75 35.74
CA GLY D 391 32.67 -0.35 35.68
C GLY D 391 33.54 -0.24 34.46
N SER D 392 32.90 0.00 33.31
CA SER D 392 33.60 -0.02 32.05
C SER D 392 34.67 1.08 32.00
N LEU D 393 34.29 2.28 32.44
CA LEU D 393 35.19 3.40 32.56
C LEU D 393 36.39 3.04 33.46
N GLU D 394 36.09 2.43 34.61
CA GLU D 394 37.12 1.97 35.55
C GLU D 394 38.07 0.97 34.90
N HIS D 395 37.52 0.01 34.14
CA HIS D 395 38.32 -0.96 33.37
C HIS D 395 39.24 -0.29 32.34
N HIS D 396 38.68 0.65 31.59
CA HIS D 396 39.45 1.40 30.59
C HIS D 396 40.68 2.11 31.22
N HIS D 397 40.48 2.85 32.31
CA HIS D 397 41.55 3.55 33.06
C HIS D 397 42.61 2.63 33.72
N HIS D 398 42.70 1.37 33.25
CA HIS D 398 43.76 0.41 33.66
C HIS D 398 44.12 -0.58 32.53
MG MG E . -22.85 -20.91 -12.17
MG MG F . 24.99 -6.77 -19.74
MG MG G . -19.71 14.95 0.99
MG MG H . 17.45 0.14 16.76
N1 EPE I . 18.39 -5.76 19.81
C2 EPE I . 17.55 -6.36 18.72
C3 EPE I . 16.18 -5.73 18.57
N4 EPE I . 16.24 -4.27 18.56
C5 EPE I . 17.20 -3.56 19.42
C6 EPE I . 18.48 -4.29 19.83
C7 EPE I . 14.97 -3.58 18.40
C8 EPE I . 15.10 -2.09 18.20
O8 EPE I . 15.58 -1.99 16.87
C9 EPE I . 19.76 -6.12 19.47
C10 EPE I . 20.30 -7.01 20.56
S EPE I . 21.95 -7.58 20.08
O1S EPE I . 21.79 -8.65 19.11
O2S EPE I . 22.79 -6.50 19.60
O3S EPE I . 22.54 -8.14 21.28
#